data_2ODO
#
_entry.id   2ODO
#
_cell.length_a   186.739
_cell.length_b   186.739
_cell.length_c   103.657
_cell.angle_alpha   90.00
_cell.angle_beta   90.00
_cell.angle_gamma   90.00
#
_symmetry.space_group_name_H-M   'I 41'
#
loop_
_entity.id
_entity.type
_entity.pdbx_description
1 polymer 'Alanine racemase'
2 non-polymer 'ACETATE ION'
3 water water
#
_entity_poly.entity_id   1
_entity_poly.type   'polypeptide(L)'
_entity_poly.pdbx_seq_one_letter_code
;MRPARALIDLQALRHNYQLAREVTGAKALAVI(LLP)ADAYGHGAVRCAQALEAEADGFAVACIEEALELRAAGIRAPIL
LLEGFFEADELPLIVEHDFWCVVHSLWQLDAIEQARLAKPIHVWL(KCX)LDSGMHRVGLHPNDYKAAYQRLQASANVAK
IVLMSHFARADELDCTRSVEQVAVFLGARADLTAEISLRNSPAVLGWPRVPSDWVRPGLMLYGSSPFDEPQATASRLQPV
MTLESKVICVRELPAGEPVGYGARFITPKPMRIGVVAMGYADGYPRQAPTGTPVFVDGVRSQLLGRVSMDMLCIDLTDVP
QAGLGSTVELWGKNILASEVATAADTIPYQIFCNLKRVPRLYSGN
;
_entity_poly.pdbx_strand_id   A,B,C,D
#
# COMPACT_ATOMS: atom_id res chain seq x y z
N MET A 1 6.81 -25.98 -4.57
CA MET A 1 5.45 -25.45 -4.31
C MET A 1 4.60 -26.45 -3.53
N ARG A 2 3.44 -26.01 -3.06
CA ARG A 2 2.50 -26.89 -2.35
C ARG A 2 1.96 -27.96 -3.29
N PRO A 3 2.15 -29.25 -2.94
CA PRO A 3 1.83 -30.37 -3.83
C PRO A 3 0.34 -30.54 -4.16
N ALA A 4 -0.51 -29.82 -3.44
CA ALA A 4 -1.96 -29.89 -3.63
C ALA A 4 -2.38 -29.36 -5.00
N ARG A 5 -3.16 -30.18 -5.73
CA ARG A 5 -3.63 -29.83 -7.06
C ARG A 5 -4.95 -30.53 -7.38
N ALA A 6 -5.84 -29.81 -8.06
CA ALA A 6 -7.09 -30.37 -8.55
C ALA A 6 -7.01 -30.59 -10.06
N LEU A 7 -7.12 -31.84 -10.48
CA LEU A 7 -7.07 -32.19 -11.90
C LEU A 7 -8.48 -32.26 -12.48
N ILE A 8 -8.70 -31.59 -13.60
CA ILE A 8 -10.01 -31.53 -14.24
C ILE A 8 -9.99 -32.24 -15.60
N ASP A 9 -10.67 -33.37 -15.68
CA ASP A 9 -10.77 -34.14 -16.91
C ASP A 9 -11.88 -33.58 -17.80
N LEU A 10 -11.48 -32.78 -18.80
CA LEU A 10 -12.43 -32.11 -19.70
C LEU A 10 -13.08 -33.08 -20.67
N GLN A 11 -12.36 -34.15 -21.04
CA GLN A 11 -12.88 -35.17 -21.93
C GLN A 11 -14.03 -35.92 -21.29
N ALA A 12 -13.90 -36.18 -19.98
CA ALA A 12 -14.97 -36.79 -19.18
C ALA A 12 -16.17 -35.87 -19.07
N LEU A 13 -15.92 -34.56 -18.96
CA LEU A 13 -16.98 -33.55 -18.89
C LEU A 13 -17.82 -33.56 -20.17
N ARG A 14 -17.14 -33.65 -21.31
CA ARG A 14 -17.79 -33.73 -22.62
C ARG A 14 -18.61 -35.01 -22.74
N HIS A 15 -18.09 -36.10 -22.17
CA HIS A 15 -18.74 -37.40 -22.22
C HIS A 15 -20.03 -37.44 -21.40
N ASN A 16 -20.01 -36.80 -20.23
CA ASN A 16 -21.17 -36.75 -19.34
C ASN A 16 -22.28 -35.85 -19.87
N TYR A 17 -21.91 -34.80 -20.59
CA TYR A 17 -22.89 -33.91 -21.21
C TYR A 17 -23.62 -34.63 -22.36
N GLN A 18 -22.85 -35.32 -23.21
CA GLN A 18 -23.41 -36.11 -24.31
C GLN A 18 -24.38 -37.17 -23.81
N LEU A 19 -24.05 -37.76 -22.66
CA LEU A 19 -24.90 -38.76 -22.01
C LEU A 19 -26.30 -38.21 -21.69
N ALA A 20 -26.34 -36.98 -21.20
CA ALA A 20 -27.61 -36.31 -20.88
C ALA A 20 -28.48 -36.15 -22.13
N ARG A 21 -27.87 -35.78 -23.25
CA ARG A 21 -28.55 -35.66 -24.54
C ARG A 21 -28.99 -37.01 -25.09
N GLU A 22 -28.09 -37.99 -24.99
CA GLU A 22 -28.29 -39.33 -25.54
C GLU A 22 -29.45 -40.05 -24.88
N VAL A 23 -29.51 -39.97 -23.54
CA VAL A 23 -30.51 -40.69 -22.75
C VAL A 23 -31.88 -40.01 -22.79
N THR A 24 -31.90 -38.69 -22.96
CA THR A 24 -33.14 -37.93 -22.86
C THR A 24 -33.70 -37.54 -24.25
N GLY A 25 -32.81 -37.35 -25.22
CA GLY A 25 -33.20 -37.01 -26.59
C GLY A 25 -33.62 -35.57 -26.79
N ALA A 26 -33.27 -34.70 -25.84
CA ALA A 26 -33.68 -33.30 -25.86
C ALA A 26 -32.50 -32.35 -25.79
N LYS A 27 -32.80 -31.05 -25.82
CA LYS A 27 -31.78 -30.01 -25.64
C LYS A 27 -31.37 -29.94 -24.17
N ALA A 28 -30.10 -29.63 -23.93
CA ALA A 28 -29.55 -29.63 -22.58
C ALA A 28 -28.80 -28.34 -22.26
N LEU A 29 -29.24 -27.65 -21.22
CA LEU A 29 -28.51 -26.53 -20.66
C LEU A 29 -27.54 -27.07 -19.62
N ALA A 30 -26.24 -26.89 -19.86
CA ALA A 30 -25.23 -27.27 -18.89
C ALA A 30 -25.27 -26.30 -17.71
N VAL A 31 -25.72 -26.79 -16.56
CA VAL A 31 -25.82 -25.96 -15.35
C VAL A 31 -24.43 -25.79 -14.73
N ILE A 32 -23.90 -24.58 -14.83
CA ILE A 32 -22.53 -24.29 -14.39
C ILE A 32 -22.47 -23.14 -13.38
N ALA A 34 -22.22 -21.38 -9.53
CA ALA A 34 -21.21 -21.56 -8.49
C ALA A 34 -19.86 -22.02 -9.04
N ASP A 35 -19.37 -21.30 -10.03
CA ASP A 35 -18.11 -21.60 -10.72
C ASP A 35 -18.06 -23.05 -11.20
N ALA A 36 -19.12 -23.45 -11.91
CA ALA A 36 -19.32 -24.83 -12.39
C ALA A 36 -19.08 -25.88 -11.29
N TYR A 37 -19.75 -25.68 -10.15
CA TYR A 37 -19.62 -26.55 -8.98
C TYR A 37 -18.14 -26.68 -8.58
N GLY A 38 -17.43 -25.57 -8.59
CA GLY A 38 -16.02 -25.53 -8.19
C GLY A 38 -15.03 -26.07 -9.20
N HIS A 39 -15.51 -26.43 -10.39
CA HIS A 39 -14.65 -26.98 -11.45
C HIS A 39 -14.06 -25.89 -12.35
N GLY A 40 -14.67 -24.71 -12.32
CA GLY A 40 -14.24 -23.59 -13.15
C GLY A 40 -15.18 -23.36 -14.31
N ALA A 41 -16.10 -22.41 -14.13
CA ALA A 41 -17.13 -22.12 -15.13
C ALA A 41 -16.56 -21.73 -16.50
N VAL A 42 -15.56 -20.85 -16.49
CA VAL A 42 -14.96 -20.34 -17.73
C VAL A 42 -14.36 -21.46 -18.59
N ARG A 43 -13.47 -22.27 -18.00
CA ARG A 43 -12.81 -23.36 -18.72
C ARG A 43 -13.76 -24.48 -19.13
N CYS A 44 -14.77 -24.74 -18.29
CA CYS A 44 -15.78 -25.76 -18.58
C CYS A 44 -16.71 -25.34 -19.72
N ALA A 45 -17.06 -24.05 -19.75
CA ALA A 45 -17.93 -23.52 -20.79
C ALA A 45 -17.25 -23.49 -22.15
N GLN A 46 -15.96 -23.17 -22.16
CA GLN A 46 -15.15 -23.18 -23.38
C GLN A 46 -15.04 -24.58 -23.97
N ALA A 47 -14.99 -25.58 -23.10
CA ALA A 47 -14.85 -26.98 -23.49
C ALA A 47 -16.13 -27.54 -24.11
N LEU A 48 -17.26 -26.95 -23.75
CA LEU A 48 -18.57 -27.48 -24.15
C LEU A 48 -19.28 -26.65 -25.23
N GLU A 49 -18.90 -25.38 -25.35
CA GLU A 49 -19.62 -24.42 -26.20
C GLU A 49 -19.87 -24.89 -27.64
N ALA A 50 -18.88 -25.57 -28.23
CA ALA A 50 -18.97 -26.03 -29.61
C ALA A 50 -20.14 -26.98 -29.86
N GLU A 51 -20.48 -27.79 -28.86
CA GLU A 51 -21.48 -28.83 -29.00
C GLU A 51 -22.62 -28.75 -27.97
N ALA A 52 -22.72 -27.62 -27.26
CA ALA A 52 -23.74 -27.46 -26.22
C ALA A 52 -24.87 -26.54 -26.67
N ASP A 53 -26.07 -26.80 -26.14
CA ASP A 53 -27.25 -26.01 -26.47
C ASP A 53 -27.24 -24.68 -25.73
N GLY A 54 -26.63 -24.67 -24.56
CA GLY A 54 -26.54 -23.46 -23.74
C GLY A 54 -26.06 -23.75 -22.34
N PHE A 55 -26.08 -22.71 -21.49
CA PHE A 55 -25.64 -22.82 -20.11
C PHE A 55 -26.64 -22.20 -19.14
N ALA A 56 -26.51 -22.55 -17.86
CA ALA A 56 -27.36 -22.01 -16.81
C ALA A 56 -26.53 -21.64 -15.57
N VAL A 57 -26.74 -20.42 -15.07
CA VAL A 57 -26.03 -19.91 -13.90
C VAL A 57 -26.99 -19.34 -12.86
N ALA A 58 -26.46 -18.99 -11.68
CA ALA A 58 -27.26 -18.52 -10.56
C ALA A 58 -27.59 -17.03 -10.60
N CYS A 59 -26.66 -16.22 -11.10
CA CYS A 59 -26.80 -14.77 -11.10
C CYS A 59 -26.14 -14.10 -12.31
N ILE A 60 -26.45 -12.83 -12.51
CA ILE A 60 -25.94 -12.07 -13.65
C ILE A 60 -24.41 -11.92 -13.69
N GLU A 61 -23.79 -11.79 -12.51
CA GLU A 61 -22.34 -11.63 -12.42
C GLU A 61 -21.58 -12.88 -12.88
N GLU A 62 -22.18 -14.05 -12.71
CA GLU A 62 -21.64 -15.30 -13.23
C GLU A 62 -21.76 -15.35 -14.76
N ALA A 63 -22.88 -14.83 -15.26
CA ALA A 63 -23.15 -14.78 -16.69
C ALA A 63 -22.26 -13.76 -17.42
N LEU A 64 -22.02 -12.62 -16.77
CA LEU A 64 -21.14 -11.58 -17.31
C LEU A 64 -19.70 -12.08 -17.42
N GLU A 65 -19.30 -12.92 -16.47
CA GLU A 65 -17.96 -13.53 -16.45
C GLU A 65 -17.72 -14.41 -17.68
N LEU A 66 -18.79 -15.03 -18.18
CA LEU A 66 -18.71 -15.91 -19.35
C LEU A 66 -18.61 -15.10 -20.65
N ARG A 67 -19.39 -14.03 -20.75
CA ARG A 67 -19.33 -13.15 -21.91
C ARG A 67 -17.96 -12.49 -22.06
N ALA A 68 -17.40 -12.05 -20.93
CA ALA A 68 -16.05 -11.46 -20.89
C ALA A 68 -14.98 -12.46 -21.31
N ALA A 69 -15.30 -13.74 -21.23
CA ALA A 69 -14.39 -14.81 -21.65
C ALA A 69 -14.71 -15.31 -23.06
N GLY A 70 -15.62 -14.62 -23.74
CA GLY A 70 -15.94 -14.91 -25.14
C GLY A 70 -16.89 -16.07 -25.39
N ILE A 71 -17.73 -16.37 -24.40
CA ILE A 71 -18.78 -17.36 -24.56
C ILE A 71 -20.02 -16.67 -25.08
N ARG A 72 -20.44 -17.03 -26.30
CA ARG A 72 -21.63 -16.44 -26.90
C ARG A 72 -22.82 -17.40 -27.07
N ALA A 73 -22.72 -18.56 -26.44
CA ALA A 73 -23.85 -19.51 -26.37
C ALA A 73 -24.95 -18.93 -25.48
N PRO A 74 -26.20 -19.44 -25.63
CA PRO A 74 -27.29 -18.99 -24.75
C PRO A 74 -27.00 -19.24 -23.27
N ILE A 75 -27.25 -18.25 -22.43
CA ILE A 75 -27.06 -18.38 -20.98
C ILE A 75 -28.36 -18.03 -20.24
N LEU A 76 -28.81 -18.96 -19.40
CA LEU A 76 -30.02 -18.76 -18.60
C LEU A 76 -29.68 -18.36 -17.16
N LEU A 77 -30.35 -17.30 -16.69
CA LEU A 77 -30.25 -16.87 -15.30
C LEU A 77 -31.32 -17.61 -14.51
N LEU A 78 -30.91 -18.65 -13.79
CA LEU A 78 -31.82 -19.56 -13.09
C LEU A 78 -32.72 -18.89 -12.04
N GLU A 79 -32.24 -17.79 -11.47
CA GLU A 79 -33.00 -17.03 -10.49
C GLU A 79 -33.51 -15.71 -11.06
N GLY A 80 -33.10 -15.40 -12.29
CA GLY A 80 -33.46 -14.15 -12.94
C GLY A 80 -32.74 -12.96 -12.35
N PHE A 81 -33.29 -11.78 -12.57
CA PHE A 81 -32.72 -10.55 -12.03
C PHE A 81 -33.12 -10.34 -10.57
N PHE A 82 -32.21 -9.76 -9.79
CA PHE A 82 -32.48 -9.44 -8.39
C PHE A 82 -32.91 -7.98 -8.25
N GLU A 83 -32.33 -7.12 -9.09
CA GLU A 83 -32.69 -5.71 -9.15
C GLU A 83 -33.20 -5.36 -10.54
N ALA A 84 -34.17 -4.45 -10.60
CA ALA A 84 -34.84 -4.06 -11.84
C ALA A 84 -33.91 -3.47 -12.91
N ASP A 85 -32.86 -2.77 -12.48
CA ASP A 85 -31.92 -2.15 -13.41
C ASP A 85 -30.84 -3.11 -13.91
N GLU A 86 -31.07 -4.42 -13.72
CA GLU A 86 -30.25 -5.45 -14.34
C GLU A 86 -30.71 -5.71 -15.78
N LEU A 87 -31.98 -5.40 -16.05
CA LEU A 87 -32.62 -5.68 -17.34
C LEU A 87 -31.89 -5.12 -18.58
N PRO A 88 -31.49 -3.83 -18.56
CA PRO A 88 -30.72 -3.32 -19.69
C PRO A 88 -29.46 -4.14 -20.01
N LEU A 89 -28.80 -4.67 -18.99
CA LEU A 89 -27.64 -5.54 -19.17
C LEU A 89 -28.03 -6.91 -19.73
N ILE A 90 -29.21 -7.39 -19.33
CA ILE A 90 -29.76 -8.65 -19.85
C ILE A 90 -30.03 -8.54 -21.35
N VAL A 91 -30.59 -7.42 -21.78
CA VAL A 91 -30.86 -7.15 -23.20
C VAL A 91 -29.55 -7.00 -23.98
N GLU A 92 -28.64 -6.20 -23.45
CA GLU A 92 -27.33 -5.96 -24.05
C GLU A 92 -26.58 -7.27 -24.33
N HIS A 93 -26.58 -8.17 -23.35
CA HIS A 93 -25.82 -9.41 -23.44
C HIS A 93 -26.67 -10.64 -23.83
N ASP A 94 -27.93 -10.39 -24.16
CA ASP A 94 -28.87 -11.43 -24.61
C ASP A 94 -28.91 -12.64 -23.65
N PHE A 95 -29.22 -12.37 -22.38
CA PHE A 95 -29.37 -13.43 -21.39
C PHE A 95 -30.82 -13.91 -21.32
N TRP A 96 -30.99 -15.21 -21.16
CA TRP A 96 -32.31 -15.78 -20.93
C TRP A 96 -32.65 -15.65 -19.44
N CYS A 97 -33.87 -15.22 -19.17
CA CYS A 97 -34.25 -14.80 -17.82
C CYS A 97 -35.38 -15.65 -17.24
N VAL A 98 -35.24 -16.02 -15.97
CA VAL A 98 -36.28 -16.77 -15.24
C VAL A 98 -37.15 -15.82 -14.42
N VAL A 99 -38.47 -16.01 -14.51
CA VAL A 99 -39.41 -15.27 -13.67
C VAL A 99 -40.07 -16.25 -12.70
N HIS A 100 -39.78 -16.06 -11.41
CA HIS A 100 -40.27 -16.96 -10.37
C HIS A 100 -41.25 -16.29 -9.41
N SER A 101 -41.43 -14.98 -9.55
CA SER A 101 -42.33 -14.22 -8.69
C SER A 101 -43.01 -13.08 -9.43
N LEU A 102 -44.22 -12.72 -8.98
CA LEU A 102 -45.03 -11.68 -9.62
C LEU A 102 -44.38 -10.29 -9.63
N TRP A 103 -43.48 -10.03 -8.68
CA TRP A 103 -42.77 -8.75 -8.63
C TRP A 103 -41.78 -8.60 -9.80
N GLN A 104 -41.21 -9.72 -10.23
CA GLN A 104 -40.32 -9.76 -11.39
C GLN A 104 -41.10 -9.53 -12.69
N LEU A 105 -42.34 -9.99 -12.70
CA LEU A 105 -43.25 -9.79 -13.83
C LEU A 105 -43.62 -8.31 -13.98
N ASP A 106 -43.86 -7.64 -12.86
CA ASP A 106 -44.19 -6.22 -12.83
C ASP A 106 -43.06 -5.36 -13.38
N ALA A 107 -41.82 -5.71 -13.03
CA ALA A 107 -40.64 -4.97 -13.46
C ALA A 107 -40.44 -5.01 -14.98
N ILE A 108 -40.67 -6.17 -15.57
CA ILE A 108 -40.55 -6.35 -17.02
C ILE A 108 -41.69 -5.63 -17.75
N GLU A 109 -42.89 -5.74 -17.21
CA GLU A 109 -44.09 -5.15 -17.80
C GLU A 109 -44.03 -3.62 -17.85
N GLN A 110 -43.32 -3.03 -16.89
CA GLN A 110 -43.25 -1.57 -16.76
C GLN A 110 -42.07 -0.95 -17.50
N ALA A 111 -40.94 -1.66 -17.54
CA ALA A 111 -39.73 -1.17 -18.19
C ALA A 111 -39.85 -1.15 -19.71
N ARG A 112 -39.04 -0.31 -20.35
CA ARG A 112 -38.97 -0.24 -21.82
C ARG A 112 -37.60 -0.70 -22.33
N LEU A 113 -37.61 -1.86 -23.00
CA LEU A 113 -36.40 -2.54 -23.43
C LEU A 113 -36.12 -2.32 -24.91
N ALA A 114 -34.84 -2.23 -25.25
CA ALA A 114 -34.40 -2.05 -26.64
C ALA A 114 -34.75 -3.26 -27.52
N LYS A 115 -34.60 -4.46 -26.96
CA LYS A 115 -34.93 -5.70 -27.64
C LYS A 115 -35.70 -6.63 -26.70
N PRO A 116 -36.59 -7.48 -27.25
CA PRO A 116 -37.35 -8.43 -26.42
C PRO A 116 -36.47 -9.56 -25.86
N ILE A 117 -36.85 -10.05 -24.67
CA ILE A 117 -36.07 -11.07 -23.97
C ILE A 117 -36.85 -12.38 -23.74
N HIS A 118 -36.12 -13.49 -23.70
CA HIS A 118 -36.70 -14.80 -23.42
C HIS A 118 -37.02 -14.93 -21.93
N VAL A 119 -38.24 -15.39 -21.64
CA VAL A 119 -38.67 -15.59 -20.26
C VAL A 119 -38.96 -17.06 -19.99
N TRP A 120 -38.29 -17.61 -18.98
CA TRP A 120 -38.54 -18.97 -18.52
C TRP A 120 -39.38 -18.91 -17.24
N LEU A 121 -40.69 -18.96 -17.41
CA LEU A 121 -41.64 -18.78 -16.32
C LEU A 121 -41.67 -19.99 -15.39
N LEU A 123 -42.74 -22.37 -12.27
CA LEU A 123 -43.86 -22.79 -11.44
C LEU A 123 -43.35 -23.46 -10.18
N ASP A 124 -43.98 -23.14 -9.06
CA ASP A 124 -43.79 -23.90 -7.83
C ASP A 124 -44.80 -25.06 -7.84
N SER A 125 -44.29 -26.27 -8.07
CA SER A 125 -45.13 -27.45 -8.22
C SER A 125 -45.08 -28.40 -7.02
N GLY A 126 -44.47 -27.94 -5.92
CA GLY A 126 -44.44 -28.73 -4.70
C GLY A 126 -43.21 -28.60 -3.83
N MET A 127 -42.14 -28.04 -4.38
CA MET A 127 -40.88 -27.86 -3.64
C MET A 127 -40.96 -26.68 -2.66
N HIS A 128 -41.68 -25.64 -3.07
CA HIS A 128 -41.88 -24.41 -2.28
C HIS A 128 -40.61 -23.59 -2.05
N ARG A 129 -39.69 -23.64 -3.00
CA ARG A 129 -38.54 -22.74 -3.01
C ARG A 129 -38.99 -21.46 -3.70
N VAL A 130 -38.58 -21.27 -4.97
CA VAL A 130 -39.07 -20.15 -5.77
C VAL A 130 -39.99 -20.65 -6.89
N GLY A 131 -40.90 -19.79 -7.34
CA GLY A 131 -41.88 -20.16 -8.36
C GLY A 131 -43.26 -19.64 -8.03
N LEU A 132 -44.10 -19.54 -9.06
CA LEU A 132 -45.45 -19.02 -8.91
C LEU A 132 -46.42 -20.07 -8.39
N HIS A 133 -47.53 -19.61 -7.82
CA HIS A 133 -48.63 -20.49 -7.43
C HIS A 133 -49.38 -20.89 -8.70
N PRO A 134 -49.78 -22.18 -8.81
CA PRO A 134 -50.53 -22.68 -9.98
C PRO A 134 -51.68 -21.78 -10.42
N ASN A 135 -52.36 -21.14 -9.47
CA ASN A 135 -53.49 -20.24 -9.75
C ASN A 135 -53.09 -18.98 -10.54
N ASP A 136 -51.83 -18.56 -10.41
CA ASP A 136 -51.35 -17.35 -11.06
C ASP A 136 -50.63 -17.63 -12.37
N TYR A 137 -50.32 -18.91 -12.61
CA TYR A 137 -49.48 -19.33 -13.74
C TYR A 137 -50.04 -18.95 -15.11
N LYS A 138 -51.32 -19.22 -15.34
CA LYS A 138 -51.98 -18.89 -16.61
C LYS A 138 -52.06 -17.38 -16.82
N ALA A 139 -52.46 -16.67 -15.77
CA ALA A 139 -52.59 -15.22 -15.80
C ALA A 139 -51.25 -14.53 -16.06
N ALA A 140 -50.19 -15.06 -15.46
CA ALA A 140 -48.84 -14.54 -15.64
C ALA A 140 -48.32 -14.77 -17.05
N TYR A 141 -48.72 -15.89 -17.64
CA TYR A 141 -48.35 -16.23 -19.02
C TYR A 141 -48.96 -15.25 -20.01
N GLN A 142 -50.26 -14.97 -19.83
CA GLN A 142 -51.01 -14.08 -20.72
C GLN A 142 -50.53 -12.63 -20.65
N ARG A 143 -50.01 -12.23 -19.49
CA ARG A 143 -49.44 -10.90 -19.30
C ARG A 143 -48.09 -10.77 -20.00
N LEU A 144 -47.28 -11.82 -19.93
CA LEU A 144 -45.98 -11.86 -20.60
C LEU A 144 -46.14 -11.93 -22.13
N GLN A 145 -47.16 -12.68 -22.57
CA GLN A 145 -47.42 -12.87 -24.00
C GLN A 145 -47.84 -11.56 -24.67
N ALA A 146 -48.59 -10.73 -23.95
CA ALA A 146 -49.10 -9.47 -24.47
C ALA A 146 -48.28 -8.28 -23.98
N SER A 147 -46.98 -8.49 -23.79
CA SER A 147 -46.09 -7.45 -23.25
C SER A 147 -45.33 -6.68 -24.31
N ALA A 148 -44.88 -7.38 -25.36
CA ALA A 148 -44.01 -6.81 -26.39
C ALA A 148 -42.57 -6.58 -25.90
N ASN A 149 -42.31 -6.99 -24.66
CA ASN A 149 -40.95 -7.04 -24.11
C ASN A 149 -40.43 -8.47 -24.02
N VAL A 150 -41.31 -9.43 -24.34
CA VAL A 150 -40.98 -10.84 -24.31
C VAL A 150 -41.11 -11.42 -25.71
N ALA A 151 -40.07 -12.15 -26.15
CA ALA A 151 -40.07 -12.77 -27.47
C ALA A 151 -40.50 -14.23 -27.41
N LYS A 152 -40.08 -14.94 -26.35
CA LYS A 152 -40.35 -16.36 -26.20
C LYS A 152 -40.60 -16.71 -24.75
N ILE A 153 -41.53 -17.63 -24.51
CA ILE A 153 -41.84 -18.10 -23.17
C ILE A 153 -41.63 -19.61 -23.05
N VAL A 154 -40.81 -20.00 -22.07
CA VAL A 154 -40.58 -21.41 -21.76
C VAL A 154 -41.14 -21.70 -20.37
N LEU A 155 -41.92 -22.77 -20.25
CA LEU A 155 -42.51 -23.15 -18.97
C LEU A 155 -41.57 -24.09 -18.23
N MET A 156 -41.23 -23.73 -16.99
CA MET A 156 -40.31 -24.55 -16.20
C MET A 156 -40.75 -24.77 -14.76
N SER A 157 -40.22 -25.83 -14.16
CA SER A 157 -40.41 -26.12 -12.74
C SER A 157 -39.23 -26.98 -12.27
N HIS A 158 -39.20 -27.31 -10.98
CA HIS A 158 -38.08 -28.05 -10.41
C HIS A 158 -38.56 -29.10 -9.41
N PHE A 159 -37.84 -30.21 -9.34
CA PHE A 159 -38.21 -31.31 -8.45
C PHE A 159 -37.56 -31.19 -7.08
N ALA A 160 -38.33 -31.55 -6.05
CA ALA A 160 -37.87 -31.51 -4.67
C ALA A 160 -37.17 -32.80 -4.28
N ARG A 161 -37.69 -33.93 -4.76
CA ARG A 161 -37.23 -35.26 -4.34
C ARG A 161 -37.05 -36.21 -5.53
N ALA A 162 -36.33 -35.77 -6.55
CA ALA A 162 -36.10 -36.60 -7.74
C ALA A 162 -34.96 -37.60 -7.53
N ASP A 163 -34.15 -37.37 -6.50
CA ASP A 163 -33.05 -38.28 -6.16
C ASP A 163 -33.54 -39.51 -5.39
N GLU A 164 -34.77 -39.46 -4.91
CA GLU A 164 -35.41 -40.60 -4.25
C GLU A 164 -36.29 -41.33 -5.26
N LEU A 165 -35.84 -42.50 -5.69
CA LEU A 165 -36.52 -43.27 -6.74
C LEU A 165 -37.78 -43.99 -6.25
N ASP A 166 -37.82 -44.32 -4.96
CA ASP A 166 -39.00 -44.92 -4.33
C ASP A 166 -40.13 -43.91 -4.16
N CYS A 167 -39.77 -42.65 -3.97
CA CYS A 167 -40.75 -41.59 -3.70
C CYS A 167 -41.52 -41.19 -4.96
N THR A 168 -42.82 -40.98 -4.79
CA THR A 168 -43.70 -40.65 -5.93
C THR A 168 -43.99 -39.15 -6.04
N ARG A 169 -43.30 -38.34 -5.24
CA ARG A 169 -43.46 -36.88 -5.24
C ARG A 169 -43.18 -36.26 -6.61
N SER A 170 -42.20 -36.84 -7.32
CA SER A 170 -41.85 -36.39 -8.67
C SER A 170 -43.04 -36.49 -9.62
N VAL A 171 -43.77 -37.61 -9.53
CA VAL A 171 -44.99 -37.82 -10.31
C VAL A 171 -46.07 -36.82 -9.93
N GLU A 172 -46.19 -36.54 -8.64
CA GLU A 172 -47.16 -35.56 -8.12
C GLU A 172 -46.88 -34.15 -8.66
N GLN A 173 -45.60 -33.77 -8.71
CA GLN A 173 -45.19 -32.46 -9.23
C GLN A 173 -45.46 -32.31 -10.72
N VAL A 174 -45.25 -33.39 -11.47
CA VAL A 174 -45.55 -33.43 -12.90
C VAL A 174 -47.05 -33.20 -13.15
N ALA A 175 -47.88 -33.90 -12.37
CA ALA A 175 -49.34 -33.75 -12.44
C ALA A 175 -49.79 -32.32 -12.14
N VAL A 176 -49.14 -31.70 -11.16
CA VAL A 176 -49.41 -30.30 -10.80
C VAL A 176 -49.00 -29.36 -11.93
N PHE A 177 -47.83 -29.61 -12.51
CA PHE A 177 -47.30 -28.79 -13.61
C PHE A 177 -48.16 -28.90 -14.86
N LEU A 178 -48.44 -30.13 -15.29
CA LEU A 178 -49.27 -30.40 -16.47
C LEU A 178 -50.66 -29.79 -16.35
N GLY A 179 -51.26 -29.93 -15.17
CA GLY A 179 -52.58 -29.36 -14.89
C GLY A 179 -52.59 -27.83 -14.91
N ALA A 180 -51.50 -27.23 -14.47
CA ALA A 180 -51.39 -25.77 -14.41
C ALA A 180 -51.09 -25.14 -15.77
N ARG A 181 -50.47 -25.91 -16.65
CA ARG A 181 -50.06 -25.40 -17.96
C ARG A 181 -50.98 -25.82 -19.10
N ALA A 182 -51.69 -26.94 -18.93
CA ALA A 182 -52.53 -27.51 -19.99
C ALA A 182 -53.41 -26.45 -20.65
N ASP A 183 -53.41 -26.47 -21.98
CA ASP A 183 -54.07 -25.46 -22.82
C ASP A 183 -53.05 -24.54 -23.48
N LEU A 184 -52.00 -24.18 -22.73
CA LEU A 184 -50.98 -23.24 -23.21
C LEU A 184 -49.92 -23.94 -24.08
N THR A 185 -49.61 -23.32 -25.22
CA THR A 185 -48.65 -23.86 -26.16
C THR A 185 -47.26 -23.21 -26.03
N ALA A 186 -46.31 -23.96 -25.46
CA ALA A 186 -44.93 -23.52 -25.25
C ALA A 186 -44.02 -24.69 -24.88
N GLU A 187 -42.71 -24.49 -25.06
CA GLU A 187 -41.70 -25.48 -24.68
C GLU A 187 -41.62 -25.60 -23.16
N ILE A 188 -41.28 -26.80 -22.68
CA ILE A 188 -41.24 -27.08 -21.24
C ILE A 188 -39.89 -27.61 -20.76
N SER A 189 -39.56 -27.32 -19.49
CA SER A 189 -38.30 -27.75 -18.88
C SER A 189 -38.50 -28.16 -17.42
N LEU A 190 -38.18 -29.41 -17.10
CA LEU A 190 -38.43 -29.94 -15.75
C LEU A 190 -37.25 -30.71 -15.14
N ARG A 191 -36.43 -31.32 -16.00
CA ARG A 191 -35.49 -32.34 -15.54
C ARG A 191 -34.10 -31.84 -15.13
N ASN A 192 -33.69 -32.21 -13.92
CA ASN A 192 -32.31 -32.03 -13.44
C ASN A 192 -31.57 -33.37 -13.49
N SER A 193 -30.35 -33.41 -12.97
CA SER A 193 -29.53 -34.63 -12.99
C SER A 193 -30.28 -35.92 -12.61
N PRO A 194 -30.92 -35.95 -11.42
CA PRO A 194 -31.66 -37.16 -11.03
C PRO A 194 -32.82 -37.50 -11.96
N ALA A 195 -33.53 -36.49 -12.43
CA ALA A 195 -34.67 -36.70 -13.32
C ALA A 195 -34.26 -37.13 -14.73
N VAL A 196 -33.08 -36.70 -15.16
CA VAL A 196 -32.51 -37.11 -16.45
C VAL A 196 -32.11 -38.59 -16.41
N LEU A 197 -31.49 -39.00 -15.30
CA LEU A 197 -30.91 -40.33 -15.17
C LEU A 197 -31.91 -41.43 -14.83
N GLY A 198 -32.90 -41.11 -13.98
CA GLY A 198 -33.79 -42.13 -13.44
C GLY A 198 -35.28 -41.95 -13.65
N TRP A 199 -35.67 -40.89 -14.35
CA TRP A 199 -37.10 -40.63 -14.60
C TRP A 199 -37.39 -40.44 -16.09
N PRO A 200 -37.39 -41.56 -16.85
CA PRO A 200 -37.47 -41.50 -18.32
C PRO A 200 -38.83 -41.08 -18.89
N ARG A 201 -39.88 -41.15 -18.06
CA ARG A 201 -41.23 -40.81 -18.52
C ARG A 201 -41.62 -39.35 -18.32
N VAL A 202 -40.75 -38.57 -17.69
CA VAL A 202 -41.00 -37.15 -17.43
C VAL A 202 -40.67 -36.29 -18.67
N PRO A 203 -41.66 -35.52 -19.17
CA PRO A 203 -41.47 -34.73 -20.38
C PRO A 203 -40.58 -33.50 -20.17
N SER A 204 -39.71 -33.23 -21.14
CA SER A 204 -38.84 -32.05 -21.13
C SER A 204 -38.29 -31.76 -22.52
N ASP A 205 -38.55 -30.55 -23.01
CA ASP A 205 -37.94 -30.08 -24.25
C ASP A 205 -36.50 -29.64 -23.96
N TRP A 206 -36.32 -29.07 -22.77
CA TRP A 206 -35.01 -28.68 -22.26
C TRP A 206 -34.73 -29.40 -20.94
N VAL A 207 -33.57 -30.04 -20.84
CA VAL A 207 -33.12 -30.61 -19.57
C VAL A 207 -32.01 -29.75 -18.97
N ARG A 208 -31.90 -29.76 -17.64
CA ARG A 208 -30.91 -28.93 -16.94
C ARG A 208 -30.00 -29.77 -16.04
N PRO A 209 -29.05 -30.52 -16.65
CA PRO A 209 -28.15 -31.32 -15.82
C PRO A 209 -27.02 -30.49 -15.20
N GLY A 210 -26.87 -30.63 -13.88
CA GLY A 210 -25.75 -30.02 -13.16
C GLY A 210 -24.75 -31.06 -12.72
N LEU A 211 -25.02 -31.68 -11.57
CA LEU A 211 -24.11 -32.68 -10.97
C LEU A 211 -23.65 -33.76 -11.94
N MET A 212 -24.56 -34.19 -12.82
CA MET A 212 -24.27 -35.15 -13.89
C MET A 212 -22.95 -34.90 -14.59
N LEU A 213 -22.78 -33.67 -15.08
CA LEU A 213 -21.63 -33.28 -15.90
C LEU A 213 -20.30 -33.52 -15.19
N TYR A 214 -20.34 -33.46 -13.86
CA TYR A 214 -19.12 -33.55 -13.05
C TYR A 214 -18.85 -34.98 -12.59
N GLY A 215 -19.62 -35.92 -13.11
CA GLY A 215 -19.33 -37.34 -12.97
C GLY A 215 -19.74 -37.98 -11.66
N SER A 216 -20.63 -37.31 -10.92
CA SER A 216 -21.08 -37.81 -9.62
C SER A 216 -22.55 -38.20 -9.67
N SER A 217 -22.87 -39.32 -9.02
CA SER A 217 -24.24 -39.84 -8.96
C SER A 217 -25.05 -39.18 -7.85
N PRO A 218 -26.30 -38.77 -8.16
CA PRO A 218 -27.16 -38.10 -7.17
C PRO A 218 -27.98 -39.07 -6.30
N PHE A 219 -27.75 -40.37 -6.46
CA PHE A 219 -28.54 -41.37 -5.73
C PHE A 219 -27.72 -42.03 -4.62
N ASP A 220 -28.41 -42.49 -3.58
CA ASP A 220 -27.82 -43.34 -2.55
C ASP A 220 -27.57 -44.74 -3.08
N GLU A 221 -28.52 -45.20 -3.89
CA GLU A 221 -28.50 -46.55 -4.46
C GLU A 221 -27.75 -46.60 -5.80
N PRO A 222 -27.37 -47.81 -6.25
CA PRO A 222 -26.78 -47.95 -7.58
C PRO A 222 -27.82 -47.78 -8.68
N GLN A 223 -27.41 -47.15 -9.78
CA GLN A 223 -28.29 -46.88 -10.91
C GLN A 223 -27.56 -47.22 -12.19
N ALA A 224 -28.22 -47.99 -13.06
CA ALA A 224 -27.64 -48.45 -14.32
C ALA A 224 -27.13 -47.31 -15.20
N THR A 225 -27.93 -46.27 -15.34
CA THR A 225 -27.59 -45.12 -16.18
C THR A 225 -26.51 -44.25 -15.54
N ALA A 226 -26.59 -44.07 -14.22
CA ALA A 226 -25.63 -43.26 -13.47
C ALA A 226 -24.27 -43.95 -13.32
N SER A 227 -24.21 -45.24 -13.61
CA SER A 227 -22.96 -46.01 -13.58
C SER A 227 -22.07 -45.68 -14.76
N ARG A 228 -22.65 -45.07 -15.79
CA ARG A 228 -21.94 -44.69 -17.01
C ARG A 228 -21.20 -43.35 -16.89
N LEU A 229 -21.40 -42.66 -15.77
CA LEU A 229 -20.80 -41.35 -15.53
C LEU A 229 -19.29 -41.44 -15.28
N GLN A 230 -18.55 -40.46 -15.78
CA GLN A 230 -17.10 -40.40 -15.60
C GLN A 230 -16.68 -39.23 -14.72
N PRO A 231 -16.07 -39.51 -13.55
CA PRO A 231 -15.64 -38.47 -12.62
C PRO A 231 -14.69 -37.47 -13.26
N VAL A 232 -14.99 -36.18 -13.09
CA VAL A 232 -14.23 -35.11 -13.73
C VAL A 232 -13.07 -34.62 -12.87
N MET A 233 -13.35 -34.29 -11.61
CA MET A 233 -12.33 -33.75 -10.71
C MET A 233 -11.56 -34.83 -9.97
N THR A 234 -10.24 -34.70 -9.97
CA THR A 234 -9.36 -35.53 -9.14
C THR A 234 -8.58 -34.63 -8.19
N LEU A 235 -8.98 -34.64 -6.92
CA LEU A 235 -8.29 -33.86 -5.89
C LEU A 235 -7.18 -34.70 -5.27
N GLU A 236 -5.94 -34.24 -5.42
CA GLU A 236 -4.79 -34.96 -4.89
C GLU A 236 -3.72 -34.06 -4.26
N SER A 237 -2.94 -34.66 -3.35
CA SER A 237 -1.82 -33.98 -2.69
C SER A 237 -0.78 -35.02 -2.28
N LYS A 238 0.20 -34.60 -1.47
CA LYS A 238 1.30 -35.49 -1.08
C LYS A 238 1.54 -35.54 0.43
N VAL A 239 2.19 -36.61 0.87
CA VAL A 239 2.61 -36.76 2.26
C VAL A 239 3.86 -35.91 2.50
N ILE A 240 3.77 -35.00 3.47
CA ILE A 240 4.85 -34.07 3.77
C ILE A 240 5.54 -34.39 5.11
N CYS A 241 4.98 -35.35 5.84
CA CYS A 241 5.49 -35.72 7.16
C CYS A 241 5.08 -37.14 7.52
N VAL A 242 6.04 -37.93 7.99
CA VAL A 242 5.79 -39.31 8.41
C VAL A 242 6.24 -39.49 9.87
N ARG A 243 5.38 -40.10 10.67
CA ARG A 243 5.64 -40.30 12.10
C ARG A 243 5.20 -41.68 12.57
N GLU A 244 6.01 -42.31 13.42
CA GLU A 244 5.65 -43.58 14.03
C GLU A 244 5.23 -43.38 15.47
N LEU A 245 4.04 -43.88 15.82
CA LEU A 245 3.47 -43.70 17.14
C LEU A 245 3.14 -45.03 17.80
N PRO A 246 3.40 -45.14 19.12
CA PRO A 246 2.93 -46.30 19.89
C PRO A 246 1.42 -46.22 20.16
N ALA A 247 0.88 -47.26 20.79
CA ALA A 247 -0.53 -47.30 21.14
C ALA A 247 -0.84 -46.33 22.27
N GLY A 248 -2.00 -45.69 22.18
CA GLY A 248 -2.47 -44.77 23.21
C GLY A 248 -2.00 -43.33 23.05
N GLU A 249 -1.78 -42.93 21.79
CA GLU A 249 -1.34 -41.56 21.49
C GLU A 249 -2.42 -40.75 20.79
N PRO A 250 -2.68 -39.52 21.27
CA PRO A 250 -3.68 -38.64 20.68
C PRO A 250 -3.17 -37.98 19.39
N VAL A 251 -4.04 -37.88 18.38
CA VAL A 251 -3.66 -37.31 17.09
C VAL A 251 -4.58 -36.15 16.69
N GLY A 252 -3.99 -34.97 16.51
CA GLY A 252 -4.71 -33.80 16.02
C GLY A 252 -5.40 -33.00 17.11
N TYR A 253 -6.21 -32.03 16.69
CA TYR A 253 -6.97 -31.18 17.60
C TYR A 253 -8.00 -31.99 18.39
N GLY A 254 -8.22 -31.58 19.64
CA GLY A 254 -9.25 -32.17 20.49
C GLY A 254 -9.04 -33.61 20.92
N ALA A 255 -7.95 -34.22 20.45
CA ALA A 255 -7.63 -35.64 20.70
C ALA A 255 -8.80 -36.57 20.37
N ARG A 256 -9.44 -36.31 19.23
CA ARG A 256 -10.62 -37.07 18.81
C ARG A 256 -10.26 -38.43 18.20
N PHE A 257 -8.97 -38.72 18.10
CA PHE A 257 -8.50 -40.03 17.71
C PHE A 257 -7.27 -40.45 18.51
N ILE A 258 -7.39 -41.56 19.22
CA ILE A 258 -6.29 -42.12 20.00
C ILE A 258 -5.88 -43.45 19.37
N THR A 259 -4.58 -43.60 19.10
CA THR A 259 -4.03 -44.80 18.47
C THR A 259 -4.41 -46.07 19.24
N PRO A 260 -5.19 -46.96 18.60
CA PRO A 260 -5.59 -48.21 19.26
C PRO A 260 -4.49 -49.27 19.23
N LYS A 261 -3.48 -49.04 18.38
CA LYS A 261 -2.34 -49.93 18.22
C LYS A 261 -1.12 -49.10 17.81
N PRO A 262 0.09 -49.71 17.80
CA PRO A 262 1.23 -48.99 17.23
C PRO A 262 1.02 -48.75 15.73
N MET A 263 1.15 -47.50 15.30
CA MET A 263 0.81 -47.11 13.93
C MET A 263 1.84 -46.21 13.26
N ARG A 264 1.87 -46.24 11.93
CA ARG A 264 2.63 -45.30 11.14
C ARG A 264 1.68 -44.25 10.55
N ILE A 265 2.00 -42.98 10.78
CA ILE A 265 1.12 -41.86 10.50
C ILE A 265 1.71 -40.99 9.39
N GLY A 266 0.84 -40.46 8.53
CA GLY A 266 1.26 -39.54 7.46
C GLY A 266 0.45 -38.26 7.44
N VAL A 267 1.12 -37.13 7.28
CA VAL A 267 0.46 -35.82 7.21
C VAL A 267 0.42 -35.33 5.76
N VAL A 268 -0.77 -34.99 5.30
CA VAL A 268 -1.00 -34.60 3.90
C VAL A 268 -1.26 -33.11 3.78
N ALA A 269 -0.69 -32.49 2.75
CA ALA A 269 -0.89 -31.07 2.47
C ALA A 269 -2.27 -30.80 1.86
N MET A 270 -3.30 -30.87 2.71
CA MET A 270 -4.70 -30.66 2.31
C MET A 270 -5.57 -30.43 3.55
N GLY A 271 -6.41 -29.40 3.53
CA GLY A 271 -7.26 -29.08 4.67
C GLY A 271 -8.67 -28.63 4.32
N TYR A 272 -9.46 -28.29 5.33
CA TYR A 272 -10.85 -27.87 5.11
C TYR A 272 -11.01 -26.51 4.41
N ALA A 273 -9.93 -25.73 4.39
CA ALA A 273 -9.91 -24.46 3.69
C ALA A 273 -9.76 -24.68 2.18
N ASP A 274 -9.24 -25.85 1.80
CA ASP A 274 -9.08 -26.23 0.40
C ASP A 274 -10.38 -26.77 -0.17
N GLY A 275 -11.27 -27.24 0.70
CA GLY A 275 -12.56 -27.78 0.29
C GLY A 275 -12.86 -29.18 0.80
N TYR A 276 -11.89 -29.80 1.47
CA TYR A 276 -12.08 -31.13 2.03
C TYR A 276 -12.88 -31.03 3.32
N PRO A 277 -13.99 -31.80 3.42
CA PRO A 277 -14.92 -31.64 4.55
C PRO A 277 -14.29 -31.97 5.90
N ARG A 278 -14.46 -31.09 6.87
CA ARG A 278 -14.02 -31.34 8.24
C ARG A 278 -14.93 -32.37 8.90
N GLN A 279 -16.16 -32.48 8.39
CA GLN A 279 -17.15 -33.42 8.88
C GLN A 279 -16.77 -34.89 8.66
N ALA A 280 -15.81 -35.13 7.76
CA ALA A 280 -15.32 -36.47 7.48
C ALA A 280 -14.67 -37.10 8.71
N PRO A 281 -15.25 -38.20 9.22
CA PRO A 281 -14.74 -38.81 10.44
C PRO A 281 -13.53 -39.70 10.18
N THR A 282 -12.97 -40.25 11.26
CA THR A 282 -11.90 -41.24 11.17
C THR A 282 -12.43 -42.48 10.45
N GLY A 283 -11.71 -42.92 9.42
CA GLY A 283 -12.11 -44.08 8.64
C GLY A 283 -12.50 -43.75 7.21
N THR A 284 -12.66 -42.45 6.93
CA THR A 284 -12.95 -41.96 5.58
C THR A 284 -11.82 -42.34 4.61
N PRO A 285 -12.17 -42.92 3.45
CA PRO A 285 -11.17 -43.50 2.56
C PRO A 285 -10.37 -42.55 1.66
N VAL A 286 -9.04 -42.71 1.74
CA VAL A 286 -8.09 -42.52 0.64
C VAL A 286 -7.72 -44.01 0.48
N PHE A 287 -6.83 -44.48 -0.39
CA PHE A 287 -6.09 -43.88 -1.54
C PHE A 287 -4.79 -43.09 -1.42
N VAL A 288 -3.73 -43.87 -1.23
CA VAL A 288 -2.35 -43.43 -1.28
C VAL A 288 -1.52 -44.52 -1.99
N ASP A 289 -0.78 -44.14 -3.03
CA ASP A 289 0.03 -45.06 -3.85
C ASP A 289 -0.71 -46.34 -4.29
N GLY A 290 -1.91 -46.16 -4.84
CA GLY A 290 -2.68 -47.26 -5.42
C GLY A 290 -3.28 -48.24 -4.43
N VAL A 291 -3.28 -47.86 -3.15
CA VAL A 291 -3.83 -48.71 -2.09
C VAL A 291 -4.82 -47.89 -1.25
N ARG A 292 -5.95 -48.50 -0.91
CA ARG A 292 -6.98 -47.87 -0.10
C ARG A 292 -6.56 -47.81 1.38
N SER A 293 -6.56 -46.61 1.95
CA SER A 293 -6.23 -46.39 3.35
C SER A 293 -7.40 -45.68 4.07
N GLN A 294 -7.09 -44.89 5.10
CA GLN A 294 -8.13 -44.18 5.85
C GLN A 294 -7.66 -42.87 6.50
N LEU A 295 -8.60 -41.95 6.68
CA LEU A 295 -8.38 -40.68 7.37
C LEU A 295 -8.34 -40.93 8.88
N LEU A 296 -7.48 -40.19 9.58
CA LEU A 296 -7.33 -40.34 11.03
C LEU A 296 -7.38 -39.00 11.78
N GLY A 297 -8.38 -38.85 12.64
CA GLY A 297 -8.48 -37.67 13.50
C GLY A 297 -9.09 -36.45 12.83
N ARG A 298 -8.93 -35.30 13.47
CA ARG A 298 -9.47 -34.03 12.99
C ARG A 298 -8.73 -33.51 11.77
N VAL A 299 -9.50 -32.98 10.82
CA VAL A 299 -8.95 -32.30 9.66
C VAL A 299 -8.65 -30.86 10.08
N SER A 300 -7.41 -30.44 9.88
CA SER A 300 -7.00 -29.06 10.17
C SER A 300 -7.24 -28.19 8.95
N MET A 301 -6.98 -26.89 9.09
CA MET A 301 -7.25 -25.90 8.04
C MET A 301 -6.47 -26.17 6.75
N ASP A 302 -5.23 -26.61 6.88
CA ASP A 302 -4.35 -26.83 5.72
C ASP A 302 -3.80 -28.24 5.67
N MET A 303 -3.95 -28.99 6.76
CA MET A 303 -3.39 -30.32 6.86
C MET A 303 -4.42 -31.36 7.30
N LEU A 304 -4.27 -32.58 6.82
CA LEU A 304 -5.04 -33.72 7.30
C LEU A 304 -4.12 -34.92 7.55
N CYS A 305 -4.64 -35.92 8.25
CA CYS A 305 -3.83 -37.06 8.64
C CYS A 305 -4.41 -38.39 8.13
N ILE A 306 -3.56 -39.21 7.52
CA ILE A 306 -3.96 -40.51 7.00
C ILE A 306 -3.14 -41.66 7.60
N ASP A 307 -3.62 -42.89 7.41
CA ASP A 307 -2.95 -44.08 7.92
C ASP A 307 -1.93 -44.62 6.91
N LEU A 308 -0.77 -45.03 7.41
CA LEU A 308 0.28 -45.62 6.58
C LEU A 308 0.82 -46.92 7.17
N THR A 309 0.11 -47.46 8.16
CA THR A 309 0.54 -48.68 8.85
C THR A 309 0.54 -49.91 7.95
N ASP A 310 -0.53 -50.07 7.17
CA ASP A 310 -0.69 -51.23 6.29
C ASP A 310 -0.18 -50.99 4.86
N VAL A 311 0.41 -49.82 4.62
CA VAL A 311 1.02 -49.50 3.33
C VAL A 311 2.54 -49.33 3.51
N PRO A 312 3.31 -50.42 3.34
CA PRO A 312 4.73 -50.47 3.69
C PRO A 312 5.62 -49.53 2.87
N GLN A 313 5.43 -49.50 1.55
CA GLN A 313 6.28 -48.70 0.67
C GLN A 313 5.66 -47.35 0.26
N ALA A 314 5.02 -46.69 1.22
CA ALA A 314 4.56 -45.32 1.05
C ALA A 314 5.11 -44.46 2.17
N GLY A 315 5.47 -43.22 1.83
CA GLY A 315 6.04 -42.28 2.79
C GLY A 315 6.11 -40.88 2.23
N LEU A 316 7.26 -40.23 2.43
CA LEU A 316 7.49 -38.86 1.96
C LEU A 316 7.39 -38.77 0.43
N GLY A 317 6.53 -37.88 -0.04
CA GLY A 317 6.37 -37.64 -1.48
C GLY A 317 5.35 -38.54 -2.17
N SER A 318 4.69 -39.41 -1.41
CA SER A 318 3.65 -40.29 -1.95
C SER A 318 2.39 -39.51 -2.30
N THR A 319 1.83 -39.80 -3.47
CA THR A 319 0.60 -39.15 -3.94
C THR A 319 -0.61 -39.73 -3.22
N VAL A 320 -1.47 -38.83 -2.73
CA VAL A 320 -2.69 -39.22 -2.03
C VAL A 320 -3.90 -38.63 -2.75
N GLU A 321 -4.84 -39.49 -3.15
CA GLU A 321 -6.08 -39.05 -3.76
C GLU A 321 -7.16 -38.87 -2.71
N LEU A 322 -7.72 -37.66 -2.66
CA LEU A 322 -8.79 -37.35 -1.72
C LEU A 322 -10.14 -37.74 -2.32
N TRP A 323 -10.34 -37.39 -3.59
CA TRP A 323 -11.42 -37.96 -4.40
C TRP A 323 -11.10 -37.85 -5.89
N GLY A 324 -11.69 -38.76 -6.67
CA GLY A 324 -11.48 -38.81 -8.12
C GLY A 324 -12.10 -40.06 -8.71
N LYS A 325 -11.32 -40.76 -9.52
CA LYS A 325 -11.78 -41.99 -10.18
C LYS A 325 -11.65 -43.20 -9.26
N ASN A 326 -10.76 -43.11 -8.27
CA ASN A 326 -10.51 -44.22 -7.34
C ASN A 326 -11.33 -44.13 -6.07
N ILE A 327 -11.37 -42.95 -5.47
CA ILE A 327 -12.28 -42.67 -4.36
C ILE A 327 -13.35 -41.72 -4.89
N LEU A 328 -14.56 -42.23 -5.05
CA LEU A 328 -15.66 -41.41 -5.56
C LEU A 328 -16.03 -40.33 -4.56
N ALA A 329 -16.25 -39.11 -5.05
CA ALA A 329 -16.61 -37.98 -4.21
C ALA A 329 -17.85 -38.27 -3.36
N SER A 330 -18.77 -39.06 -3.91
CA SER A 330 -19.99 -39.47 -3.21
C SER A 330 -19.71 -40.29 -1.95
N GLU A 331 -18.60 -41.04 -1.96
CA GLU A 331 -18.17 -41.82 -0.80
C GLU A 331 -17.72 -40.92 0.35
N VAL A 332 -16.94 -39.89 0.01
CA VAL A 332 -16.44 -38.92 0.98
C VAL A 332 -17.59 -38.07 1.51
N ALA A 333 -18.50 -37.69 0.62
CA ALA A 333 -19.66 -36.89 0.96
C ALA A 333 -20.61 -37.64 1.89
N THR A 334 -20.90 -38.90 1.56
CA THR A 334 -21.82 -39.72 2.34
C THR A 334 -21.25 -40.05 3.73
N ALA A 335 -19.92 -40.13 3.83
CA ALA A 335 -19.24 -40.37 5.10
C ALA A 335 -19.27 -39.12 5.99
N ALA A 336 -19.15 -37.96 5.37
CA ALA A 336 -19.20 -36.67 6.08
C ALA A 336 -20.64 -36.20 6.27
N ASP A 337 -21.59 -37.10 6.01
CA ASP A 337 -23.03 -36.86 6.16
C ASP A 337 -23.51 -35.65 5.35
N THR A 338 -23.14 -35.62 4.07
CA THR A 338 -23.52 -34.55 3.16
C THR A 338 -23.61 -35.06 1.72
N ILE A 339 -23.85 -34.16 0.77
CA ILE A 339 -23.96 -34.50 -0.64
C ILE A 339 -22.76 -33.97 -1.43
N PRO A 340 -22.39 -34.65 -2.55
CA PRO A 340 -21.23 -34.24 -3.35
C PRO A 340 -21.31 -32.79 -3.84
N TYR A 341 -22.52 -32.29 -4.07
CA TYR A 341 -22.76 -30.91 -4.48
C TYR A 341 -21.91 -29.91 -3.68
N GLN A 342 -21.99 -30.03 -2.35
CA GLN A 342 -21.37 -29.06 -1.43
C GLN A 342 -19.84 -29.09 -1.42
N ILE A 343 -19.26 -30.29 -1.31
CA ILE A 343 -17.80 -30.43 -1.23
C ILE A 343 -17.09 -30.03 -2.52
N PHE A 344 -17.81 -30.09 -3.64
CA PHE A 344 -17.32 -29.59 -4.92
C PHE A 344 -17.22 -28.07 -4.90
N CYS A 345 -18.28 -27.42 -4.42
CA CYS A 345 -18.35 -25.96 -4.33
C CYS A 345 -17.34 -25.36 -3.36
N ASN A 346 -17.01 -26.12 -2.31
CA ASN A 346 -16.08 -25.66 -1.27
C ASN A 346 -14.62 -25.55 -1.72
N LEU A 347 -14.33 -26.07 -2.92
CA LEU A 347 -12.96 -26.12 -3.44
C LEU A 347 -12.34 -24.72 -3.53
N LYS A 348 -11.16 -24.57 -2.92
CA LYS A 348 -10.47 -23.30 -2.83
C LYS A 348 -8.96 -23.45 -2.83
N ARG A 349 -8.26 -22.36 -3.11
CA ARG A 349 -6.80 -22.25 -2.96
C ARG A 349 -5.98 -23.10 -3.92
N VAL A 350 -6.37 -24.37 -4.10
CA VAL A 350 -5.65 -25.28 -4.98
C VAL A 350 -5.74 -24.88 -6.46
N PRO A 351 -4.62 -24.99 -7.20
CA PRO A 351 -4.65 -24.73 -8.63
C PRO A 351 -5.41 -25.81 -9.41
N ARG A 352 -6.30 -25.39 -10.30
CA ARG A 352 -6.99 -26.32 -11.18
C ARG A 352 -6.21 -26.52 -12.47
N LEU A 353 -5.85 -27.77 -12.74
CA LEU A 353 -5.17 -28.13 -13.97
C LEU A 353 -6.15 -28.81 -14.92
N TYR A 354 -6.13 -28.38 -16.18
CA TYR A 354 -7.08 -28.86 -17.18
C TYR A 354 -6.39 -29.71 -18.25
N SER A 355 -7.01 -30.85 -18.56
CA SER A 355 -6.49 -31.79 -19.56
C SER A 355 -7.60 -32.67 -20.12
N GLY A 356 -7.22 -33.65 -20.95
CA GLY A 356 -8.17 -34.58 -21.54
C GLY A 356 -8.25 -34.44 -23.05
N MET B 1 -28.07 -6.36 -9.13
CA MET B 1 -27.02 -7.35 -8.74
C MET B 1 -27.50 -8.24 -7.59
N ARG B 2 -26.79 -9.35 -7.37
CA ARG B 2 -27.10 -10.26 -6.27
C ARG B 2 -26.79 -9.57 -4.93
N PRO B 3 -27.80 -9.47 -4.05
CA PRO B 3 -27.67 -8.69 -2.81
C PRO B 3 -26.72 -9.29 -1.77
N ALA B 4 -26.19 -10.48 -2.05
CA ALA B 4 -25.28 -11.17 -1.15
C ALA B 4 -23.94 -10.43 -1.01
N ARG B 5 -23.59 -10.11 0.24
CA ARG B 5 -22.35 -9.38 0.52
C ARG B 5 -21.73 -9.75 1.86
N ALA B 6 -20.40 -9.70 1.91
CA ALA B 6 -19.66 -9.87 3.16
C ALA B 6 -18.99 -8.56 3.53
N LEU B 7 -19.34 -8.04 4.70
CA LEU B 7 -18.77 -6.80 5.19
C LEU B 7 -17.62 -7.08 6.15
N ILE B 8 -16.45 -6.50 5.85
CA ILE B 8 -15.25 -6.70 6.66
C ILE B 8 -14.92 -5.44 7.47
N ASP B 9 -14.99 -5.56 8.78
CA ASP B 9 -14.71 -4.44 9.69
C ASP B 9 -13.23 -4.42 10.05
N LEU B 10 -12.45 -3.64 9.30
CA LEU B 10 -11.01 -3.56 9.49
C LEU B 10 -10.59 -2.84 10.76
N GLN B 11 -11.47 -1.96 11.25
CA GLN B 11 -11.23 -1.26 12.52
C GLN B 11 -11.27 -2.26 13.67
N ALA B 12 -12.23 -3.18 13.61
CA ALA B 12 -12.34 -4.27 14.59
C ALA B 12 -11.18 -5.25 14.49
N LEU B 13 -10.68 -5.46 13.27
CA LEU B 13 -9.49 -6.28 13.05
C LEU B 13 -8.26 -5.68 13.75
N ARG B 14 -8.09 -4.37 13.62
CA ARG B 14 -7.04 -3.62 14.32
C ARG B 14 -7.20 -3.73 15.84
N HIS B 15 -8.45 -3.68 16.29
CA HIS B 15 -8.78 -3.77 17.70
C HIS B 15 -8.43 -5.15 18.28
N ASN B 16 -8.78 -6.20 17.55
CA ASN B 16 -8.55 -7.58 18.00
C ASN B 16 -7.07 -7.94 18.05
N TYR B 17 -6.28 -7.40 17.13
CA TYR B 17 -4.83 -7.64 17.11
C TYR B 17 -4.13 -6.92 18.27
N GLN B 18 -4.54 -5.68 18.54
CA GLN B 18 -4.01 -4.91 19.66
C GLN B 18 -4.31 -5.61 20.98
N LEU B 19 -5.46 -6.29 21.04
CA LEU B 19 -5.88 -7.05 22.22
C LEU B 19 -4.95 -8.22 22.49
N ALA B 20 -4.44 -8.85 21.43
CA ALA B 20 -3.50 -9.95 21.55
C ALA B 20 -2.21 -9.53 22.23
N ARG B 21 -1.66 -8.38 21.81
CA ARG B 21 -0.46 -7.80 22.42
C ARG B 21 -0.73 -7.37 23.87
N GLU B 22 -1.85 -6.67 24.05
CA GLU B 22 -2.26 -6.07 25.32
C GLU B 22 -2.38 -7.09 26.46
N VAL B 23 -2.93 -8.26 26.14
CA VAL B 23 -3.18 -9.31 27.13
C VAL B 23 -1.94 -10.19 27.35
N THR B 24 -1.07 -10.26 26.35
CA THR B 24 0.06 -11.19 26.38
C THR B 24 1.41 -10.52 26.67
N GLY B 25 1.53 -9.24 26.32
CA GLY B 25 2.77 -8.48 26.52
C GLY B 25 3.94 -8.92 25.66
N ALA B 26 3.64 -9.51 24.49
CA ALA B 26 4.67 -10.03 23.59
C ALA B 26 4.38 -9.68 22.13
N LYS B 27 5.35 -9.96 21.26
CA LYS B 27 5.20 -9.75 19.82
C LYS B 27 4.18 -10.73 19.26
N ALA B 28 3.40 -10.29 18.28
CA ALA B 28 2.32 -11.09 17.72
C ALA B 28 2.40 -11.20 16.21
N LEU B 29 2.51 -12.44 15.73
CA LEU B 29 2.39 -12.72 14.30
C LEU B 29 0.91 -12.91 13.96
N ALA B 30 0.38 -12.02 13.13
CA ALA B 30 -1.00 -12.14 12.67
C ALA B 30 -1.10 -13.29 11.67
N VAL B 31 -1.78 -14.36 12.08
CA VAL B 31 -1.93 -15.55 11.26
C VAL B 31 -3.03 -15.30 10.21
N ILE B 32 -2.61 -15.12 8.96
CA ILE B 32 -3.53 -14.81 7.87
C ILE B 32 -3.49 -15.86 6.75
N ALA B 34 -4.93 -19.21 4.59
CA ALA B 34 -6.24 -19.42 3.98
C ALA B 34 -6.95 -18.10 3.63
N ASP B 35 -6.21 -17.20 2.96
CA ASP B 35 -6.69 -15.87 2.59
C ASP B 35 -7.27 -15.14 3.81
N ALA B 36 -6.49 -15.13 4.89
CA ALA B 36 -6.91 -14.58 6.19
C ALA B 36 -8.26 -15.11 6.66
N TYR B 37 -8.37 -16.44 6.72
CA TYR B 37 -9.59 -17.13 7.14
C TYR B 37 -10.81 -16.65 6.34
N GLY B 38 -10.61 -16.40 5.05
CA GLY B 38 -11.69 -15.98 4.15
C GLY B 38 -11.99 -14.48 4.15
N HIS B 39 -11.24 -13.72 4.95
CA HIS B 39 -11.46 -12.28 5.07
C HIS B 39 -10.66 -11.46 4.05
N GLY B 40 -9.64 -12.07 3.46
CA GLY B 40 -8.79 -11.40 2.48
C GLY B 40 -7.42 -11.09 3.03
N ALA B 41 -6.44 -11.93 2.67
CA ALA B 41 -5.08 -11.83 3.19
C ALA B 41 -4.41 -10.49 2.89
N VAL B 42 -4.57 -10.01 1.66
CA VAL B 42 -3.90 -8.78 1.20
C VAL B 42 -4.44 -7.54 1.92
N ARG B 43 -5.76 -7.36 1.91
CA ARG B 43 -6.40 -6.20 2.51
C ARG B 43 -6.23 -6.15 4.03
N CYS B 44 -6.28 -7.31 4.67
CA CYS B 44 -6.07 -7.40 6.12
C CYS B 44 -4.62 -7.06 6.50
N ALA B 45 -3.67 -7.60 5.74
CA ALA B 45 -2.25 -7.35 6.00
C ALA B 45 -1.90 -5.87 5.86
N GLN B 46 -2.41 -5.24 4.81
CA GLN B 46 -2.23 -3.80 4.58
C GLN B 46 -2.72 -2.98 5.76
N ALA B 47 -3.91 -3.33 6.27
CA ALA B 47 -4.52 -2.62 7.39
C ALA B 47 -3.78 -2.82 8.72
N LEU B 48 -2.93 -3.84 8.79
CA LEU B 48 -2.21 -4.17 10.02
C LEU B 48 -0.71 -3.88 9.96
N GLU B 49 -0.14 -3.91 8.76
CA GLU B 49 1.32 -3.85 8.57
C GLU B 49 2.04 -2.79 9.40
N ALA B 50 1.51 -1.56 9.41
CA ALA B 50 2.15 -0.44 10.12
C ALA B 50 2.41 -0.72 11.60
N GLU B 51 1.49 -1.45 12.23
CA GLU B 51 1.57 -1.71 13.66
C GLU B 51 1.66 -3.20 14.04
N ALA B 52 1.96 -4.05 13.06
CA ALA B 52 2.07 -5.50 13.30
C ALA B 52 3.51 -5.98 13.31
N ASP B 53 3.79 -6.98 14.14
CA ASP B 53 5.13 -7.55 14.25
C ASP B 53 5.48 -8.43 13.06
N GLY B 54 4.47 -9.06 12.48
CA GLY B 54 4.65 -9.93 11.32
C GLY B 54 3.41 -10.71 10.97
N PHE B 55 3.52 -11.55 9.94
CA PHE B 55 2.39 -12.36 9.47
C PHE B 55 2.78 -13.82 9.30
N ALA B 56 1.78 -14.70 9.37
CA ALA B 56 1.99 -16.13 9.17
C ALA B 56 1.01 -16.69 8.15
N VAL B 57 1.53 -17.50 7.22
CA VAL B 57 0.72 -18.16 6.20
C VAL B 57 1.06 -19.66 6.12
N ALA B 58 0.23 -20.40 5.39
CA ALA B 58 0.37 -21.85 5.28
C ALA B 58 1.46 -22.28 4.31
N CYS B 59 1.60 -21.55 3.20
CA CYS B 59 2.47 -21.95 2.10
C CYS B 59 3.16 -20.77 1.43
N ILE B 60 4.16 -21.08 0.60
CA ILE B 60 4.94 -20.06 -0.11
C ILE B 60 4.10 -19.21 -1.07
N GLU B 61 3.12 -19.83 -1.75
CA GLU B 61 2.26 -19.09 -2.68
C GLU B 61 1.38 -18.04 -1.99
N GLU B 62 0.98 -18.30 -0.75
CA GLU B 62 0.25 -17.32 0.05
C GLU B 62 1.16 -16.17 0.48
N ALA B 63 2.45 -16.46 0.61
CA ALA B 63 3.45 -15.47 0.97
C ALA B 63 3.85 -14.61 -0.24
N LEU B 64 4.01 -15.25 -1.39
CA LEU B 64 4.33 -14.55 -2.64
C LEU B 64 3.26 -13.54 -3.01
N GLU B 65 2.01 -13.87 -2.70
CA GLU B 65 0.88 -12.97 -2.92
C GLU B 65 1.05 -11.67 -2.14
N LEU B 66 1.58 -11.76 -0.92
CA LEU B 66 1.78 -10.60 -0.07
C LEU B 66 2.91 -9.70 -0.55
N ARG B 67 4.01 -10.30 -1.01
CA ARG B 67 5.15 -9.54 -1.58
C ARG B 67 4.76 -8.83 -2.87
N ALA B 68 3.89 -9.46 -3.66
CA ALA B 68 3.39 -8.88 -4.90
C ALA B 68 2.49 -7.67 -4.64
N ALA B 69 1.85 -7.64 -3.47
CA ALA B 69 0.98 -6.54 -3.07
C ALA B 69 1.75 -5.41 -2.39
N GLY B 70 3.00 -5.69 -2.04
CA GLY B 70 3.89 -4.67 -1.46
C GLY B 70 4.09 -4.75 0.05
N ILE B 71 3.55 -5.80 0.66
CA ILE B 71 3.73 -6.05 2.09
C ILE B 71 5.15 -6.54 2.35
N ARG B 72 5.93 -5.74 3.07
CA ARG B 72 7.32 -6.13 3.37
C ARG B 72 7.61 -6.38 4.85
N ALA B 73 6.55 -6.48 5.65
CA ALA B 73 6.65 -6.96 7.03
C ALA B 73 7.10 -8.43 7.02
N PRO B 74 7.67 -8.91 8.14
CA PRO B 74 8.13 -10.31 8.17
C PRO B 74 6.98 -11.30 7.96
N ILE B 75 7.24 -12.35 7.17
CA ILE B 75 6.26 -13.39 6.89
C ILE B 75 6.82 -14.77 7.25
N LEU B 76 6.10 -15.49 8.11
CA LEU B 76 6.48 -16.85 8.50
C LEU B 76 5.72 -17.90 7.71
N LEU B 77 6.46 -18.83 7.12
CA LEU B 77 5.87 -19.99 6.45
C LEU B 77 5.66 -21.09 7.50
N LEU B 78 4.42 -21.22 7.97
CA LEU B 78 4.07 -22.11 9.09
C LEU B 78 4.42 -23.58 8.87
N GLU B 79 4.36 -24.03 7.62
CA GLU B 79 4.69 -25.41 7.27
C GLU B 79 6.06 -25.51 6.59
N GLY B 80 6.70 -24.36 6.40
CA GLY B 80 7.99 -24.29 5.72
C GLY B 80 7.87 -24.58 4.23
N PHE B 81 8.96 -25.06 3.63
CA PHE B 81 8.97 -25.39 2.21
C PHE B 81 8.53 -26.83 1.97
N PHE B 82 7.81 -27.05 0.86
CA PHE B 82 7.34 -28.38 0.49
C PHE B 82 8.34 -29.07 -0.42
N GLU B 83 8.96 -28.29 -1.31
CA GLU B 83 10.03 -28.78 -2.17
C GLU B 83 11.32 -28.02 -1.90
N ALA B 84 12.46 -28.69 -2.08
CA ALA B 84 13.78 -28.12 -1.79
C ALA B 84 14.11 -26.85 -2.58
N ASP B 85 13.68 -26.80 -3.84
CA ASP B 85 13.96 -25.65 -4.71
C ASP B 85 13.04 -24.43 -4.45
N GLU B 86 12.38 -24.42 -3.30
CA GLU B 86 11.65 -23.24 -2.83
C GLU B 86 12.58 -22.29 -2.09
N LEU B 87 13.71 -22.83 -1.64
CA LEU B 87 14.70 -22.08 -0.85
C LEU B 87 15.22 -20.79 -1.50
N PRO B 88 15.67 -20.84 -2.78
CA PRO B 88 16.06 -19.58 -3.46
C PRO B 88 14.99 -18.50 -3.46
N LEU B 89 13.72 -18.89 -3.48
CA LEU B 89 12.61 -17.94 -3.38
C LEU B 89 12.46 -17.40 -1.95
N ILE B 90 12.74 -18.26 -0.98
CA ILE B 90 12.67 -17.88 0.44
C ILE B 90 13.73 -16.84 0.78
N VAL B 91 14.95 -17.06 0.30
CA VAL B 91 16.07 -16.13 0.49
C VAL B 91 15.80 -14.78 -0.18
N GLU B 92 15.35 -14.83 -1.44
CA GLU B 92 15.07 -13.65 -2.24
C GLU B 92 14.06 -12.70 -1.56
N HIS B 93 13.01 -13.27 -0.98
CA HIS B 93 11.93 -12.47 -0.40
C HIS B 93 11.98 -12.40 1.13
N ASP B 94 13.02 -12.98 1.71
CA ASP B 94 13.27 -12.95 3.16
C ASP B 94 12.07 -13.48 3.96
N PHE B 95 11.67 -14.72 3.67
CA PHE B 95 10.62 -15.39 4.43
C PHE B 95 11.23 -16.14 5.60
N TRP B 96 10.55 -16.10 6.74
CA TRP B 96 10.94 -16.92 7.87
C TRP B 96 10.36 -18.32 7.68
N CYS B 97 11.20 -19.33 7.87
CA CYS B 97 10.86 -20.70 7.48
C CYS B 97 10.79 -21.65 8.68
N VAL B 98 9.70 -22.41 8.76
CA VAL B 98 9.53 -23.43 9.80
C VAL B 98 10.16 -24.75 9.35
N VAL B 99 10.90 -25.38 10.26
CA VAL B 99 11.42 -26.72 10.04
C VAL B 99 10.74 -27.68 11.01
N HIS B 100 9.88 -28.54 10.47
CA HIS B 100 9.10 -29.47 11.27
C HIS B 100 9.55 -30.92 11.14
N SER B 101 10.46 -31.18 10.19
CA SER B 101 10.96 -32.53 9.96
C SER B 101 12.43 -32.53 9.53
N LEU B 102 13.09 -33.68 9.73
CA LEU B 102 14.52 -33.82 9.46
C LEU B 102 14.90 -33.70 7.98
N TRP B 103 13.97 -34.06 7.10
CA TRP B 103 14.21 -33.97 5.65
C TRP B 103 14.35 -32.52 5.18
N GLN B 104 13.70 -31.61 5.89
CA GLN B 104 13.83 -30.17 5.65
C GLN B 104 15.18 -29.65 6.16
N LEU B 105 15.63 -30.21 7.27
CA LEU B 105 16.93 -29.88 7.85
C LEU B 105 18.08 -30.32 6.92
N ASP B 106 17.92 -31.50 6.32
CA ASP B 106 18.88 -32.00 5.34
C ASP B 106 18.95 -31.10 4.10
N ALA B 107 17.79 -30.61 3.66
CA ALA B 107 17.70 -29.76 2.47
C ALA B 107 18.42 -28.42 2.64
N ILE B 108 18.31 -27.84 3.83
CA ILE B 108 18.96 -26.56 4.14
C ILE B 108 20.46 -26.74 4.37
N GLU B 109 20.82 -27.85 5.00
CA GLU B 109 22.21 -28.16 5.32
C GLU B 109 23.05 -28.42 4.06
N GLN B 110 22.40 -28.97 3.02
CA GLN B 110 23.09 -29.35 1.79
C GLN B 110 23.15 -28.22 0.75
N ALA B 111 22.13 -27.35 0.77
CA ALA B 111 22.04 -26.26 -0.20
C ALA B 111 22.99 -25.11 0.13
N ARG B 112 23.31 -24.30 -0.90
CA ARG B 112 24.11 -23.09 -0.72
C ARG B 112 23.27 -21.84 -0.98
N LEU B 113 23.01 -21.09 0.08
CA LEU B 113 22.08 -19.96 0.05
C LEU B 113 22.81 -18.63 -0.08
N ALA B 114 22.22 -17.71 -0.85
CA ALA B 114 22.78 -16.38 -1.07
C ALA B 114 22.91 -15.58 0.22
N LYS B 115 21.88 -15.66 1.07
CA LYS B 115 21.87 -15.02 2.38
C LYS B 115 21.33 -16.01 3.41
N PRO B 116 21.81 -15.93 4.67
CA PRO B 116 21.28 -16.80 5.72
C PRO B 116 19.81 -16.50 6.03
N ILE B 117 19.07 -17.52 6.47
CA ILE B 117 17.64 -17.39 6.73
C ILE B 117 17.24 -17.74 8.17
N HIS B 118 16.11 -17.19 8.61
CA HIS B 118 15.54 -17.49 9.92
C HIS B 118 14.82 -18.82 9.92
N VAL B 119 15.12 -19.65 10.93
CA VAL B 119 14.49 -20.95 11.08
C VAL B 119 13.65 -20.99 12.36
N TRP B 120 12.37 -21.35 12.21
CA TRP B 120 11.50 -21.58 13.36
C TRP B 120 11.31 -23.07 13.58
N LEU B 121 12.19 -23.63 14.42
CA LEU B 121 12.22 -25.08 14.65
C LEU B 121 11.02 -25.56 15.47
N LEU B 123 8.61 -28.21 17.42
CA LEU B 123 8.61 -29.43 18.23
C LEU B 123 7.20 -30.00 18.29
N ASP B 124 7.09 -31.31 18.07
CA ASP B 124 5.87 -32.04 18.36
C ASP B 124 5.84 -32.31 19.86
N SER B 125 5.02 -31.55 20.58
CA SER B 125 4.95 -31.64 22.04
C SER B 125 3.78 -32.49 22.54
N GLY B 126 3.00 -33.03 21.61
CA GLY B 126 1.89 -33.92 21.97
C GLY B 126 0.69 -33.94 21.04
N MET B 127 0.66 -33.01 20.09
CA MET B 127 -0.43 -32.96 19.11
C MET B 127 -0.27 -34.05 18.05
N HIS B 128 0.98 -34.35 17.71
CA HIS B 128 1.34 -35.36 16.71
C HIS B 128 0.87 -35.03 15.29
N ARG B 129 0.91 -33.75 14.95
CA ARG B 129 0.72 -33.31 13.57
C ARG B 129 2.11 -33.24 12.93
N VAL B 130 2.65 -32.03 12.78
CA VAL B 130 4.03 -31.86 12.30
C VAL B 130 4.93 -31.34 13.44
N GLY B 131 6.22 -31.69 13.36
CA GLY B 131 7.18 -31.34 14.40
C GLY B 131 8.14 -32.49 14.68
N LEU B 132 9.29 -32.15 15.25
CA LEU B 132 10.31 -33.16 15.55
C LEU B 132 10.03 -33.86 16.88
N HIS B 133 10.60 -35.05 17.05
CA HIS B 133 10.56 -35.76 18.32
C HIS B 133 11.49 -35.07 19.31
N PRO B 134 11.06 -34.93 20.58
CA PRO B 134 11.89 -34.33 21.64
C PRO B 134 13.34 -34.84 21.69
N ASN B 135 13.56 -36.10 21.31
CA ASN B 135 14.90 -36.69 21.26
C ASN B 135 15.82 -36.07 20.21
N ASP B 136 15.23 -35.61 19.11
CA ASP B 136 15.98 -35.06 17.98
C ASP B 136 16.11 -33.54 18.04
N TYR B 137 15.41 -32.92 18.99
CA TYR B 137 15.29 -31.46 19.05
C TYR B 137 16.60 -30.73 19.30
N LYS B 138 17.32 -31.14 20.34
CA LYS B 138 18.60 -30.54 20.70
C LYS B 138 19.66 -30.76 19.60
N ALA B 139 19.65 -31.96 19.01
CA ALA B 139 20.57 -32.31 17.93
C ALA B 139 20.33 -31.47 16.67
N ALA B 140 19.05 -31.27 16.33
CA ALA B 140 18.67 -30.49 15.15
C ALA B 140 19.02 -29.01 15.30
N TYR B 141 18.94 -28.50 16.54
CA TYR B 141 19.28 -27.12 16.85
C TYR B 141 20.76 -26.84 16.58
N GLN B 142 21.61 -27.77 16.99
CA GLN B 142 23.06 -27.61 16.85
C GLN B 142 23.52 -27.70 15.40
N ARG B 143 22.80 -28.49 14.60
CA ARG B 143 23.06 -28.59 13.16
C ARG B 143 22.67 -27.31 12.42
N LEU B 144 21.62 -26.65 12.91
CA LEU B 144 21.19 -25.37 12.37
C LEU B 144 22.11 -24.24 12.83
N GLN B 145 22.53 -24.30 14.09
CA GLN B 145 23.41 -23.29 14.67
C GLN B 145 24.76 -23.25 13.96
N ALA B 146 25.28 -24.44 13.64
CA ALA B 146 26.59 -24.56 12.98
C ALA B 146 26.44 -24.82 11.48
N SER B 147 25.54 -24.08 10.83
CA SER B 147 25.26 -24.28 9.41
C SER B 147 25.79 -23.15 8.53
N ALA B 148 25.72 -21.91 9.04
CA ALA B 148 26.05 -20.70 8.28
C ALA B 148 24.96 -20.29 7.27
N ASN B 149 24.00 -21.19 7.05
CA ASN B 149 22.81 -20.90 6.26
C ASN B 149 21.65 -20.40 7.12
N VAL B 150 21.87 -20.43 8.43
CA VAL B 150 20.85 -20.02 9.41
C VAL B 150 21.33 -18.80 10.18
N ALA B 151 20.51 -17.74 10.17
CA ALA B 151 20.83 -16.50 10.87
C ALA B 151 20.29 -16.47 12.30
N LYS B 152 19.03 -16.89 12.46
CA LYS B 152 18.36 -16.86 13.75
C LYS B 152 17.50 -18.12 13.94
N ILE B 153 17.43 -18.60 15.18
CA ILE B 153 16.60 -19.77 15.50
C ILE B 153 15.55 -19.43 16.55
N VAL B 154 14.29 -19.66 16.21
CA VAL B 154 13.18 -19.55 17.14
C VAL B 154 12.65 -20.96 17.40
N LEU B 155 12.43 -21.28 18.67
CA LEU B 155 11.88 -22.58 19.05
C LEU B 155 10.37 -22.47 19.20
N MET B 156 9.63 -23.28 18.45
CA MET B 156 8.18 -23.24 18.48
C MET B 156 7.50 -24.60 18.66
N SER B 157 6.24 -24.56 19.08
CA SER B 157 5.40 -25.75 19.18
C SER B 157 3.94 -25.31 19.13
N HIS B 158 3.03 -26.29 19.07
CA HIS B 158 1.59 -26.00 18.92
C HIS B 158 0.73 -26.86 19.85
N PHE B 159 -0.33 -26.25 20.38
CA PHE B 159 -1.25 -26.91 21.31
C PHE B 159 -2.37 -27.66 20.58
N ALA B 160 -2.73 -28.82 21.11
CA ALA B 160 -3.79 -29.65 20.55
C ALA B 160 -5.16 -29.31 21.11
N ARG B 161 -5.23 -29.06 22.42
CA ARG B 161 -6.50 -28.91 23.13
C ARG B 161 -6.58 -27.65 24.00
N ALA B 162 -5.98 -26.56 23.50
CA ALA B 162 -5.93 -25.30 24.24
C ALA B 162 -7.30 -24.63 24.41
N ASP B 163 -8.25 -25.01 23.56
CA ASP B 163 -9.62 -24.49 23.63
C ASP B 163 -10.42 -25.11 24.79
N GLU B 164 -9.89 -26.19 25.35
CA GLU B 164 -10.48 -26.83 26.51
C GLU B 164 -9.80 -26.34 27.80
N LEU B 165 -10.48 -25.44 28.51
CA LEU B 165 -9.93 -24.80 29.70
C LEU B 165 -9.84 -25.74 30.91
N ASP B 166 -10.72 -26.74 30.95
CA ASP B 166 -10.68 -27.77 31.99
C ASP B 166 -9.53 -28.76 31.81
N CYS B 167 -9.11 -28.97 30.56
CA CYS B 167 -8.09 -29.96 30.24
C CYS B 167 -6.69 -29.47 30.60
N THR B 168 -5.85 -30.39 31.05
CA THR B 168 -4.47 -30.07 31.46
C THR B 168 -3.44 -30.47 30.41
N ARG B 169 -3.91 -30.79 29.20
CA ARG B 169 -3.04 -31.19 28.09
C ARG B 169 -2.07 -30.07 27.71
N SER B 170 -2.54 -28.83 27.79
CA SER B 170 -1.70 -27.66 27.49
C SER B 170 -0.53 -27.53 28.45
N VAL B 171 -0.77 -27.86 29.72
CA VAL B 171 0.29 -27.85 30.75
C VAL B 171 1.31 -28.96 30.48
N GLU B 172 0.82 -30.12 30.05
CA GLU B 172 1.67 -31.26 29.68
C GLU B 172 2.57 -30.93 28.49
N GLN B 173 2.00 -30.22 27.51
CA GLN B 173 2.72 -29.86 26.30
C GLN B 173 3.82 -28.82 26.58
N VAL B 174 3.55 -27.91 27.51
CA VAL B 174 4.55 -26.93 27.94
C VAL B 174 5.70 -27.62 28.67
N ALA B 175 5.36 -28.60 29.52
CA ALA B 175 6.36 -29.38 30.26
C ALA B 175 7.27 -30.18 29.34
N VAL B 176 6.69 -30.73 28.27
CA VAL B 176 7.44 -31.48 27.26
C VAL B 176 8.34 -30.55 26.44
N PHE B 177 7.80 -29.39 26.07
CA PHE B 177 8.54 -28.39 25.30
C PHE B 177 9.70 -27.79 26.10
N LEU B 178 9.41 -27.37 27.33
CA LEU B 178 10.42 -26.82 28.23
C LEU B 178 11.54 -27.83 28.50
N GLY B 179 11.18 -29.09 28.71
CA GLY B 179 12.13 -30.15 28.99
C GLY B 179 13.06 -30.44 27.83
N ALA B 180 12.54 -30.34 26.61
CA ALA B 180 13.31 -30.61 25.41
C ALA B 180 14.17 -29.42 24.96
N ARG B 181 13.81 -28.23 25.42
CA ARG B 181 14.53 -27.01 25.03
C ARG B 181 15.52 -26.49 26.07
N ALA B 182 15.23 -26.75 27.35
CA ALA B 182 16.04 -26.23 28.46
C ALA B 182 17.53 -26.44 28.21
N ASP B 183 18.31 -25.38 28.47
CA ASP B 183 19.75 -25.30 28.19
C ASP B 183 20.01 -24.40 26.98
N LEU B 184 19.17 -24.53 25.95
CA LEU B 184 19.32 -23.76 24.71
C LEU B 184 18.79 -22.35 24.86
N THR B 185 19.58 -21.38 24.40
CA THR B 185 19.19 -19.96 24.49
C THR B 185 18.60 -19.44 23.18
N ALA B 186 17.28 -19.24 23.17
CA ALA B 186 16.55 -18.75 21.99
C ALA B 186 15.16 -18.25 22.34
N GLU B 187 14.58 -17.42 21.46
CA GLU B 187 13.19 -16.97 21.59
C GLU B 187 12.24 -18.13 21.35
N ILE B 188 11.11 -18.13 22.06
CA ILE B 188 10.13 -19.22 21.96
C ILE B 188 8.74 -18.76 21.52
N SER B 189 7.99 -19.67 20.89
CA SER B 189 6.63 -19.38 20.44
C SER B 189 5.71 -20.59 20.65
N LEU B 190 4.62 -20.39 21.36
CA LEU B 190 3.70 -21.48 21.71
C LEU B 190 2.23 -21.15 21.54
N ARG B 191 1.87 -19.92 21.89
CA ARG B 191 0.47 -19.54 22.07
C ARG B 191 -0.29 -19.20 20.80
N ASN B 192 -1.42 -19.88 20.62
CA ASN B 192 -2.41 -19.53 19.59
C ASN B 192 -3.59 -18.80 20.24
N SER B 193 -4.67 -18.58 19.48
CA SER B 193 -5.85 -17.85 19.96
C SER B 193 -6.34 -18.25 21.37
N PRO B 194 -6.65 -19.55 21.60
CA PRO B 194 -7.15 -19.95 22.92
C PRO B 194 -6.12 -19.77 24.05
N ALA B 195 -4.85 -19.98 23.73
CA ALA B 195 -3.77 -19.86 24.70
C ALA B 195 -3.45 -18.41 25.06
N VAL B 196 -3.69 -17.50 24.12
CA VAL B 196 -3.55 -16.06 24.35
C VAL B 196 -4.66 -15.57 25.29
N LEU B 197 -5.90 -15.99 25.02
CA LEU B 197 -7.07 -15.52 25.75
C LEU B 197 -7.24 -16.16 27.13
N GLY B 198 -6.91 -17.44 27.26
CA GLY B 198 -7.23 -18.19 28.47
C GLY B 198 -6.14 -19.03 29.12
N TRP B 199 -4.88 -18.80 28.73
CA TRP B 199 -3.74 -19.49 29.34
C TRP B 199 -2.61 -18.51 29.69
N PRO B 200 -2.82 -17.69 30.75
CA PRO B 200 -1.93 -16.56 31.06
C PRO B 200 -0.50 -16.95 31.46
N ARG B 201 -0.34 -18.08 32.14
CA ARG B 201 0.98 -18.48 32.64
C ARG B 201 1.78 -19.38 31.70
N VAL B 202 1.44 -19.30 30.41
CA VAL B 202 2.17 -20.02 29.35
C VAL B 202 3.14 -19.05 28.66
N PRO B 203 4.44 -19.41 28.57
CA PRO B 203 5.46 -18.52 28.01
C PRO B 203 5.39 -18.41 26.49
N SER B 204 5.72 -17.24 25.97
CA SER B 204 5.82 -16.98 24.53
C SER B 204 6.45 -15.60 24.28
N ASP B 205 7.57 -15.59 23.57
CA ASP B 205 8.16 -14.34 23.08
C ASP B 205 7.37 -13.87 21.86
N TRP B 206 6.88 -14.84 21.09
CA TRP B 206 6.03 -14.59 19.93
C TRP B 206 4.72 -15.36 20.08
N VAL B 207 3.59 -14.64 20.04
CA VAL B 207 2.27 -15.28 19.99
C VAL B 207 1.73 -15.32 18.57
N ARG B 208 0.92 -16.33 18.26
CA ARG B 208 0.40 -16.50 16.90
C ARG B 208 -1.14 -16.53 16.88
N PRO B 209 -1.79 -15.37 17.07
CA PRO B 209 -3.26 -15.37 17.04
C PRO B 209 -3.82 -15.48 15.61
N GLY B 210 -4.83 -16.33 15.46
CA GLY B 210 -5.53 -16.48 14.19
C GLY B 210 -6.98 -16.07 14.35
N LEU B 211 -7.83 -17.02 14.74
CA LEU B 211 -9.27 -16.81 14.92
C LEU B 211 -9.61 -15.55 15.72
N MET B 212 -8.83 -15.28 16.76
CA MET B 212 -8.94 -14.05 17.57
C MET B 212 -9.18 -12.79 16.75
N LEU B 213 -8.32 -12.58 15.75
CA LEU B 213 -8.32 -11.36 14.95
C LEU B 213 -9.65 -11.11 14.24
N TYR B 214 -10.38 -12.20 13.99
CA TYR B 214 -11.62 -12.15 13.23
C TYR B 214 -12.86 -12.08 14.12
N GLY B 215 -12.64 -11.88 15.42
CA GLY B 215 -13.71 -11.58 16.37
C GLY B 215 -14.52 -12.75 16.88
N SER B 216 -14.03 -13.97 16.65
CA SER B 216 -14.73 -15.16 17.10
C SER B 216 -14.01 -15.83 18.26
N SER B 217 -14.78 -16.38 19.19
CA SER B 217 -14.26 -17.06 20.37
C SER B 217 -14.00 -18.55 20.09
N PRO B 218 -12.85 -19.07 20.57
CA PRO B 218 -12.55 -20.49 20.38
C PRO B 218 -13.15 -21.40 21.45
N PHE B 219 -13.84 -20.83 22.43
CA PHE B 219 -14.36 -21.58 23.56
C PHE B 219 -15.87 -21.85 23.47
N ASP B 220 -16.30 -23.00 23.98
CA ASP B 220 -17.71 -23.32 24.15
C ASP B 220 -18.30 -22.48 25.28
N GLU B 221 -17.57 -22.39 26.37
CA GLU B 221 -17.97 -21.62 27.55
C GLU B 221 -17.73 -20.13 27.35
N PRO B 222 -18.50 -19.27 28.06
CA PRO B 222 -18.21 -17.84 28.09
C PRO B 222 -16.90 -17.54 28.81
N GLN B 223 -16.11 -16.63 28.25
CA GLN B 223 -14.80 -16.26 28.79
C GLN B 223 -14.70 -14.75 28.86
N ALA B 224 -14.17 -14.26 29.98
CA ALA B 224 -14.05 -12.81 30.22
C ALA B 224 -13.25 -12.08 29.14
N THR B 225 -12.04 -12.58 28.87
CA THR B 225 -11.15 -11.97 27.87
C THR B 225 -11.72 -12.08 26.46
N ALA B 226 -12.38 -13.20 26.17
CA ALA B 226 -12.94 -13.45 24.84
C ALA B 226 -14.18 -12.61 24.54
N SER B 227 -14.81 -12.08 25.58
CA SER B 227 -15.98 -11.20 25.43
C SER B 227 -15.61 -9.83 24.86
N ARG B 228 -14.34 -9.47 24.97
CA ARG B 228 -13.82 -8.20 24.49
C ARG B 228 -13.60 -8.18 22.97
N LEU B 229 -13.68 -9.35 22.35
CA LEU B 229 -13.48 -9.51 20.90
C LEU B 229 -14.63 -8.90 20.10
N GLN B 230 -14.27 -8.26 18.98
CA GLN B 230 -15.26 -7.63 18.10
C GLN B 230 -15.32 -8.35 16.75
N PRO B 231 -16.52 -8.86 16.38
CA PRO B 231 -16.71 -9.58 15.11
C PRO B 231 -16.34 -8.71 13.91
N VAL B 232 -15.55 -9.27 13.00
CA VAL B 232 -15.08 -8.55 11.82
C VAL B 232 -16.04 -8.73 10.64
N MET B 233 -16.33 -9.97 10.28
CA MET B 233 -17.14 -10.28 9.10
C MET B 233 -18.64 -10.28 9.38
N THR B 234 -19.38 -9.53 8.57
CA THR B 234 -20.84 -9.60 8.56
C THR B 234 -21.28 -10.14 7.21
N LEU B 235 -21.88 -11.33 7.23
CA LEU B 235 -22.41 -11.94 6.02
C LEU B 235 -23.92 -11.71 5.95
N GLU B 236 -24.35 -10.98 4.93
CA GLU B 236 -25.76 -10.61 4.79
C GLU B 236 -26.27 -10.69 3.36
N SER B 237 -27.59 -10.84 3.22
CA SER B 237 -28.25 -10.84 1.93
C SER B 237 -29.67 -10.28 2.08
N LYS B 238 -30.51 -10.48 1.06
CA LYS B 238 -31.88 -9.99 1.10
C LYS B 238 -32.90 -11.07 0.72
N VAL B 239 -34.15 -10.87 1.17
CA VAL B 239 -35.26 -11.76 0.81
C VAL B 239 -35.68 -11.47 -0.63
N ILE B 240 -35.71 -12.50 -1.45
CA ILE B 240 -36.05 -12.37 -2.87
C ILE B 240 -37.41 -13.00 -3.24
N CYS B 241 -37.96 -13.81 -2.33
CA CYS B 241 -39.23 -14.50 -2.56
C CYS B 241 -40.00 -14.73 -1.26
N VAL B 242 -41.29 -14.41 -1.28
CA VAL B 242 -42.16 -14.54 -0.10
C VAL B 242 -43.36 -15.43 -0.42
N ARG B 243 -43.62 -16.41 0.45
CA ARG B 243 -44.67 -17.39 0.23
C ARG B 243 -45.45 -17.71 1.51
N GLU B 244 -46.78 -17.79 1.38
CA GLU B 244 -47.65 -18.21 2.49
C GLU B 244 -48.11 -19.65 2.28
N LEU B 245 -47.88 -20.50 3.28
CA LEU B 245 -48.20 -21.92 3.19
C LEU B 245 -49.03 -22.43 4.35
N PRO B 246 -50.01 -23.32 4.07
CA PRO B 246 -50.76 -23.99 5.13
C PRO B 246 -49.92 -25.05 5.84
N ALA B 247 -50.49 -25.66 6.88
CA ALA B 247 -49.82 -26.73 7.62
C ALA B 247 -49.76 -28.01 6.79
N GLY B 248 -48.66 -28.75 6.94
CA GLY B 248 -48.47 -30.01 6.24
C GLY B 248 -47.85 -29.88 4.86
N GLU B 249 -47.07 -28.82 4.65
CA GLU B 249 -46.41 -28.58 3.38
C GLU B 249 -44.89 -28.75 3.48
N PRO B 250 -44.31 -29.55 2.57
CA PRO B 250 -42.86 -29.79 2.56
C PRO B 250 -42.08 -28.62 1.98
N VAL B 251 -40.94 -28.30 2.58
CA VAL B 251 -40.12 -27.17 2.14
C VAL B 251 -38.70 -27.63 1.77
N GLY B 252 -38.30 -27.33 0.54
CA GLY B 252 -36.93 -27.60 0.07
C GLY B 252 -36.69 -29.03 -0.39
N TYR B 253 -35.41 -29.32 -0.68
CA TYR B 253 -35.00 -30.66 -1.12
C TYR B 253 -35.23 -31.72 -0.05
N GLY B 254 -35.66 -32.90 -0.50
CA GLY B 254 -35.83 -34.05 0.38
C GLY B 254 -36.95 -33.94 1.40
N ALA B 255 -37.72 -32.85 1.33
CA ALA B 255 -38.81 -32.55 2.26
C ALA B 255 -38.40 -32.69 3.74
N ARG B 256 -37.18 -32.27 4.04
CA ARG B 256 -36.62 -32.41 5.39
C ARG B 256 -37.29 -31.48 6.41
N PHE B 257 -38.19 -30.63 5.94
CA PHE B 257 -39.00 -29.79 6.82
C PHE B 257 -40.43 -29.68 6.33
N ILE B 258 -41.38 -30.06 7.17
CA ILE B 258 -42.80 -29.96 6.88
C ILE B 258 -43.42 -28.95 7.84
N THR B 259 -44.23 -28.04 7.30
CA THR B 259 -44.88 -26.98 8.08
C THR B 259 -45.75 -27.56 9.19
N PRO B 260 -45.41 -27.27 10.46
CA PRO B 260 -46.23 -27.75 11.59
C PRO B 260 -47.50 -26.90 11.78
N LYS B 261 -47.49 -25.69 11.23
CA LYS B 261 -48.61 -24.76 11.32
C LYS B 261 -48.64 -23.90 10.05
N PRO B 262 -49.72 -23.12 9.84
CA PRO B 262 -49.69 -22.14 8.74
C PRO B 262 -48.57 -21.11 8.96
N MET B 263 -47.73 -20.91 7.95
CA MET B 263 -46.53 -20.08 8.08
C MET B 263 -46.32 -19.14 6.90
N ARG B 264 -45.45 -18.14 7.10
CA ARG B 264 -44.99 -17.27 6.03
C ARG B 264 -43.51 -17.51 5.77
N ILE B 265 -43.18 -17.85 4.53
CA ILE B 265 -41.86 -18.35 4.15
C ILE B 265 -41.08 -17.34 3.31
N GLY B 266 -39.80 -17.18 3.61
CA GLY B 266 -38.92 -16.27 2.87
C GLY B 266 -37.71 -16.96 2.27
N VAL B 267 -37.39 -16.60 1.03
CA VAL B 267 -36.23 -17.17 0.33
C VAL B 267 -35.11 -16.12 0.23
N VAL B 268 -33.93 -16.47 0.74
CA VAL B 268 -32.79 -15.56 0.83
C VAL B 268 -31.70 -15.94 -0.18
N ALA B 269 -31.12 -14.92 -0.82
CA ALA B 269 -30.04 -15.14 -1.80
C ALA B 269 -28.71 -15.45 -1.12
N MET B 270 -28.62 -16.67 -0.59
CA MET B 270 -27.43 -17.17 0.10
C MET B 270 -27.49 -18.70 0.15
N GLY B 271 -26.41 -19.36 -0.26
CA GLY B 271 -26.38 -20.82 -0.28
C GLY B 271 -25.09 -21.40 0.25
N TYR B 272 -24.95 -22.72 0.15
CA TYR B 272 -23.73 -23.38 0.66
C TYR B 272 -22.49 -23.18 -0.19
N ALA B 273 -22.70 -22.80 -1.45
CA ALA B 273 -21.61 -22.44 -2.36
C ALA B 273 -20.97 -21.12 -1.95
N ASP B 274 -21.77 -20.24 -1.35
CA ASP B 274 -21.30 -18.93 -0.88
C ASP B 274 -20.46 -19.06 0.39
N GLY B 275 -20.68 -20.14 1.14
CA GLY B 275 -19.93 -20.40 2.36
C GLY B 275 -20.79 -20.76 3.56
N TYR B 276 -22.10 -20.63 3.42
CA TYR B 276 -23.03 -20.97 4.50
C TYR B 276 -23.13 -22.49 4.66
N PRO B 277 -23.00 -22.98 5.90
CA PRO B 277 -23.00 -24.43 6.12
C PRO B 277 -24.34 -25.10 5.78
N ARG B 278 -24.28 -26.15 4.96
CA ARG B 278 -25.46 -26.96 4.65
C ARG B 278 -25.86 -27.79 5.87
N GLN B 279 -24.89 -28.06 6.73
CA GLN B 279 -25.10 -28.82 7.96
C GLN B 279 -26.00 -28.10 8.96
N ALA B 280 -26.24 -26.81 8.75
CA ALA B 280 -27.10 -26.01 9.61
C ALA B 280 -28.55 -26.50 9.58
N PRO B 281 -29.04 -27.01 10.71
CA PRO B 281 -30.38 -27.60 10.76
C PRO B 281 -31.47 -26.56 10.94
N THR B 282 -32.72 -26.98 10.78
CA THR B 282 -33.88 -26.15 11.06
C THR B 282 -33.78 -25.61 12.49
N GLY B 283 -33.91 -24.29 12.63
CA GLY B 283 -33.79 -23.64 13.92
C GLY B 283 -32.62 -22.67 14.01
N THR B 284 -31.61 -22.90 13.17
CA THR B 284 -30.41 -22.05 13.11
C THR B 284 -30.81 -20.59 12.90
N PRO B 285 -30.32 -19.69 13.79
CA PRO B 285 -30.81 -18.31 13.84
C PRO B 285 -30.27 -17.32 12.80
N VAL B 286 -31.22 -16.61 12.17
CA VAL B 286 -31.08 -15.23 11.70
C VAL B 286 -32.06 -14.59 12.70
N PHE B 287 -32.36 -13.28 12.75
CA PHE B 287 -31.80 -12.08 12.08
C PHE B 287 -32.20 -11.64 10.67
N VAL B 288 -33.41 -11.07 10.63
CA VAL B 288 -33.95 -10.34 9.50
C VAL B 288 -34.69 -9.11 10.04
N ASP B 289 -34.26 -7.92 9.61
CA ASP B 289 -34.80 -6.62 10.08
C ASP B 289 -34.79 -6.47 11.60
N GLY B 290 -33.64 -6.74 12.21
CA GLY B 290 -33.44 -6.55 13.65
C GLY B 290 -34.13 -7.55 14.56
N VAL B 291 -34.80 -8.54 13.96
CA VAL B 291 -35.55 -9.55 14.73
C VAL B 291 -34.99 -10.96 14.47
N ARG B 292 -34.82 -11.72 15.54
CA ARG B 292 -34.27 -13.08 15.47
C ARG B 292 -35.32 -14.07 14.97
N SER B 293 -35.01 -14.73 13.86
CA SER B 293 -35.87 -15.77 13.28
C SER B 293 -35.11 -17.12 13.21
N GLN B 294 -35.46 -17.95 12.24
CA GLN B 294 -34.85 -19.28 12.11
C GLN B 294 -34.80 -19.82 10.68
N LEU B 295 -33.78 -20.62 10.40
CA LEU B 295 -33.61 -21.30 9.12
C LEU B 295 -34.62 -22.44 8.99
N LEU B 296 -35.17 -22.61 7.79
CA LEU B 296 -36.18 -23.65 7.55
C LEU B 296 -35.84 -24.54 6.36
N GLY B 297 -35.72 -25.83 6.62
CA GLY B 297 -35.45 -26.81 5.57
C GLY B 297 -34.00 -26.87 5.13
N ARG B 298 -33.75 -27.60 4.04
CA ARG B 298 -32.41 -27.75 3.49
C ARG B 298 -31.92 -26.46 2.83
N VAL B 299 -30.63 -26.20 2.98
CA VAL B 299 -29.98 -25.08 2.30
C VAL B 299 -29.62 -25.53 0.89
N SER B 300 -30.04 -24.75 -0.11
CA SER B 300 -29.69 -25.00 -1.50
C SER B 300 -28.32 -24.41 -1.82
N MET B 301 -27.84 -24.66 -3.04
CA MET B 301 -26.53 -24.19 -3.48
C MET B 301 -26.40 -22.66 -3.45
N ASP B 302 -27.48 -21.97 -3.82
CA ASP B 302 -27.47 -20.51 -3.91
C ASP B 302 -28.55 -19.85 -3.05
N MET B 303 -29.51 -20.66 -2.58
CA MET B 303 -30.66 -20.13 -1.85
C MET B 303 -30.88 -20.85 -0.52
N LEU B 304 -31.29 -20.09 0.49
CA LEU B 304 -31.73 -20.66 1.76
C LEU B 304 -33.10 -20.09 2.12
N CYS B 305 -33.79 -20.76 3.04
CA CYS B 305 -35.15 -20.41 3.41
C CYS B 305 -35.28 -20.07 4.89
N ILE B 306 -35.94 -18.95 5.18
CA ILE B 306 -36.14 -18.48 6.56
C ILE B 306 -37.63 -18.29 6.92
N ASP B 307 -37.90 -18.21 8.22
CA ASP B 307 -39.24 -18.02 8.74
C ASP B 307 -39.59 -16.53 8.82
N LEU B 308 -40.77 -16.17 8.33
CA LEU B 308 -41.24 -14.79 8.38
C LEU B 308 -42.62 -14.68 9.05
N THR B 309 -43.03 -15.76 9.71
CA THR B 309 -44.34 -15.83 10.37
C THR B 309 -44.47 -14.81 11.50
N ASP B 310 -43.48 -14.79 12.40
CA ASP B 310 -43.52 -13.93 13.57
C ASP B 310 -42.94 -12.52 13.33
N VAL B 311 -42.46 -12.28 12.11
CA VAL B 311 -41.93 -10.98 11.73
C VAL B 311 -42.87 -10.33 10.69
N PRO B 312 -43.80 -9.47 11.16
CA PRO B 312 -44.94 -9.00 10.35
C PRO B 312 -44.55 -8.07 9.20
N GLN B 313 -43.68 -7.09 9.46
CA GLN B 313 -43.32 -6.10 8.44
C GLN B 313 -41.99 -6.39 7.74
N ALA B 314 -41.65 -7.67 7.68
CA ALA B 314 -40.53 -8.14 6.87
C ALA B 314 -41.06 -8.83 5.63
N GLY B 315 -40.38 -8.63 4.50
CA GLY B 315 -40.78 -9.25 3.24
C GLY B 315 -39.73 -9.06 2.18
N LEU B 316 -40.17 -8.71 0.98
CA LEU B 316 -39.27 -8.49 -0.16
C LEU B 316 -38.29 -7.36 0.09
N GLY B 317 -36.99 -7.67 -0.04
CA GLY B 317 -35.94 -6.67 0.10
C GLY B 317 -35.45 -6.45 1.51
N SER B 318 -35.96 -7.25 2.45
CA SER B 318 -35.54 -7.18 3.85
C SER B 318 -34.13 -7.74 4.00
N THR B 319 -33.29 -7.01 4.73
CA THR B 319 -31.90 -7.43 4.97
C THR B 319 -31.85 -8.57 5.97
N VAL B 320 -31.12 -9.63 5.61
CA VAL B 320 -30.97 -10.81 6.45
C VAL B 320 -29.50 -10.98 6.81
N GLU B 321 -29.19 -11.00 8.11
CA GLU B 321 -27.83 -11.30 8.56
C GLU B 321 -27.71 -12.79 8.83
N LEU B 322 -26.74 -13.43 8.19
CA LEU B 322 -26.47 -14.85 8.41
C LEU B 322 -25.54 -15.04 9.60
N TRP B 323 -24.46 -14.25 9.62
CA TRP B 323 -23.64 -14.07 10.82
C TRP B 323 -22.93 -12.71 10.82
N GLY B 324 -22.51 -12.28 12.01
CA GLY B 324 -21.86 -10.98 12.18
C GLY B 324 -21.89 -10.52 13.64
N LYS B 325 -22.31 -9.29 13.86
CA LYS B 325 -22.35 -8.70 15.21
C LYS B 325 -23.60 -9.09 15.98
N ASN B 326 -24.65 -9.47 15.25
CA ASN B 326 -25.93 -9.83 15.85
C ASN B 326 -26.09 -11.34 16.03
N ILE B 327 -25.70 -12.08 15.01
CA ILE B 327 -25.60 -13.53 15.11
C ILE B 327 -24.13 -13.89 15.06
N LEU B 328 -23.58 -14.34 16.18
CA LEU B 328 -22.18 -14.72 16.25
C LEU B 328 -21.94 -15.94 15.37
N ALA B 329 -20.80 -15.96 14.69
CA ALA B 329 -20.42 -17.07 13.83
C ALA B 329 -20.35 -18.39 14.61
N SER B 330 -20.04 -18.29 15.91
CA SER B 330 -19.98 -19.45 16.79
C SER B 330 -21.37 -20.08 17.01
N GLU B 331 -22.41 -19.27 16.93
CA GLU B 331 -23.80 -19.76 17.06
C GLU B 331 -24.21 -20.60 15.86
N VAL B 332 -23.78 -20.19 14.67
CA VAL B 332 -24.07 -20.92 13.43
C VAL B 332 -23.20 -22.17 13.34
N ALA B 333 -21.93 -22.04 13.71
CA ALA B 333 -20.98 -23.15 13.68
C ALA B 333 -21.34 -24.26 14.66
N THR B 334 -21.77 -23.88 15.87
CA THR B 334 -22.15 -24.85 16.90
C THR B 334 -23.47 -25.56 16.54
N ALA B 335 -24.32 -24.88 15.79
CA ALA B 335 -25.59 -25.45 15.32
C ALA B 335 -25.34 -26.44 14.19
N ALA B 336 -24.38 -26.12 13.33
CA ALA B 336 -24.00 -26.98 12.20
C ALA B 336 -22.94 -28.01 12.60
N ASP B 337 -22.73 -28.14 13.92
CA ASP B 337 -21.81 -29.13 14.51
C ASP B 337 -20.37 -29.00 13.99
N THR B 338 -19.87 -27.77 13.96
CA THR B 338 -18.51 -27.48 13.50
C THR B 338 -17.92 -26.26 14.24
N ILE B 339 -16.74 -25.82 13.80
CA ILE B 339 -16.06 -24.68 14.41
C ILE B 339 -16.06 -23.47 13.46
N PRO B 340 -16.07 -22.24 14.02
CA PRO B 340 -16.11 -21.01 13.21
C PRO B 340 -15.01 -20.92 12.16
N TYR B 341 -13.86 -21.55 12.44
CA TYR B 341 -12.74 -21.64 11.51
C TYR B 341 -13.17 -22.03 10.09
N GLN B 342 -13.96 -23.10 10.01
CA GLN B 342 -14.34 -23.71 8.74
C GLN B 342 -15.27 -22.85 7.90
N ILE B 343 -16.34 -22.34 8.52
CA ILE B 343 -17.35 -21.55 7.80
C ILE B 343 -16.80 -20.21 7.29
N PHE B 344 -15.81 -19.67 8.00
CA PHE B 344 -15.09 -18.48 7.54
C PHE B 344 -14.33 -18.79 6.25
N CYS B 345 -13.60 -19.90 6.26
CA CYS B 345 -12.79 -20.33 5.11
C CYS B 345 -13.63 -20.69 3.89
N ASN B 346 -14.84 -21.18 4.12
CA ASN B 346 -15.73 -21.61 3.05
C ASN B 346 -16.31 -20.46 2.22
N LEU B 347 -16.10 -19.22 2.68
CA LEU B 347 -16.62 -18.02 2.02
C LEU B 347 -16.15 -17.91 0.57
N LYS B 348 -17.12 -17.78 -0.34
CA LYS B 348 -16.85 -17.74 -1.77
C LYS B 348 -17.87 -16.85 -2.49
N ARG B 349 -17.54 -16.50 -3.74
CA ARG B 349 -18.46 -15.83 -4.66
C ARG B 349 -18.89 -14.42 -4.26
N VAL B 350 -19.34 -14.27 -3.01
CA VAL B 350 -19.80 -12.99 -2.48
C VAL B 350 -18.68 -11.95 -2.46
N PRO B 351 -18.99 -10.70 -2.88
CA PRO B 351 -17.99 -9.63 -2.81
C PRO B 351 -17.74 -9.19 -1.36
N ARG B 352 -16.48 -8.93 -1.03
CA ARG B 352 -16.11 -8.44 0.30
C ARG B 352 -15.90 -6.93 0.29
N LEU B 353 -16.70 -6.22 1.08
CA LEU B 353 -16.59 -4.77 1.20
C LEU B 353 -15.82 -4.38 2.46
N TYR B 354 -14.70 -3.69 2.26
CA TYR B 354 -13.79 -3.35 3.35
C TYR B 354 -14.04 -1.94 3.89
N SER B 355 -14.35 -1.86 5.18
CA SER B 355 -14.60 -0.59 5.85
C SER B 355 -14.14 -0.61 7.31
N GLY B 356 -14.63 0.34 8.11
CA GLY B 356 -14.25 0.46 9.51
C GLY B 356 -13.34 1.65 9.78
N MET C 1 33.09 38.68 5.68
CA MET C 1 31.81 37.93 5.52
C MET C 1 31.90 36.94 4.36
N ARG C 2 31.01 35.96 4.34
CA ARG C 2 30.94 34.98 3.26
C ARG C 2 30.59 35.66 1.93
N PRO C 3 31.42 35.44 0.89
CA PRO C 3 31.27 36.14 -0.38
C PRO C 3 30.05 35.72 -1.21
N ALA C 4 29.36 34.68 -0.76
CA ALA C 4 28.17 34.16 -1.45
C ALA C 4 27.02 35.17 -1.44
N ARG C 5 26.54 35.53 -2.62
CA ARG C 5 25.50 36.54 -2.78
C ARG C 5 24.60 36.29 -3.99
N ALA C 6 23.33 36.65 -3.85
CA ALA C 6 22.37 36.57 -4.96
C ALA C 6 21.93 37.97 -5.38
N LEU C 7 22.22 38.32 -6.62
CA LEU C 7 21.89 39.64 -7.15
C LEU C 7 20.56 39.63 -7.91
N ILE C 8 19.59 40.37 -7.39
CA ILE C 8 18.23 40.41 -7.97
C ILE C 8 18.05 41.69 -8.78
N ASP C 9 17.90 41.51 -10.10
CA ASP C 9 17.70 42.63 -11.03
C ASP C 9 16.21 42.94 -11.17
N LEU C 10 15.75 43.93 -10.41
CA LEU C 10 14.34 44.31 -10.38
C LEU C 10 13.88 45.00 -11.66
N GLN C 11 14.81 45.68 -12.33
CA GLN C 11 14.52 46.35 -13.59
C GLN C 11 14.30 45.32 -14.70
N ALA C 12 14.98 44.18 -14.60
CA ALA C 12 14.75 43.04 -15.49
C ALA C 12 13.43 42.35 -15.18
N LEU C 13 13.08 42.29 -13.89
CA LEU C 13 11.81 41.75 -13.44
C LEU C 13 10.64 42.54 -14.00
N ARG C 14 10.75 43.87 -13.94
CA ARG C 14 9.77 44.79 -14.50
C ARG C 14 9.61 44.56 -16.01
N HIS C 15 10.75 44.35 -16.69
CA HIS C 15 10.79 44.14 -18.13
C HIS C 15 10.07 42.86 -18.55
N ASN C 16 10.27 41.78 -17.79
CA ASN C 16 9.67 40.48 -18.07
C ASN C 16 8.17 40.46 -17.86
N TYR C 17 7.70 41.19 -16.84
CA TYR C 17 6.27 41.30 -16.56
C TYR C 17 5.54 42.09 -17.64
N GLN C 18 6.18 43.14 -18.13
CA GLN C 18 5.61 43.98 -19.20
C GLN C 18 5.53 43.23 -20.52
N LEU C 19 6.44 42.29 -20.71
CA LEU C 19 6.47 41.44 -21.90
C LEU C 19 5.28 40.48 -21.91
N ALA C 20 4.87 40.03 -20.72
CA ALA C 20 3.71 39.16 -20.57
C ALA C 20 2.43 39.86 -21.05
N ARG C 21 2.32 41.16 -20.77
CA ARG C 21 1.20 41.98 -21.23
C ARG C 21 1.22 42.21 -22.74
N GLU C 22 2.39 42.60 -23.24
CA GLU C 22 2.56 42.97 -24.65
C GLU C 22 2.19 41.85 -25.61
N VAL C 23 2.73 40.66 -25.38
CA VAL C 23 2.52 39.51 -26.26
C VAL C 23 1.11 38.93 -26.16
N THR C 24 0.52 39.00 -24.97
CA THR C 24 -0.79 38.39 -24.72
C THR C 24 -1.97 39.37 -24.90
N GLY C 25 -1.73 40.65 -24.58
CA GLY C 25 -2.78 41.67 -24.64
C GLY C 25 -3.85 41.51 -23.58
N ALA C 26 -3.46 41.02 -22.40
CA ALA C 26 -4.40 40.73 -21.32
C ALA C 26 -3.84 41.10 -19.94
N LYS C 27 -4.71 41.11 -18.93
CA LYS C 27 -4.31 41.35 -17.55
C LYS C 27 -3.46 40.20 -17.02
N ALA C 28 -2.42 40.54 -16.26
CA ALA C 28 -1.45 39.55 -15.79
C ALA C 28 -1.32 39.49 -14.28
N LEU C 29 -1.58 38.31 -13.72
CA LEU C 29 -1.31 38.05 -12.32
C LEU C 29 0.12 37.58 -12.17
N ALA C 30 0.95 38.40 -11.52
CA ALA C 30 2.32 38.04 -11.22
C ALA C 30 2.34 36.95 -10.16
N VAL C 31 2.65 35.73 -10.59
CA VAL C 31 2.69 34.57 -9.71
C VAL C 31 3.95 34.64 -8.85
N ILE C 32 3.76 34.97 -7.57
CA ILE C 32 4.88 35.16 -6.64
C ILE C 32 4.82 34.17 -5.48
N ALA C 34 5.83 30.71 -3.26
CA ALA C 34 7.13 30.20 -2.80
C ALA C 34 8.21 31.29 -2.70
N ASP C 35 7.86 32.39 -2.05
CA ASP C 35 8.72 33.57 -1.89
C ASP C 35 9.19 34.10 -3.26
N ALA C 36 8.24 34.19 -4.19
CA ALA C 36 8.50 34.53 -5.59
C ALA C 36 9.64 33.70 -6.17
N TYR C 37 9.48 32.38 -6.12
CA TYR C 37 10.47 31.43 -6.64
C TYR C 37 11.86 31.72 -6.07
N GLY C 38 11.92 32.01 -4.77
CA GLY C 38 13.17 32.29 -4.08
C GLY C 38 13.81 33.63 -4.36
N HIS C 39 13.10 34.51 -5.06
CA HIS C 39 13.62 35.84 -5.40
C HIS C 39 13.26 36.90 -4.35
N GLY C 40 12.30 36.57 -3.49
CA GLY C 40 11.80 37.51 -2.48
C GLY C 40 10.47 38.09 -2.88
N ALA C 41 9.39 37.52 -2.35
CA ALA C 41 8.02 37.90 -2.69
C ALA C 41 7.71 39.37 -2.42
N VAL C 42 8.06 39.82 -1.23
CA VAL C 42 7.77 41.19 -0.77
C VAL C 42 8.42 42.24 -1.67
N ARG C 43 9.74 42.15 -1.84
CA ARG C 43 10.50 43.11 -2.65
C ARG C 43 10.12 43.08 -4.13
N CYS C 44 9.77 41.91 -4.63
CA CYS C 44 9.31 41.74 -6.01
C CYS C 44 7.91 42.33 -6.21
N ALA C 45 7.05 42.17 -5.21
CA ALA C 45 5.70 42.71 -5.24
C ALA C 45 5.72 44.23 -5.16
N GLN C 46 6.61 44.76 -4.33
CA GLN C 46 6.79 46.21 -4.18
C GLN C 46 7.27 46.87 -5.47
N ALA C 47 8.17 46.18 -6.17
CA ALA C 47 8.72 46.67 -7.44
C ALA C 47 7.70 46.66 -8.56
N LEU C 48 6.70 45.80 -8.45
CA LEU C 48 5.70 45.62 -9.50
C LEU C 48 4.36 46.31 -9.25
N GLU C 49 4.03 46.51 -7.96
CA GLU C 49 2.71 47.00 -7.54
C GLU C 49 2.17 48.18 -8.37
N ALA C 50 3.03 49.17 -8.61
CA ALA C 50 2.64 50.39 -9.33
C ALA C 50 1.98 50.12 -10.68
N GLU C 51 2.44 49.08 -11.37
CA GLU C 51 2.00 48.80 -12.74
C GLU C 51 1.49 47.37 -12.95
N ALA C 52 1.15 46.67 -11.88
CA ALA C 52 0.72 45.28 -11.96
C ALA C 52 -0.78 45.09 -11.72
N ASP C 53 -1.38 44.15 -12.46
CA ASP C 53 -2.81 43.83 -12.36
C ASP C 53 -3.15 43.10 -11.07
N GLY C 54 -2.19 42.35 -10.53
CA GLY C 54 -2.38 41.61 -9.29
C GLY C 54 -1.31 40.55 -9.08
N PHE C 55 -1.42 39.85 -7.96
CA PHE C 55 -0.45 38.80 -7.60
C PHE C 55 -1.15 37.49 -7.28
N ALA C 56 -0.41 36.39 -7.41
CA ALA C 56 -0.92 35.06 -7.07
C ALA C 56 0.08 34.31 -6.19
N VAL C 57 -0.45 33.68 -5.14
CA VAL C 57 0.35 32.88 -4.21
C VAL C 57 -0.31 31.53 -3.92
N ALA C 58 0.42 30.63 -3.28
CA ALA C 58 -0.06 29.27 -3.02
C ALA C 58 -1.01 29.16 -1.83
N CYS C 59 -0.74 29.93 -0.78
CA CYS C 59 -1.49 29.82 0.47
C CYS C 59 -1.79 31.18 1.10
N ILE C 60 -2.55 31.17 2.19
CA ILE C 60 -2.95 32.40 2.88
C ILE C 60 -1.79 33.05 3.65
N GLU C 61 -0.91 32.24 4.22
CA GLU C 61 0.23 32.75 4.99
C GLU C 61 1.21 33.55 4.14
N GLU C 62 1.28 33.23 2.84
CA GLU C 62 2.06 34.02 1.89
C GLU C 62 1.33 35.32 1.54
N ALA C 63 0.01 35.26 1.50
CA ALA C 63 -0.83 36.41 1.18
C ALA C 63 -0.90 37.41 2.36
N LEU C 64 -0.93 36.89 3.58
CA LEU C 64 -0.91 37.71 4.78
C LEU C 64 0.43 38.42 4.96
N GLU C 65 1.49 37.84 4.40
CA GLU C 65 2.83 38.44 4.42
C GLU C 65 2.89 39.67 3.50
N LEU C 66 2.13 39.63 2.41
CA LEU C 66 2.07 40.73 1.45
C LEU C 66 1.25 41.90 1.99
N ARG C 67 0.20 41.59 2.75
CA ARG C 67 -0.64 42.62 3.37
C ARG C 67 0.08 43.35 4.50
N ALA C 68 0.88 42.60 5.25
CA ALA C 68 1.63 43.14 6.37
C ALA C 68 2.71 44.13 5.94
N ALA C 69 3.20 43.96 4.71
CA ALA C 69 4.24 44.82 4.15
C ALA C 69 3.65 46.03 3.43
N GLY C 70 2.33 46.08 3.35
CA GLY C 70 1.63 47.21 2.74
C GLY C 70 1.34 47.09 1.26
N ILE C 71 1.25 45.86 0.76
CA ILE C 71 0.83 45.62 -0.62
C ILE C 71 -0.70 45.51 -0.64
N ARG C 72 -1.36 46.37 -1.40
CA ARG C 72 -2.81 46.30 -1.52
C ARG C 72 -3.33 46.13 -2.96
N ALA C 73 -2.52 45.49 -3.79
CA ALA C 73 -2.96 45.00 -5.10
C ALA C 73 -3.77 43.71 -4.88
N PRO C 74 -4.58 43.29 -5.88
CA PRO C 74 -5.37 42.07 -5.70
C PRO C 74 -4.48 40.82 -5.57
N ILE C 75 -4.80 39.97 -4.59
CA ILE C 75 -4.05 38.73 -4.38
C ILE C 75 -4.95 37.51 -4.52
N LEU C 76 -4.60 36.62 -5.45
CA LEU C 76 -5.34 35.39 -5.68
C LEU C 76 -4.70 34.21 -4.94
N LEU C 77 -5.50 33.49 -4.18
CA LEU C 77 -5.05 32.25 -3.55
C LEU C 77 -5.23 31.11 -4.54
N LEU C 78 -4.12 30.67 -5.13
CA LEU C 78 -4.14 29.67 -6.21
C LEU C 78 -4.75 28.32 -5.83
N GLU C 79 -4.66 27.96 -4.55
CA GLU C 79 -5.24 26.71 -4.05
C GLU C 79 -6.46 26.95 -3.17
N GLY C 80 -6.83 28.23 -3.01
CA GLY C 80 -7.95 28.62 -2.17
C GLY C 80 -7.66 28.47 -0.70
N PHE C 81 -8.69 28.12 0.07
CA PHE C 81 -8.55 27.90 1.51
C PHE C 81 -8.41 26.41 1.84
N PHE C 82 -7.57 26.12 2.82
CA PHE C 82 -7.34 24.74 3.25
C PHE C 82 -8.29 24.35 4.38
N GLU C 83 -8.64 25.33 5.21
CA GLU C 83 -9.62 25.15 6.28
C GLU C 83 -10.73 26.19 6.17
N ALA C 84 -11.92 25.84 6.66
CA ALA C 84 -13.11 26.67 6.53
C ALA C 84 -13.01 28.02 7.24
N ASP C 85 -12.34 28.03 8.40
CA ASP C 85 -12.22 29.24 9.21
C ASP C 85 -11.14 30.21 8.71
N GLU C 86 -10.67 29.98 7.48
CA GLU C 86 -9.78 30.92 6.79
C GLU C 86 -10.59 32.03 6.13
N LEU C 87 -11.86 31.76 5.86
CA LEU C 87 -12.75 32.67 5.13
C LEU C 87 -12.88 34.09 5.72
N PRO C 88 -13.06 34.21 7.06
CA PRO C 88 -13.07 35.55 7.65
C PRO C 88 -11.81 36.37 7.36
N LEU C 89 -10.66 35.70 7.26
CA LEU C 89 -9.39 36.36 6.92
C LEU C 89 -9.33 36.75 5.43
N ILE C 90 -9.99 35.95 4.60
CA ILE C 90 -10.08 36.21 3.16
C ILE C 90 -10.95 37.43 2.87
N VAL C 91 -12.04 37.56 3.61
CA VAL C 91 -12.95 38.70 3.49
C VAL C 91 -12.31 39.98 4.05
N GLU C 92 -11.71 39.85 5.23
CA GLU C 92 -11.03 40.95 5.92
C GLU C 92 -9.96 41.62 5.06
N HIS C 93 -9.21 40.83 4.32
CA HIS C 93 -8.10 41.34 3.49
C HIS C 93 -8.41 41.34 2.00
N ASP C 94 -9.67 41.07 1.65
CA ASP C 94 -10.17 41.07 0.26
C ASP C 94 -9.32 40.21 -0.69
N PHE C 95 -9.06 38.97 -0.29
CA PHE C 95 -8.34 38.03 -1.13
C PHE C 95 -9.26 37.39 -2.16
N TRP C 96 -8.72 37.13 -3.35
CA TRP C 96 -9.45 36.37 -4.35
C TRP C 96 -9.18 34.88 -4.12
N CYS C 97 -10.23 34.08 -4.19
CA CYS C 97 -10.16 32.68 -3.78
C CYS C 97 -10.40 31.73 -4.95
N VAL C 98 -9.63 30.63 -4.99
CA VAL C 98 -9.83 29.58 -5.98
C VAL C 98 -10.60 28.40 -5.37
N VAL C 99 -11.66 28.00 -6.06
CA VAL C 99 -12.39 26.79 -5.70
C VAL C 99 -12.06 25.69 -6.70
N HIS C 100 -11.46 24.61 -6.20
CA HIS C 100 -11.04 23.50 -7.05
C HIS C 100 -11.81 22.21 -6.74
N SER C 101 -12.51 22.19 -5.61
CA SER C 101 -13.28 21.01 -5.21
C SER C 101 -14.65 21.37 -4.66
N LEU C 102 -15.54 20.37 -4.62
CA LEU C 102 -16.92 20.58 -4.17
C LEU C 102 -17.05 20.85 -2.67
N TRP C 103 -16.07 20.38 -1.89
CA TRP C 103 -16.07 20.62 -0.44
C TRP C 103 -15.78 22.08 -0.12
N GLN C 104 -15.03 22.75 -0.99
CA GLN C 104 -14.76 24.18 -0.87
C GLN C 104 -16.00 24.99 -1.23
N LEU C 105 -16.76 24.48 -2.19
CA LEU C 105 -18.02 25.09 -2.60
C LEU C 105 -19.06 25.03 -1.49
N ASP C 106 -19.10 23.89 -0.79
CA ASP C 106 -20.01 23.68 0.34
C ASP C 106 -19.70 24.63 1.50
N ALA C 107 -18.41 24.84 1.75
CA ALA C 107 -17.94 25.69 2.85
C ALA C 107 -18.35 27.16 2.68
N ILE C 108 -18.29 27.64 1.44
CA ILE C 108 -18.69 29.02 1.11
C ILE C 108 -20.21 29.15 1.17
N GLU C 109 -20.91 28.14 0.67
CA GLU C 109 -22.37 28.12 0.59
C GLU C 109 -23.05 28.12 1.97
N GLN C 110 -22.36 27.57 2.96
CA GLN C 110 -22.93 27.41 4.31
C GLN C 110 -22.57 28.56 5.25
N ALA C 111 -21.33 29.03 5.18
CA ALA C 111 -20.84 30.11 6.05
C ALA C 111 -21.39 31.48 5.63
N ARG C 112 -21.53 32.37 6.60
CA ARG C 112 -22.00 33.74 6.33
C ARG C 112 -20.85 34.74 6.33
N LEU C 113 -20.71 35.44 5.21
CA LEU C 113 -19.61 36.38 4.99
C LEU C 113 -20.06 37.82 5.15
N ALA C 114 -19.21 38.65 5.75
CA ALA C 114 -19.49 40.07 5.94
C ALA C 114 -19.57 40.82 4.61
N LYS C 115 -18.72 40.39 3.66
CA LYS C 115 -18.70 40.94 2.31
C LYS C 115 -18.55 39.80 1.31
N PRO C 116 -19.10 39.97 0.08
CA PRO C 116 -18.93 38.93 -0.95
C PRO C 116 -17.50 38.85 -1.49
N ILE C 117 -17.09 37.64 -1.88
CA ILE C 117 -15.72 37.39 -2.35
C ILE C 117 -15.66 37.00 -3.84
N HIS C 118 -14.48 37.14 -4.42
CA HIS C 118 -14.24 36.71 -5.81
C HIS C 118 -13.84 35.23 -5.85
N VAL C 119 -14.54 34.46 -6.68
CA VAL C 119 -14.27 33.04 -6.83
C VAL C 119 -13.69 32.75 -8.21
N TRP C 120 -12.49 32.17 -8.23
CA TRP C 120 -11.86 31.70 -9.45
C TRP C 120 -12.04 30.19 -9.54
N LEU C 121 -13.10 29.77 -10.21
CA LEU C 121 -13.49 28.36 -10.28
C LEU C 121 -12.57 27.56 -11.22
N LEU C 123 -11.28 24.29 -13.30
CA LEU C 123 -11.68 23.08 -14.00
C LEU C 123 -10.45 22.18 -14.16
N ASP C 124 -10.62 20.90 -13.87
CA ASP C 124 -9.63 19.90 -14.25
C ASP C 124 -9.91 19.49 -15.70
N SER C 125 -9.13 20.04 -16.61
CA SER C 125 -9.33 19.80 -18.04
C SER C 125 -8.33 18.82 -18.65
N GLY C 126 -7.58 18.11 -17.80
CA GLY C 126 -6.64 17.12 -18.28
C GLY C 126 -5.48 16.76 -17.36
N MET C 127 -5.00 17.74 -16.60
CA MET C 127 -3.82 17.55 -15.74
C MET C 127 -4.06 16.57 -14.60
N HIS C 128 -5.30 16.54 -14.10
CA HIS C 128 -5.72 15.70 -12.97
C HIS C 128 -4.93 15.99 -11.68
N ARG C 129 -4.65 17.27 -11.44
CA ARG C 129 -4.12 17.72 -10.17
C ARG C 129 -5.31 18.14 -9.30
N VAL C 130 -5.58 19.45 -9.23
CA VAL C 130 -6.79 19.95 -8.58
C VAL C 130 -7.74 20.57 -9.60
N GLY C 131 -9.04 20.54 -9.30
CA GLY C 131 -10.06 21.03 -10.22
C GLY C 131 -11.28 20.13 -10.29
N LEU C 132 -12.41 20.70 -10.69
CA LEU C 132 -13.66 19.96 -10.78
C LEU C 132 -13.73 19.11 -12.05
N HIS C 133 -14.66 18.16 -12.06
CA HIS C 133 -14.98 17.40 -13.27
C HIS C 133 -15.87 18.25 -14.17
N PRO C 134 -15.62 18.22 -15.50
CA PRO C 134 -16.44 18.95 -16.48
C PRO C 134 -17.96 18.80 -16.32
N ASN C 135 -18.41 17.68 -15.75
CA ASN C 135 -19.84 17.46 -15.47
C ASN C 135 -20.36 18.38 -14.38
N ASP C 136 -19.54 18.61 -13.36
CA ASP C 136 -19.91 19.40 -12.18
C ASP C 136 -19.76 20.90 -12.41
N TYR C 137 -19.01 21.28 -13.43
CA TYR C 137 -18.62 22.67 -13.67
C TYR C 137 -19.80 23.64 -13.82
N LYS C 138 -20.77 23.28 -14.67
CA LYS C 138 -21.95 24.13 -14.91
C LYS C 138 -22.84 24.23 -13.68
N ALA C 139 -22.95 23.13 -12.93
CA ALA C 139 -23.74 23.08 -11.70
C ALA C 139 -23.11 23.89 -10.57
N ALA C 140 -21.78 23.82 -10.46
CA ALA C 140 -21.03 24.54 -9.43
C ALA C 140 -21.08 26.05 -9.64
N TYR C 141 -21.04 26.47 -10.91
CA TYR C 141 -21.11 27.88 -11.29
C TYR C 141 -22.44 28.51 -10.89
N GLN C 142 -23.53 27.78 -11.13
CA GLN C 142 -24.89 28.25 -10.81
C GLN C 142 -25.13 28.32 -9.30
N ARG C 143 -24.51 27.41 -8.56
CA ARG C 143 -24.55 27.43 -7.10
C ARG C 143 -23.80 28.64 -6.53
N LEU C 144 -22.71 29.03 -7.20
CA LEU C 144 -21.94 30.21 -6.83
C LEU C 144 -22.68 31.50 -7.23
N GLN C 145 -23.34 31.46 -8.38
CA GLN C 145 -24.06 32.62 -8.93
C GLN C 145 -25.26 33.00 -8.07
N ALA C 146 -25.89 32.00 -7.45
CA ALA C 146 -27.04 32.23 -6.58
C ALA C 146 -26.68 32.02 -5.10
N SER C 147 -25.53 32.55 -4.70
CA SER C 147 -25.04 32.40 -3.33
C SER C 147 -25.11 33.67 -2.50
N ALA C 148 -24.94 34.82 -3.16
CA ALA C 148 -24.87 36.14 -2.51
C ALA C 148 -23.61 36.31 -1.65
N ASN C 149 -22.78 35.27 -1.59
CA ASN C 149 -21.47 35.32 -0.95
C ASN C 149 -20.36 35.49 -2.01
N VAL C 150 -20.75 35.45 -3.28
CA VAL C 150 -19.83 35.59 -4.39
C VAL C 150 -20.18 36.82 -5.21
N ALA C 151 -19.18 37.68 -5.43
CA ALA C 151 -19.38 38.92 -6.17
C ALA C 151 -19.06 38.76 -7.66
N LYS C 152 -18.05 37.93 -7.97
CA LYS C 152 -17.57 37.74 -9.33
C LYS C 152 -17.02 36.33 -9.51
N ILE C 153 -17.21 35.76 -10.70
CA ILE C 153 -16.70 34.43 -11.01
C ILE C 153 -15.78 34.45 -12.23
N VAL C 154 -14.56 33.96 -12.06
CA VAL C 154 -13.60 33.80 -13.14
C VAL C 154 -13.37 32.31 -13.39
N LEU C 155 -13.49 31.89 -14.64
CA LEU C 155 -13.30 30.49 -15.01
C LEU C 155 -11.82 30.23 -15.30
N MET C 156 -11.23 29.27 -14.61
CA MET C 156 -9.81 28.96 -14.79
C MET C 156 -9.50 27.47 -14.97
N SER C 157 -8.41 27.19 -15.67
CA SER C 157 -7.87 25.84 -15.82
C SER C 157 -6.36 25.91 -16.05
N HIS C 158 -5.68 24.77 -15.94
CA HIS C 158 -4.22 24.74 -16.00
C HIS C 158 -3.68 23.65 -16.93
N PHE C 159 -2.66 24.02 -17.72
CA PHE C 159 -2.08 23.11 -18.72
C PHE C 159 -1.06 22.15 -18.12
N ALA C 160 -1.16 20.88 -18.53
CA ALA C 160 -0.27 19.82 -18.05
C ALA C 160 1.05 19.78 -18.82
N ARG C 161 0.99 20.07 -20.12
CA ARG C 161 2.16 19.95 -21.00
C ARG C 161 2.28 21.15 -21.95
N ALA C 162 2.23 22.36 -21.38
CA ALA C 162 2.32 23.58 -22.18
C ALA C 162 3.73 23.86 -22.68
N ASP C 163 4.71 23.30 -21.99
CA ASP C 163 6.13 23.47 -22.34
C ASP C 163 6.54 22.63 -23.55
N GLU C 164 5.73 21.63 -23.89
CA GLU C 164 5.99 20.78 -25.06
C GLU C 164 5.22 21.30 -26.26
N LEU C 165 5.95 21.93 -27.18
CA LEU C 165 5.35 22.62 -28.33
C LEU C 165 4.85 21.66 -29.41
N ASP C 166 5.48 20.49 -29.51
CA ASP C 166 5.04 19.44 -30.44
C ASP C 166 3.75 18.75 -29.99
N CYS C 167 3.58 18.64 -28.67
CA CYS C 167 2.43 17.97 -28.07
C CYS C 167 1.13 18.75 -28.31
N THR C 168 0.04 18.01 -28.54
CA THR C 168 -1.27 18.61 -28.82
C THR C 168 -2.20 18.58 -27.62
N ARG C 169 -1.68 18.23 -26.45
CA ARG C 169 -2.47 18.14 -25.23
C ARG C 169 -3.07 19.48 -24.82
N SER C 170 -2.31 20.55 -25.03
CA SER C 170 -2.75 21.91 -24.73
C SER C 170 -4.00 22.28 -25.54
N VAL C 171 -4.05 21.87 -26.80
CA VAL C 171 -5.21 22.08 -27.68
C VAL C 171 -6.40 21.27 -27.19
N GLU C 172 -6.13 20.03 -26.75
CA GLU C 172 -7.15 19.16 -26.18
C GLU C 172 -7.77 19.76 -24.92
N GLN C 173 -6.91 20.30 -24.05
CA GLN C 173 -7.33 20.91 -22.79
C GLN C 173 -8.18 22.17 -23.00
N VAL C 174 -7.86 22.93 -24.04
CA VAL C 174 -8.64 24.11 -24.42
C VAL C 174 -10.04 23.70 -24.87
N ALA C 175 -10.11 22.65 -25.68
CA ALA C 175 -11.37 22.13 -26.21
C ALA C 175 -12.29 21.59 -25.10
N VAL C 176 -11.70 20.92 -24.10
CA VAL C 176 -12.44 20.39 -22.97
C VAL C 176 -12.95 21.52 -22.07
N PHE C 177 -12.12 22.54 -21.86
CA PHE C 177 -12.48 23.72 -21.08
C PHE C 177 -13.59 24.53 -21.74
N LEU C 178 -13.40 24.86 -23.02
CA LEU C 178 -14.39 25.61 -23.80
C LEU C 178 -15.71 24.84 -23.98
N GLY C 179 -15.61 23.52 -24.04
CA GLY C 179 -16.80 22.66 -24.14
C GLY C 179 -17.60 22.61 -22.86
N ALA C 180 -16.91 22.71 -21.73
CA ALA C 180 -17.55 22.63 -20.41
C ALA C 180 -17.93 24.00 -19.84
N ARG C 181 -17.63 25.06 -20.58
CA ARG C 181 -17.94 26.42 -20.14
C ARG C 181 -18.92 27.15 -21.06
N ALA C 182 -18.97 26.74 -22.33
CA ALA C 182 -19.84 27.38 -23.34
C ALA C 182 -21.27 27.52 -22.84
N ASP C 183 -21.87 28.67 -23.14
CA ASP C 183 -23.19 29.10 -22.63
C ASP C 183 -23.03 30.09 -21.48
N LEU C 184 -22.01 29.88 -20.65
CA LEU C 184 -21.73 30.78 -19.52
C LEU C 184 -20.94 32.00 -19.96
N THR C 185 -21.29 33.15 -19.38
CA THR C 185 -20.65 34.43 -19.73
C THR C 185 -19.81 35.00 -18.58
N ALA C 186 -18.49 34.79 -18.66
CA ALA C 186 -17.55 35.25 -17.64
C ALA C 186 -16.13 35.34 -18.21
N GLU C 187 -15.23 35.95 -17.44
CA GLU C 187 -13.82 36.04 -17.80
C GLU C 187 -13.10 34.71 -17.60
N ILE C 188 -12.13 34.42 -18.47
CA ILE C 188 -11.40 33.15 -18.43
C ILE C 188 -9.90 33.31 -18.21
N SER C 189 -9.28 32.29 -17.60
CA SER C 189 -7.84 32.29 -17.31
C SER C 189 -7.23 30.91 -17.51
N LEU C 190 -6.31 30.79 -18.46
CA LEU C 190 -5.74 29.49 -18.81
C LEU C 190 -4.21 29.49 -18.89
N ARG C 191 -3.64 30.62 -19.29
CA ARG C 191 -2.24 30.68 -19.72
C ARG C 191 -1.22 30.90 -18.61
N ASN C 192 -0.25 29.99 -18.52
CA ASN C 192 0.94 30.17 -17.69
C ASN C 192 2.14 30.59 -18.56
N SER C 193 3.34 30.56 -18.00
CA SER C 193 4.55 31.00 -18.71
C SER C 193 4.73 30.40 -20.12
N PRO C 194 4.72 29.05 -20.27
CA PRO C 194 4.87 28.48 -21.61
C PRO C 194 3.72 28.82 -22.56
N ALA C 195 2.51 28.89 -22.02
CA ALA C 195 1.31 29.18 -22.83
C ALA C 195 1.23 30.63 -23.27
N VAL C 196 1.82 31.53 -22.48
CA VAL C 196 1.93 32.95 -22.84
C VAL C 196 2.97 33.13 -23.96
N LEU C 197 4.14 32.51 -23.78
CA LEU C 197 5.25 32.64 -24.72
C LEU C 197 5.04 31.92 -26.05
N GLY C 198 4.52 30.69 -26.00
CA GLY C 198 4.50 29.82 -27.18
C GLY C 198 3.16 29.34 -27.71
N TRP C 199 2.06 29.78 -27.09
CA TRP C 199 0.71 29.40 -27.52
C TRP C 199 -0.17 30.63 -27.77
N PRO C 200 0.03 31.31 -28.92
CA PRO C 200 -0.62 32.60 -29.19
C PRO C 200 -2.13 32.52 -29.41
N ARG C 201 -2.62 31.38 -29.91
CA ARG C 201 -4.05 31.23 -30.22
C ARG C 201 -4.89 30.66 -29.06
N VAL C 202 -4.31 30.64 -27.86
CA VAL C 202 -5.02 30.21 -26.66
C VAL C 202 -5.64 31.43 -25.96
N PRO C 203 -6.97 31.42 -25.77
CA PRO C 203 -7.68 32.56 -25.17
C PRO C 203 -7.46 32.69 -23.67
N SER C 204 -7.33 33.93 -23.20
CA SER C 204 -7.24 34.26 -21.77
C SER C 204 -7.51 35.74 -21.53
N ASP C 205 -8.43 36.02 -20.63
CA ASP C 205 -8.69 37.40 -20.18
C ASP C 205 -7.70 37.76 -19.08
N TRP C 206 -7.34 36.75 -18.28
CA TRP C 206 -6.28 36.88 -17.29
C TRP C 206 -5.20 35.84 -17.58
N VAL C 207 -3.93 36.26 -17.52
CA VAL C 207 -2.81 35.33 -17.65
C VAL C 207 -2.03 35.24 -16.33
N ARG C 208 -1.37 34.10 -16.11
CA ARG C 208 -0.68 33.86 -14.84
C ARG C 208 0.80 33.48 -15.07
N PRO C 209 1.64 34.47 -15.42
CA PRO C 209 3.04 34.15 -15.66
C PRO C 209 3.85 34.03 -14.37
N GLY C 210 4.50 32.89 -14.19
CA GLY C 210 5.37 32.66 -13.04
C GLY C 210 6.83 32.75 -13.45
N LEU C 211 7.39 31.62 -13.87
CA LEU C 211 8.81 31.54 -14.28
C LEU C 211 9.24 32.68 -15.21
N MET C 212 8.38 33.01 -16.17
CA MET C 212 8.57 34.15 -17.09
C MET C 212 9.23 35.37 -16.46
N LEU C 213 8.68 35.81 -15.34
CA LEU C 213 9.09 37.04 -14.67
C LEU C 213 10.55 37.00 -14.24
N TYR C 214 11.03 35.80 -13.93
CA TYR C 214 12.35 35.60 -13.35
C TYR C 214 13.44 35.39 -14.41
N GLY C 215 13.05 35.52 -15.67
CA GLY C 215 13.99 35.57 -16.79
C GLY C 215 14.45 34.23 -17.34
N SER C 216 13.77 33.15 -16.96
CA SER C 216 14.14 31.82 -17.41
C SER C 216 13.09 31.22 -18.36
N SER C 217 13.57 30.59 -19.42
CA SER C 217 12.70 29.93 -20.40
C SER C 217 12.29 28.53 -19.90
N PRO C 218 11.00 28.18 -20.09
CA PRO C 218 10.49 26.86 -19.68
C PRO C 218 10.69 25.76 -20.75
N PHE C 219 11.30 26.11 -21.87
CA PHE C 219 11.47 25.18 -22.99
C PHE C 219 12.87 24.55 -23.04
N ASP C 220 12.94 23.36 -23.63
CA ASP C 220 14.23 22.71 -23.93
C ASP C 220 14.85 23.38 -25.15
N GLU C 221 14.03 23.54 -26.20
CA GLU C 221 14.42 24.21 -27.44
C GLU C 221 14.49 25.72 -27.22
N PRO C 222 15.29 26.43 -28.05
CA PRO C 222 15.19 27.89 -28.07
C PRO C 222 13.87 28.37 -28.71
N GLN C 223 13.32 29.44 -28.15
CA GLN C 223 12.04 30.01 -28.61
C GLN C 223 12.20 31.51 -28.85
N ALA C 224 11.59 31.99 -29.93
CA ALA C 224 11.70 33.39 -30.35
C ALA C 224 11.23 34.39 -29.29
N THR C 225 10.05 34.15 -28.73
CA THR C 225 9.48 35.03 -27.71
C THR C 225 10.20 34.89 -26.37
N ALA C 226 10.73 33.71 -26.09
CA ALA C 226 11.50 33.46 -24.87
C ALA C 226 12.90 34.07 -24.93
N SER C 227 13.41 34.32 -26.13
CA SER C 227 14.70 34.98 -26.33
C SER C 227 14.70 36.43 -25.85
N ARG C 228 13.50 36.98 -25.64
CA ARG C 228 13.33 38.35 -25.19
C ARG C 228 13.32 38.49 -23.66
N LEU C 229 13.54 37.38 -22.95
CA LEU C 229 13.52 37.37 -21.50
C LEU C 229 14.89 37.75 -20.92
N GLN C 230 14.86 38.54 -19.85
CA GLN C 230 16.09 38.98 -19.17
C GLN C 230 16.22 38.31 -17.80
N PRO C 231 17.29 37.51 -17.61
CA PRO C 231 17.57 36.83 -16.34
C PRO C 231 17.63 37.79 -15.16
N VAL C 232 16.90 37.47 -14.10
CA VAL C 232 16.77 38.34 -12.93
C VAL C 232 17.84 38.03 -11.87
N MET C 233 17.97 36.75 -11.51
CA MET C 233 18.87 36.34 -10.44
C MET C 233 20.29 36.05 -10.95
N THR C 234 21.27 36.56 -10.21
CA THR C 234 22.66 36.23 -10.44
C THR C 234 23.24 35.71 -9.12
N LEU C 235 23.50 34.40 -9.08
CA LEU C 235 24.06 33.76 -7.90
C LEU C 235 25.56 33.60 -8.10
N GLU C 236 26.35 34.22 -7.23
CA GLU C 236 27.80 34.20 -7.33
C GLU C 236 28.51 34.08 -5.99
N SER C 237 29.77 33.66 -6.04
CA SER C 237 30.63 33.56 -4.87
C SER C 237 32.10 33.77 -5.26
N LYS C 238 33.01 33.40 -4.36
CA LYS C 238 34.45 33.55 -4.59
C LYS C 238 35.22 32.27 -4.28
N VAL C 239 36.38 32.12 -4.92
CA VAL C 239 37.28 31.01 -4.63
C VAL C 239 37.98 31.29 -3.31
N ILE C 240 37.84 30.35 -2.37
CA ILE C 240 38.38 30.50 -1.02
C ILE C 240 39.62 29.62 -0.78
N CYS C 241 39.91 28.74 -1.73
CA CYS C 241 41.02 27.78 -1.62
C CYS C 241 41.47 27.29 -3.00
N VAL C 242 42.75 27.41 -3.28
CA VAL C 242 43.34 26.96 -4.54
C VAL C 242 44.35 25.84 -4.29
N ARG C 243 44.25 24.76 -5.07
CA ARG C 243 45.13 23.60 -4.91
C ARG C 243 45.56 23.01 -6.25
N GLU C 244 46.83 22.61 -6.33
CA GLU C 244 47.35 21.90 -7.49
C GLU C 244 47.51 20.41 -7.21
N LEU C 245 47.01 19.58 -8.11
CA LEU C 245 47.01 18.14 -7.93
C LEU C 245 47.60 17.40 -9.14
N PRO C 246 48.37 16.33 -8.89
CA PRO C 246 48.80 15.45 -9.98
C PRO C 246 47.65 14.58 -10.47
N ALA C 247 47.88 13.82 -11.53
CA ALA C 247 46.87 12.89 -12.05
C ALA C 247 46.65 11.71 -11.10
N GLY C 248 45.42 11.21 -11.07
CA GLY C 248 45.07 10.05 -10.25
C GLY C 248 44.68 10.36 -8.82
N GLU C 249 44.26 11.60 -8.57
CA GLU C 249 43.86 12.03 -7.22
C GLU C 249 42.34 12.18 -7.10
N PRO C 250 41.75 11.57 -6.07
CA PRO C 250 40.31 11.69 -5.81
C PRO C 250 39.93 13.04 -5.22
N VAL C 251 38.83 13.62 -5.70
CA VAL C 251 38.38 14.94 -5.24
C VAL C 251 36.94 14.87 -4.68
N GLY C 252 36.78 15.25 -3.42
CA GLY C 252 35.47 15.35 -2.79
C GLY C 252 34.93 14.06 -2.16
N TYR C 253 33.66 14.11 -1.75
CA TYR C 253 33.00 12.95 -1.12
C TYR C 253 32.83 11.77 -2.06
N GLY C 254 33.04 10.57 -1.52
CA GLY C 254 32.85 9.33 -2.28
C GLY C 254 33.78 9.14 -3.47
N ALA C 255 34.79 10.00 -3.57
CA ALA C 255 35.76 9.99 -4.68
C ALA C 255 35.09 9.84 -6.06
N ARG C 256 34.01 10.59 -6.27
CA ARG C 256 33.23 10.49 -7.51
C ARG C 256 33.87 11.24 -8.67
N PHE C 257 35.03 11.86 -8.41
CA PHE C 257 35.85 12.44 -9.47
C PHE C 257 37.34 12.21 -9.18
N ILE C 258 38.02 11.61 -10.15
CA ILE C 258 39.47 11.37 -10.06
C ILE C 258 40.15 12.14 -11.19
N THR C 259 41.22 12.86 -10.84
CA THR C 259 41.96 13.68 -11.79
C THR C 259 42.49 12.86 -12.97
N PRO C 260 42.05 13.18 -14.20
CA PRO C 260 42.56 12.49 -15.39
C PRO C 260 43.93 13.02 -15.84
N LYS C 261 44.28 14.22 -15.38
CA LYS C 261 45.52 14.90 -15.74
C LYS C 261 45.95 15.79 -14.58
N PRO C 262 47.19 16.33 -14.62
CA PRO C 262 47.53 17.36 -13.63
C PRO C 262 46.61 18.57 -13.76
N MET C 263 45.99 18.97 -12.66
CA MET C 263 44.98 20.03 -12.67
C MET C 263 45.15 21.05 -11.55
N ARG C 264 44.73 22.27 -11.81
CA ARG C 264 44.61 23.30 -10.77
C ARG C 264 43.15 23.42 -10.36
N ILE C 265 42.92 23.29 -9.05
CA ILE C 265 41.59 23.15 -8.49
C ILE C 265 41.23 24.34 -7.59
N GLY C 266 40.00 24.83 -7.71
CA GLY C 266 39.50 25.91 -6.87
C GLY C 266 38.28 25.50 -6.06
N VAL C 267 38.22 25.98 -4.82
CA VAL C 267 37.11 25.68 -3.92
C VAL C 267 36.26 26.92 -3.71
N VAL C 268 34.96 26.81 -3.98
CA VAL C 268 34.03 27.94 -3.98
C VAL C 268 33.14 27.92 -2.74
N ALA C 269 32.85 29.09 -2.19
CA ALA C 269 31.95 29.22 -1.04
C ALA C 269 30.48 29.19 -1.48
N MET C 270 29.99 27.98 -1.77
CA MET C 270 28.62 27.74 -2.22
C MET C 270 28.34 26.24 -2.20
N GLY C 271 27.22 25.84 -1.61
CA GLY C 271 26.87 24.42 -1.51
C GLY C 271 25.41 24.13 -1.85
N TYR C 272 24.97 22.90 -1.60
CA TYR C 272 23.58 22.52 -1.86
C TYR C 272 22.58 23.08 -0.85
N ALA C 273 23.06 23.47 0.31
CA ALA C 273 22.25 24.11 1.34
C ALA C 273 21.83 25.51 0.91
N ASP C 274 22.71 26.18 0.17
CA ASP C 274 22.45 27.52 -0.36
C ASP C 274 21.42 27.52 -1.49
N GLY C 275 21.24 26.36 -2.13
CA GLY C 275 20.26 26.21 -3.20
C GLY C 275 20.80 25.62 -4.49
N TYR C 276 22.12 25.44 -4.56
CA TYR C 276 22.75 24.85 -5.74
C TYR C 276 22.52 23.34 -5.80
N PRO C 277 22.09 22.82 -6.97
CA PRO C 277 21.77 21.38 -7.07
C PRO C 277 22.97 20.47 -6.84
N ARG C 278 22.79 19.46 -5.99
CA ARG C 278 23.79 18.42 -5.77
C ARG C 278 23.78 17.45 -6.95
N GLN C 279 22.64 17.40 -7.65
CA GLN C 279 22.45 16.57 -8.82
C GLN C 279 23.29 17.01 -10.03
N ALA C 280 23.85 18.21 -9.96
CA ALA C 280 24.74 18.73 -11.00
C ALA C 280 26.04 17.92 -11.04
N PRO C 281 26.30 17.24 -12.18
CA PRO C 281 27.46 16.35 -12.27
C PRO C 281 28.73 17.09 -12.70
N THR C 282 29.84 16.35 -12.77
CA THR C 282 31.10 16.89 -13.27
C THR C 282 30.92 17.31 -14.73
N GLY C 283 31.25 18.58 -15.01
CA GLY C 283 31.08 19.14 -16.34
C GLY C 283 30.07 20.28 -16.41
N THR C 284 29.37 20.50 -15.29
CA THR C 284 28.38 21.59 -15.18
C THR C 284 29.10 22.94 -15.22
N PRO C 285 28.66 23.84 -16.12
CA PRO C 285 29.40 25.07 -16.41
C PRO C 285 29.25 26.27 -15.45
N VAL C 286 30.39 26.70 -14.91
CA VAL C 286 30.69 28.10 -14.57
C VAL C 286 31.60 28.42 -15.77
N PHE C 287 32.22 29.59 -15.96
CA PHE C 287 32.08 30.94 -15.35
C PHE C 287 32.80 31.37 -14.07
N VAL C 288 34.08 31.72 -14.29
CA VAL C 288 34.94 32.39 -13.32
C VAL C 288 35.85 33.37 -14.07
N ASP C 289 35.83 34.64 -13.64
CA ASP C 289 36.62 35.73 -14.24
C ASP C 289 36.40 35.89 -15.76
N GLY C 290 35.14 35.74 -16.19
CA GLY C 290 34.78 35.96 -17.59
C GLY C 290 35.13 34.84 -18.55
N VAL C 291 35.48 33.68 -18.02
CA VAL C 291 35.80 32.50 -18.82
C VAL C 291 34.97 31.31 -18.34
N ARG C 292 34.44 30.56 -19.30
CA ARG C 292 33.65 29.37 -19.01
C ARG C 292 34.54 28.22 -18.54
N SER C 293 34.21 27.66 -17.38
CA SER C 293 34.92 26.51 -16.82
C SER C 293 33.94 25.37 -16.51
N GLN C 294 34.20 24.58 -15.47
CA GLN C 294 33.33 23.46 -15.10
C GLN C 294 33.39 23.07 -13.61
N LEU C 295 32.31 22.44 -13.15
CA LEU C 295 32.21 21.92 -11.79
C LEU C 295 32.88 20.54 -11.72
N LEU C 296 33.60 20.29 -10.63
CA LEU C 296 34.31 19.03 -10.45
C LEU C 296 33.92 18.29 -9.17
N GLY C 297 33.38 17.09 -9.34
CA GLY C 297 33.06 16.22 -8.21
C GLY C 297 31.79 16.58 -7.47
N ARG C 298 31.65 16.03 -6.27
CA ARG C 298 30.47 16.24 -5.44
C ARG C 298 30.41 17.65 -4.85
N VAL C 299 29.20 18.20 -4.85
CA VAL C 299 28.92 19.45 -4.15
C VAL C 299 28.72 19.13 -2.67
N SER C 300 29.50 19.77 -1.81
CA SER C 300 29.35 19.64 -0.37
C SER C 300 28.21 20.56 0.11
N MET C 301 27.91 20.50 1.40
CA MET C 301 26.81 21.29 1.98
C MET C 301 27.03 22.80 1.83
N ASP C 302 28.26 23.25 2.03
CA ASP C 302 28.58 24.68 2.00
C ASP C 302 29.59 25.03 0.91
N MET C 303 30.21 24.01 0.32
CA MET C 303 31.31 24.21 -0.63
C MET C 303 31.16 23.39 -1.90
N LEU C 304 31.51 23.99 -3.03
CA LEU C 304 31.63 23.27 -4.28
C LEU C 304 33.02 23.49 -4.89
N CYS C 305 33.34 22.72 -5.91
CA CYS C 305 34.69 22.70 -6.46
C CYS C 305 34.68 22.91 -7.98
N ILE C 306 35.52 23.85 -8.44
CA ILE C 306 35.60 24.19 -9.86
C ILE C 306 37.00 23.98 -10.45
N ASP C 307 37.06 23.91 -11.77
CA ASP C 307 38.31 23.74 -12.51
C ASP C 307 38.98 25.09 -12.76
N LEU C 308 40.27 25.17 -12.46
CA LEU C 308 41.06 26.39 -12.68
C LEU C 308 42.30 26.14 -13.53
N THR C 309 42.34 24.99 -14.19
CA THR C 309 43.48 24.59 -15.01
C THR C 309 43.67 25.49 -16.23
N ASP C 310 42.62 25.64 -17.03
CA ASP C 310 42.69 26.40 -18.29
C ASP C 310 42.48 27.91 -18.13
N VAL C 311 42.21 28.35 -16.91
CA VAL C 311 42.08 29.78 -16.61
C VAL C 311 43.31 30.24 -15.80
N PRO C 312 44.24 30.97 -16.46
CA PRO C 312 45.56 31.27 -15.91
C PRO C 312 45.57 32.23 -14.73
N GLN C 313 44.97 33.41 -14.90
CA GLN C 313 44.99 34.43 -13.85
C GLN C 313 43.73 34.45 -12.98
N ALA C 314 43.24 33.25 -12.65
CA ALA C 314 42.17 33.07 -11.68
C ALA C 314 42.73 32.35 -10.46
N GLY C 315 42.24 32.72 -9.28
CA GLY C 315 42.70 32.13 -8.03
C GLY C 315 41.89 32.60 -6.85
N LEU C 316 42.56 32.86 -5.73
CA LEU C 316 41.90 33.34 -4.52
C LEU C 316 41.15 34.64 -4.76
N GLY C 317 39.91 34.68 -4.33
CA GLY C 317 39.08 35.89 -4.43
C GLY C 317 38.49 36.17 -5.80
N SER C 318 38.67 35.24 -6.73
CA SER C 318 38.09 35.36 -8.07
C SER C 318 36.58 35.13 -8.00
N THR C 319 35.84 35.95 -8.73
CA THR C 319 34.38 35.88 -8.73
C THR C 319 33.87 34.77 -9.64
N VAL C 320 33.05 33.87 -9.07
CA VAL C 320 32.52 32.73 -9.79
C VAL C 320 31.00 32.85 -9.87
N GLU C 321 30.47 32.94 -11.09
CA GLU C 321 29.03 32.93 -11.31
C GLU C 321 28.52 31.50 -11.45
N LEU C 322 27.57 31.13 -10.60
CA LEU C 322 26.94 29.81 -10.65
C LEU C 322 25.81 29.80 -11.68
N TRP C 323 24.92 30.78 -11.58
CA TRP C 323 23.96 31.08 -12.65
C TRP C 323 23.59 32.57 -12.71
N GLY C 324 23.20 33.02 -13.90
CA GLY C 324 22.82 34.41 -14.12
C GLY C 324 22.70 34.75 -15.59
N LYS C 325 23.28 35.88 -15.97
CA LYS C 325 23.22 36.37 -17.35
C LYS C 325 24.21 35.66 -18.26
N ASN C 326 25.25 35.08 -17.67
CA ASN C 326 26.28 34.36 -18.41
C ASN C 326 26.06 32.85 -18.44
N ILE C 327 25.66 32.30 -17.31
CA ILE C 327 25.21 30.91 -17.23
C ILE C 327 23.72 30.91 -16.93
N LEU C 328 22.91 30.50 -17.91
CA LEU C 328 21.47 30.45 -17.72
C LEU C 328 21.11 29.38 -16.68
N ALA C 329 20.15 29.70 -15.82
CA ALA C 329 19.68 28.77 -14.80
C ALA C 329 19.16 27.47 -15.41
N SER C 330 18.64 27.57 -16.63
CA SER C 330 18.17 26.40 -17.37
C SER C 330 19.32 25.49 -17.82
N GLU C 331 20.52 26.05 -17.98
CA GLU C 331 21.71 25.27 -18.30
C GLU C 331 22.15 24.40 -17.12
N VAL C 332 22.08 24.96 -15.92
CA VAL C 332 22.42 24.25 -14.69
C VAL C 332 21.35 23.21 -14.36
N ALA C 333 20.08 23.62 -14.50
CA ALA C 333 18.95 22.74 -14.23
C ALA C 333 18.91 21.53 -15.15
N THR C 334 19.16 21.75 -16.45
CA THR C 334 19.15 20.68 -17.43
C THR C 334 20.32 19.71 -17.25
N ALA C 335 21.43 20.21 -16.71
CA ALA C 335 22.59 19.40 -16.39
C ALA C 335 22.31 18.55 -15.14
N ALA C 336 21.54 19.12 -14.22
CA ALA C 336 21.16 18.43 -12.98
C ALA C 336 19.92 17.58 -13.16
N ASP C 337 19.46 17.47 -14.41
CA ASP C 337 18.27 16.70 -14.80
C ASP C 337 17.00 17.17 -14.06
N THR C 338 16.83 18.48 -13.99
CA THR C 338 15.66 19.09 -13.36
C THR C 338 15.23 20.36 -14.12
N ILE C 339 14.28 21.10 -13.55
CA ILE C 339 13.78 22.34 -14.16
C ILE C 339 14.18 23.56 -13.33
N PRO C 340 14.38 24.73 -13.98
CA PRO C 340 14.81 25.94 -13.29
C PRO C 340 13.92 26.36 -12.11
N TYR C 341 12.63 26.01 -12.21
CA TYR C 341 11.68 26.22 -11.12
C TYR C 341 12.23 25.79 -9.76
N GLN C 342 12.78 24.58 -9.69
CA GLN C 342 13.22 23.97 -8.44
C GLN C 342 14.43 24.66 -7.81
N ILE C 343 15.47 24.87 -8.61
CA ILE C 343 16.73 25.45 -8.10
C ILE C 343 16.55 26.90 -7.66
N PHE C 344 15.58 27.59 -8.23
CA PHE C 344 15.18 28.93 -7.78
C PHE C 344 14.56 28.86 -6.39
N CYS C 345 13.63 27.92 -6.20
CA CYS C 345 12.92 27.73 -4.95
C CYS C 345 13.81 27.24 -3.80
N ASN C 346 14.90 26.56 -4.15
CA ASN C 346 15.82 26.00 -3.16
C ASN C 346 16.73 27.03 -2.48
N LEU C 347 16.76 28.25 -3.04
CA LEU C 347 17.65 29.30 -2.55
C LEU C 347 17.48 29.58 -1.06
N LYS C 348 18.59 29.49 -0.33
CA LYS C 348 18.61 29.67 1.12
C LYS C 348 19.90 30.35 1.56
N ARG C 349 19.89 30.89 2.78
CA ARG C 349 21.08 31.38 3.48
C ARG C 349 21.74 32.63 2.88
N VAL C 350 21.90 32.64 1.55
CA VAL C 350 22.59 33.75 0.86
C VAL C 350 21.79 35.06 0.94
N PRO C 351 22.50 36.18 1.22
CA PRO C 351 21.84 37.48 1.22
C PRO C 351 21.43 37.90 -0.19
N ARG C 352 20.16 38.27 -0.36
CA ARG C 352 19.68 38.79 -1.62
C ARG C 352 19.84 40.30 -1.66
N LEU C 353 20.54 40.78 -2.69
CA LEU C 353 20.73 42.21 -2.90
C LEU C 353 19.85 42.67 -4.06
N TYR C 354 19.07 43.72 -3.82
CA TYR C 354 18.10 44.20 -4.79
C TYR C 354 18.56 45.48 -5.50
N SER C 355 18.58 45.43 -6.83
CA SER C 355 19.04 46.54 -7.65
C SER C 355 18.31 46.56 -9.00
N GLY C 356 18.71 47.50 -9.86
CA GLY C 356 18.11 47.64 -11.19
C GLY C 356 17.91 49.08 -11.60
N MET D 1 -5.60 27.32 7.83
CA MET D 1 -4.17 27.47 7.44
C MET D 1 -3.70 26.26 6.65
N ARG D 2 -2.53 26.38 6.00
CA ARG D 2 -1.92 25.27 5.26
C ARG D 2 -1.54 24.15 6.22
N PRO D 3 -2.04 22.93 5.98
CA PRO D 3 -1.86 21.79 6.89
C PRO D 3 -0.43 21.25 6.96
N ALA D 4 0.47 21.82 6.16
CA ALA D 4 1.86 21.39 6.13
C ALA D 4 2.64 21.87 7.35
N ARG D 5 3.35 20.94 7.99
CA ARG D 5 4.13 21.24 9.20
C ARG D 5 5.31 20.28 9.36
N ALA D 6 6.35 20.76 10.04
CA ALA D 6 7.50 19.95 10.38
C ALA D 6 7.62 19.84 11.89
N LEU D 7 7.54 18.62 12.41
CA LEU D 7 7.66 18.38 13.84
C LEU D 7 9.10 18.06 14.22
N ILE D 8 9.64 18.82 15.17
CA ILE D 8 11.02 18.63 15.62
C ILE D 8 11.06 18.06 17.03
N ASP D 9 11.47 16.79 17.12
CA ASP D 9 11.59 16.10 18.39
C ASP D 9 12.93 16.43 19.05
N LEU D 10 12.91 17.42 19.95
CA LEU D 10 14.11 17.88 20.64
C LEU D 10 14.62 16.87 21.65
N GLN D 11 13.72 16.02 22.14
CA GLN D 11 14.07 14.97 23.09
C GLN D 11 14.83 13.85 22.37
N ALA D 12 14.48 13.62 21.11
CA ALA D 12 15.21 12.69 20.25
C ALA D 12 16.56 13.28 19.83
N LEU D 13 16.61 14.60 19.68
CA LEU D 13 17.84 15.32 19.37
C LEU D 13 18.86 15.19 20.49
N ARG D 14 18.39 15.38 21.73
CA ARG D 14 19.23 15.22 22.93
C ARG D 14 19.79 13.81 23.04
N HIS D 15 18.93 12.84 22.72
CA HIS D 15 19.29 11.41 22.76
C HIS D 15 20.41 11.09 21.78
N ASN D 16 20.31 11.61 20.56
CA ASN D 16 21.28 11.36 19.50
C ASN D 16 22.65 11.98 19.77
N TYR D 17 22.68 13.15 20.41
CA TYR D 17 23.92 13.81 20.78
C TYR D 17 24.67 13.06 21.88
N GLN D 18 23.92 12.57 22.87
CA GLN D 18 24.49 11.80 23.98
C GLN D 18 25.06 10.46 23.51
N LEU D 19 24.48 9.92 22.44
CA LEU D 19 24.95 8.68 21.82
C LEU D 19 26.35 8.84 21.23
N ALA D 20 26.61 10.02 20.66
CA ALA D 20 27.91 10.34 20.09
C ALA D 20 28.99 10.41 21.18
N ARG D 21 28.60 10.86 22.37
CA ARG D 21 29.50 10.91 23.52
C ARG D 21 29.77 9.52 24.10
N GLU D 22 28.71 8.71 24.20
CA GLU D 22 28.78 7.38 24.81
C GLU D 22 29.64 6.42 24.01
N VAL D 23 29.40 6.35 22.70
CA VAL D 23 30.05 5.38 21.83
C VAL D 23 31.50 5.75 21.51
N THR D 24 31.83 7.03 21.62
CA THR D 24 33.18 7.50 21.26
C THR D 24 34.08 7.83 22.46
N GLY D 25 33.47 8.23 23.58
CA GLY D 25 34.19 8.57 24.80
C GLY D 25 34.95 9.89 24.74
N ALA D 26 34.48 10.81 23.90
CA ALA D 26 35.16 12.08 23.67
C ALA D 26 34.20 13.27 23.65
N LYS D 27 34.77 14.48 23.67
CA LYS D 27 33.98 15.72 23.53
C LYS D 27 33.39 15.81 22.13
N ALA D 28 32.17 16.34 22.03
CA ALA D 28 31.48 16.43 20.75
C ALA D 28 31.03 17.86 20.44
N LEU D 29 31.40 18.34 19.26
CA LEU D 29 30.88 19.60 18.74
C LEU D 29 29.64 19.30 17.89
N ALA D 30 28.49 19.79 18.34
CA ALA D 30 27.23 19.61 17.61
C ALA D 30 27.25 20.44 16.33
N VAL D 31 27.41 19.77 15.20
CA VAL D 31 27.49 20.44 13.90
C VAL D 31 26.11 20.92 13.47
N ILE D 32 25.87 22.22 13.61
CA ILE D 32 24.55 22.80 13.35
C ILE D 32 24.58 23.84 12.22
N ALA D 34 24.14 25.30 8.25
CA ALA D 34 22.96 25.32 7.37
C ALA D 34 21.63 25.26 8.15
N ASP D 35 21.51 26.15 9.14
CA ASP D 35 20.37 26.20 10.08
C ASP D 35 20.08 24.82 10.69
N ALA D 36 21.12 24.21 11.24
CA ALA D 36 21.08 22.85 11.80
C ALA D 36 20.46 21.84 10.84
N TYR D 37 20.95 21.86 9.60
CA TYR D 37 20.44 21.00 8.52
C TYR D 37 18.94 21.21 8.31
N GLY D 38 18.49 22.46 8.44
CA GLY D 38 17.10 22.82 8.24
C GLY D 38 16.18 22.60 9.43
N HIS D 39 16.74 22.14 10.55
CA HIS D 39 15.96 21.86 11.75
C HIS D 39 15.77 23.10 12.64
N GLY D 40 16.54 24.15 12.35
CA GLY D 40 16.51 25.38 13.14
C GLY D 40 17.67 25.38 14.11
N ALA D 41 18.74 26.10 13.75
CA ALA D 41 19.97 26.12 14.53
C ALA D 41 19.81 26.69 15.93
N VAL D 42 19.02 27.77 16.04
CA VAL D 42 18.81 28.47 17.31
C VAL D 42 18.10 27.57 18.35
N ARG D 43 16.98 26.97 17.96
CA ARG D 43 16.22 26.11 18.86
C ARG D 43 16.97 24.82 19.21
N CYS D 44 17.76 24.31 18.26
CA CYS D 44 18.59 23.13 18.48
C CYS D 44 19.73 23.41 19.46
N ALA D 45 20.39 24.55 19.27
CA ALA D 45 21.51 24.97 20.14
C ALA D 45 21.05 25.22 21.57
N GLN D 46 19.89 25.86 21.73
CA GLN D 46 19.31 26.13 23.05
C GLN D 46 18.97 24.86 23.81
N ALA D 47 18.50 23.84 23.08
CA ALA D 47 18.12 22.55 23.68
C ALA D 47 19.33 21.69 24.06
N LEU D 48 20.49 22.02 23.49
CA LEU D 48 21.71 21.23 23.71
C LEU D 48 22.75 21.92 24.59
N GLU D 49 22.74 23.25 24.60
CA GLU D 49 23.78 24.04 25.28
C GLU D 49 24.09 23.60 26.71
N ALA D 50 23.04 23.19 27.43
CA ALA D 50 23.17 22.75 28.83
C ALA D 50 24.17 21.61 29.02
N GLU D 51 24.23 20.70 28.05
CA GLU D 51 25.04 19.49 28.17
C GLU D 51 26.01 19.25 26.99
N ALA D 52 26.11 20.24 26.09
CA ALA D 52 26.97 20.12 24.93
C ALA D 52 28.35 20.74 25.16
N ASP D 53 29.36 20.15 24.52
CA ASP D 53 30.74 20.63 24.62
C ASP D 53 30.96 21.88 23.77
N GLY D 54 30.15 22.01 22.71
CA GLY D 54 30.23 23.16 21.81
C GLY D 54 29.44 22.96 20.52
N PHE D 55 29.56 23.92 19.61
CA PHE D 55 28.85 23.87 18.34
C PHE D 55 29.77 24.21 17.17
N ALA D 56 29.38 23.77 15.97
CA ALA D 56 30.15 24.04 14.76
C ALA D 56 29.25 24.52 13.64
N VAL D 57 29.66 25.62 12.99
CA VAL D 57 28.90 26.22 11.88
C VAL D 57 29.78 26.47 10.66
N ALA D 58 29.15 26.83 9.54
CA ALA D 58 29.85 27.07 8.28
C ALA D 58 30.55 28.43 8.24
N CYS D 59 29.84 29.47 8.63
CA CYS D 59 30.34 30.84 8.51
C CYS D 59 30.07 31.69 9.75
N ILE D 60 30.62 32.90 9.77
CA ILE D 60 30.51 33.82 10.89
C ILE D 60 29.08 34.34 11.11
N GLU D 61 28.32 34.52 10.02
CA GLU D 61 26.93 34.99 10.11
C GLU D 61 25.98 33.97 10.76
N GLU D 62 26.34 32.69 10.66
CA GLU D 62 25.61 31.63 11.36
C GLU D 62 25.95 31.61 12.84
N ALA D 63 27.20 31.96 13.15
CA ALA D 63 27.71 31.98 14.52
C ALA D 63 27.25 33.21 15.30
N LEU D 64 27.20 34.35 14.61
CA LEU D 64 26.72 35.60 15.21
C LEU D 64 25.24 35.50 15.58
N GLU D 65 24.50 34.73 14.79
CA GLU D 65 23.08 34.47 15.04
C GLU D 65 22.88 33.76 16.38
N LEU D 66 23.78 32.83 16.70
CA LEU D 66 23.73 32.08 17.94
C LEU D 66 24.08 32.95 19.16
N ARG D 67 25.04 33.85 18.98
CA ARG D 67 25.45 34.78 20.04
C ARG D 67 24.32 35.74 20.42
N ALA D 68 23.62 36.23 19.40
CA ALA D 68 22.47 37.11 19.60
C ALA D 68 21.30 36.35 20.23
N ALA D 69 21.35 35.02 20.14
CA ALA D 69 20.31 34.16 20.68
C ALA D 69 20.65 33.63 22.09
N GLY D 70 21.70 34.16 22.69
CA GLY D 70 22.07 33.84 24.07
C GLY D 70 22.96 32.62 24.26
N ILE D 71 23.43 32.04 23.16
CA ILE D 71 24.34 30.90 23.22
C ILE D 71 25.76 31.39 23.51
N ARG D 72 26.33 30.93 24.62
CA ARG D 72 27.73 31.25 24.93
C ARG D 72 28.62 30.02 25.13
N ALA D 73 28.16 28.88 24.59
CA ALA D 73 29.00 27.71 24.44
C ALA D 73 30.00 27.97 23.30
N PRO D 74 31.16 27.28 23.30
CA PRO D 74 32.15 27.50 22.25
C PRO D 74 31.62 27.16 20.85
N ILE D 75 31.89 28.05 19.89
CA ILE D 75 31.46 27.85 18.51
C ILE D 75 32.66 27.84 17.57
N LEU D 76 32.82 26.74 16.83
CA LEU D 76 33.88 26.61 15.84
C LEU D 76 33.41 27.06 14.46
N LEU D 77 34.25 27.83 13.78
CA LEU D 77 34.01 28.20 12.39
C LEU D 77 34.71 27.21 11.48
N LEU D 78 33.95 26.27 10.92
CA LEU D 78 34.49 25.14 10.15
C LEU D 78 35.33 25.56 8.94
N GLU D 79 34.99 26.70 8.34
CA GLU D 79 35.73 27.23 7.19
C GLU D 79 36.60 28.43 7.56
N GLY D 80 36.61 28.78 8.85
CA GLY D 80 37.37 29.92 9.35
C GLY D 80 36.78 31.24 8.89
N PHE D 81 37.65 32.20 8.57
CA PHE D 81 37.22 33.50 8.05
C PHE D 81 37.42 33.61 6.55
N PHE D 82 36.49 34.30 5.89
CA PHE D 82 36.55 34.51 4.44
C PHE D 82 37.27 35.81 4.11
N GLU D 83 37.17 36.78 5.02
CA GLU D 83 37.86 38.06 4.88
C GLU D 83 38.68 38.36 6.14
N ALA D 84 39.76 39.12 5.96
CA ALA D 84 40.70 39.45 7.05
C ALA D 84 40.07 40.28 8.17
N ASP D 85 39.15 41.16 7.80
CA ASP D 85 38.49 42.05 8.76
C ASP D 85 37.42 41.36 9.61
N GLU D 86 37.37 40.03 9.56
CA GLU D 86 36.47 39.23 10.39
C GLU D 86 37.10 38.92 11.75
N LEU D 87 38.44 39.03 11.82
CA LEU D 87 39.21 38.64 13.01
C LEU D 87 38.85 39.38 14.30
N PRO D 88 38.69 40.72 14.27
CA PRO D 88 38.22 41.40 15.49
C PRO D 88 36.87 40.89 16.00
N LEU D 89 35.96 40.57 15.08
CA LEU D 89 34.66 40.00 15.44
C LEU D 89 34.79 38.61 16.07
N ILE D 90 35.76 37.84 15.59
CA ILE D 90 36.07 36.52 16.15
C ILE D 90 36.56 36.65 17.60
N VAL D 91 37.40 37.65 17.85
CA VAL D 91 37.92 37.93 19.20
C VAL D 91 36.79 38.41 20.13
N GLU D 92 36.04 39.39 19.65
CA GLU D 92 34.89 39.98 20.36
C GLU D 92 33.93 38.92 20.91
N HIS D 93 33.56 37.97 20.07
CA HIS D 93 32.58 36.94 20.44
C HIS D 93 33.21 35.60 20.82
N ASP D 94 34.54 35.56 20.85
CA ASP D 94 35.32 34.37 21.22
C ASP D 94 34.92 33.14 20.38
N PHE D 95 35.13 33.22 19.07
CA PHE D 95 34.89 32.10 18.17
C PHE D 95 36.16 31.28 17.96
N TRP D 96 36.01 29.97 17.87
CA TRP D 96 37.12 29.09 17.51
C TRP D 96 37.24 29.05 15.98
N CYS D 97 38.45 29.26 15.48
CA CYS D 97 38.67 29.46 14.05
C CYS D 97 39.45 28.32 13.41
N VAL D 98 39.03 27.91 12.21
CA VAL D 98 39.75 26.90 11.43
C VAL D 98 40.64 27.57 10.38
N VAL D 99 41.90 27.18 10.36
CA VAL D 99 42.82 27.58 9.29
C VAL D 99 43.01 26.39 8.35
N HIS D 100 42.61 26.57 7.10
CA HIS D 100 42.69 25.51 6.09
C HIS D 100 43.69 25.85 4.97
N SER D 101 44.03 27.13 4.85
CA SER D 101 44.98 27.57 3.84
C SER D 101 46.03 28.50 4.43
N LEU D 102 47.14 28.67 3.72
CA LEU D 102 48.26 29.50 4.18
C LEU D 102 47.94 30.99 4.19
N TRP D 103 47.06 31.43 3.29
CA TRP D 103 46.66 32.84 3.23
C TRP D 103 45.92 33.28 4.49
N GLN D 104 45.21 32.34 5.12
CA GLN D 104 44.54 32.57 6.40
C GLN D 104 45.55 32.69 7.53
N LEU D 105 46.62 31.90 7.44
CA LEU D 105 47.71 31.93 8.42
C LEU D 105 48.46 33.27 8.38
N ASP D 106 48.66 33.79 7.17
CA ASP D 106 49.31 35.08 6.96
C ASP D 106 48.50 36.23 7.56
N ALA D 107 47.17 36.13 7.44
CA ALA D 107 46.26 37.14 7.97
C ALA D 107 46.31 37.23 9.50
N ILE D 108 46.37 36.07 10.16
CA ILE D 108 46.46 35.99 11.62
C ILE D 108 47.82 36.49 12.12
N GLU D 109 48.88 36.10 11.40
CA GLU D 109 50.25 36.45 11.76
C GLU D 109 50.50 37.96 11.73
N GLN D 110 49.90 38.65 10.75
CA GLN D 110 50.13 40.07 10.55
C GLN D 110 49.22 40.97 11.39
N ALA D 111 48.00 40.51 11.66
CA ALA D 111 47.02 41.30 12.42
C ALA D 111 47.36 41.35 13.91
N ARG D 112 46.94 42.44 14.57
CA ARG D 112 47.11 42.59 16.02
C ARG D 112 45.78 42.44 16.74
N LEU D 113 45.64 41.33 17.45
CA LEU D 113 44.41 40.97 18.13
C LEU D 113 44.44 41.37 19.60
N ALA D 114 43.28 41.78 20.13
CA ALA D 114 43.16 42.16 21.53
C ALA D 114 43.40 40.96 22.46
N LYS D 115 42.82 39.83 22.10
CA LYS D 115 42.99 38.58 22.84
C LYS D 115 43.33 37.44 21.88
N PRO D 116 44.16 36.47 22.34
CA PRO D 116 44.51 35.31 21.50
C PRO D 116 43.31 34.41 21.25
N ILE D 117 43.31 33.73 20.10
CA ILE D 117 42.20 32.87 19.70
C ILE D 117 42.61 31.41 19.56
N HIS D 118 41.62 30.53 19.50
CA HIS D 118 41.85 29.10 19.25
C HIS D 118 41.88 28.84 17.76
N VAL D 119 42.92 28.14 17.31
CA VAL D 119 43.10 27.81 15.91
C VAL D 119 43.04 26.30 15.67
N TRP D 120 42.04 25.87 14.92
CA TRP D 120 41.89 24.47 14.54
C TRP D 120 42.49 24.23 13.16
N LEU D 121 43.76 23.83 13.14
CA LEU D 121 44.51 23.68 11.90
C LEU D 121 44.06 22.45 11.11
N LEU D 123 44.16 19.72 8.01
CA LEU D 123 45.03 19.00 7.11
C LEU D 123 44.19 18.36 6.01
N ASP D 124 44.61 18.54 4.77
CA ASP D 124 44.06 17.78 3.65
C ASP D 124 44.77 16.43 3.62
N SER D 125 44.10 15.41 4.18
CA SER D 125 44.68 14.07 4.27
C SER D 125 44.14 13.11 3.21
N GLY D 126 43.54 13.65 2.16
CA GLY D 126 43.08 12.83 1.03
C GLY D 126 41.76 13.20 0.37
N MET D 127 41.00 14.10 0.99
CA MET D 127 39.72 14.53 0.43
C MET D 127 39.91 15.56 -0.68
N HIS D 128 40.94 16.40 -0.53
CA HIS D 128 41.24 17.50 -1.47
C HIS D 128 40.11 18.52 -1.62
N ARG D 129 39.50 18.87 -0.49
CA ARG D 129 38.55 19.98 -0.41
C ARG D 129 39.32 21.19 0.11
N VAL D 130 39.26 21.44 1.42
CA VAL D 130 40.11 22.44 2.06
C VAL D 130 41.06 21.78 3.06
N GLY D 131 42.18 22.43 3.33
CA GLY D 131 43.21 21.88 4.20
C GLY D 131 44.60 22.05 3.61
N LEU D 132 45.61 22.03 4.46
CA LEU D 132 47.00 22.20 4.04
C LEU D 132 47.61 20.90 3.53
N HIS D 133 48.68 21.03 2.74
CA HIS D 133 49.47 19.88 2.29
C HIS D 133 50.30 19.36 3.47
N PRO D 134 50.41 18.02 3.62
CA PRO D 134 51.21 17.39 4.67
C PRO D 134 52.62 17.97 4.87
N ASN D 135 53.19 18.54 3.81
CA ASN D 135 54.52 19.16 3.88
C ASN D 135 54.54 20.45 4.70
N ASP D 136 53.49 21.25 4.56
CA ASP D 136 53.41 22.56 5.21
C ASP D 136 52.89 22.50 6.64
N TYR D 137 52.36 21.34 7.04
CA TYR D 137 51.65 21.18 8.30
C TYR D 137 52.49 21.48 9.56
N LYS D 138 53.70 20.93 9.60
CA LYS D 138 54.59 21.16 10.74
C LYS D 138 55.11 22.60 10.78
N ALA D 139 55.39 23.14 9.59
CA ALA D 139 55.86 24.52 9.46
C ALA D 139 54.78 25.54 9.83
N ALA D 140 53.51 25.19 9.55
CA ALA D 140 52.37 26.05 9.85
C ALA D 140 52.03 26.04 11.34
N TYR D 141 52.18 24.88 11.98
CA TYR D 141 51.93 24.73 13.41
C TYR D 141 52.91 25.56 14.23
N GLN D 142 54.18 25.55 13.84
CA GLN D 142 55.23 26.28 14.54
C GLN D 142 55.08 27.80 14.38
N ARG D 143 54.57 28.23 13.23
CA ARG D 143 54.28 29.64 12.99
C ARG D 143 53.11 30.13 13.86
N LEU D 144 52.15 29.24 14.10
CA LEU D 144 51.01 29.53 14.96
C LEU D 144 51.38 29.54 16.43
N GLN D 145 52.27 28.62 16.82
CA GLN D 145 52.69 28.47 18.21
C GLN D 145 53.51 29.66 18.70
N ALA D 146 54.27 30.27 17.79
CA ALA D 146 55.11 31.42 18.11
C ALA D 146 54.52 32.73 17.59
N SER D 147 53.20 32.86 17.68
CA SER D 147 52.50 34.03 17.13
C SER D 147 52.03 35.02 18.21
N ALA D 148 51.70 34.48 19.40
CA ALA D 148 51.10 35.24 20.51
C ALA D 148 49.65 35.67 20.24
N ASN D 149 49.16 35.37 19.03
CA ASN D 149 47.76 35.59 18.66
C ASN D 149 46.95 34.30 18.73
N VAL D 150 47.65 33.19 19.02
CA VAL D 150 47.03 31.88 19.15
C VAL D 150 47.19 31.37 20.57
N ALA D 151 46.07 31.02 21.20
CA ALA D 151 46.07 30.53 22.58
C ALA D 151 46.17 29.01 22.64
N LYS D 152 45.54 28.34 21.68
CA LYS D 152 45.51 26.88 21.63
C LYS D 152 45.41 26.40 20.19
N ILE D 153 46.07 25.28 19.89
CA ILE D 153 46.02 24.69 18.55
C ILE D 153 45.47 23.26 18.60
N VAL D 154 44.40 23.04 17.84
CA VAL D 154 43.84 21.70 17.65
C VAL D 154 44.09 21.26 16.22
N LEU D 155 44.56 20.03 16.05
CA LEU D 155 44.85 19.49 14.72
C LEU D 155 43.65 18.70 14.21
N MET D 156 43.15 19.08 13.03
CA MET D 156 41.97 18.42 12.46
C MET D 156 42.10 18.01 11.00
N SER D 157 41.25 17.07 10.59
CA SER D 157 41.13 16.62 9.21
C SER D 157 39.73 16.04 8.98
N HIS D 158 39.40 15.75 7.72
CA HIS D 158 38.06 15.29 7.37
C HIS D 158 38.07 14.10 6.40
N PHE D 159 37.17 13.15 6.64
CA PHE D 159 37.10 11.92 5.82
C PHE D 159 36.23 12.08 4.58
N ALA D 160 36.73 11.57 3.46
CA ALA D 160 36.02 11.65 2.18
C ALA D 160 35.05 10.49 1.99
N ARG D 161 35.41 9.31 2.48
CA ARG D 161 34.62 8.09 2.22
C ARG D 161 34.34 7.27 3.48
N ALA D 162 34.07 7.95 4.60
CA ALA D 162 33.82 7.29 5.88
C ALA D 162 32.50 6.52 5.90
N ASP D 163 31.56 6.91 5.03
CA ASP D 163 30.25 6.27 4.95
C ASP D 163 30.31 4.90 4.27
N GLU D 164 31.42 4.62 3.61
CA GLU D 164 31.67 3.31 2.99
C GLU D 164 32.48 2.45 3.95
N LEU D 165 31.83 1.42 4.50
CA LEU D 165 32.44 0.58 5.53
C LEU D 165 33.43 -0.45 4.95
N ASP D 166 33.21 -0.85 3.71
CA ASP D 166 34.14 -1.74 3.00
C ASP D 166 35.41 -1.03 2.55
N CYS D 167 35.31 0.27 2.32
CA CYS D 167 36.43 1.07 1.82
C CYS D 167 37.50 1.30 2.89
N THR D 168 38.76 1.31 2.46
CA THR D 168 39.89 1.48 3.38
C THR D 168 40.56 2.85 3.27
N ARG D 169 39.86 3.80 2.64
CA ARG D 169 40.36 5.17 2.47
C ARG D 169 40.49 5.89 3.81
N SER D 170 39.59 5.61 4.73
CA SER D 170 39.59 6.20 6.08
C SER D 170 40.86 5.85 6.84
N VAL D 171 41.29 4.59 6.73
CA VAL D 171 42.52 4.11 7.34
C VAL D 171 43.75 4.77 6.69
N GLU D 172 43.68 4.96 5.38
CA GLU D 172 44.72 5.67 4.63
C GLU D 172 44.86 7.12 5.09
N GLN D 173 43.71 7.78 5.27
CA GLN D 173 43.67 9.19 5.70
C GLN D 173 44.20 9.38 7.12
N VAL D 174 43.90 8.42 8.00
CA VAL D 174 44.40 8.43 9.37
C VAL D 174 45.93 8.34 9.38
N ALA D 175 46.46 7.41 8.59
CA ALA D 175 47.91 7.20 8.46
C ALA D 175 48.65 8.42 7.91
N VAL D 176 48.02 9.14 6.98
CA VAL D 176 48.56 10.38 6.44
C VAL D 176 48.52 11.48 7.51
N PHE D 177 47.43 11.52 8.28
CA PHE D 177 47.26 12.50 9.37
C PHE D 177 48.25 12.25 10.51
N LEU D 178 48.35 11.00 10.95
CA LEU D 178 49.27 10.62 12.03
C LEU D 178 50.73 10.82 11.64
N GLY D 179 51.05 10.57 10.37
CA GLY D 179 52.40 10.74 9.86
C GLY D 179 52.84 12.19 9.77
N ALA D 180 51.88 13.08 9.50
CA ALA D 180 52.18 14.50 9.36
C ALA D 180 52.19 15.25 10.69
N ARG D 181 51.55 14.67 11.71
CA ARG D 181 51.43 15.32 13.01
C ARG D 181 52.37 14.75 14.09
N ALA D 182 52.82 13.51 13.90
CA ALA D 182 53.70 12.84 14.85
C ALA D 182 54.89 13.74 15.21
N ASP D 183 55.17 13.82 16.51
CA ASP D 183 56.18 14.72 17.10
C ASP D 183 55.52 15.91 17.80
N LEU D 184 54.37 16.34 17.28
CA LEU D 184 53.60 17.44 17.88
C LEU D 184 52.64 16.93 18.93
N THR D 185 52.52 17.68 20.02
CA THR D 185 51.66 17.29 21.15
C THR D 185 50.45 18.23 21.28
N ALA D 186 49.31 17.78 20.72
CA ALA D 186 48.07 18.55 20.74
C ALA D 186 46.84 17.66 20.57
N GLU D 187 45.67 18.20 20.91
CA GLU D 187 44.40 17.50 20.74
C GLU D 187 44.07 17.32 19.26
N ILE D 188 43.35 16.25 18.94
CA ILE D 188 43.03 15.92 17.54
C ILE D 188 41.53 15.74 17.29
N SER D 189 41.10 16.06 16.08
CA SER D 189 39.70 15.92 15.68
C SER D 189 39.58 15.39 14.25
N LEU D 190 38.91 14.25 14.09
CA LEU D 190 38.79 13.60 12.78
C LEU D 190 37.37 13.12 12.48
N ARG D 191 36.69 12.58 13.49
CA ARG D 191 35.45 11.83 13.28
C ARG D 191 34.22 12.67 12.99
N ASN D 192 33.55 12.33 11.89
CA ASN D 192 32.21 12.82 11.59
C ASN D 192 31.17 11.73 11.89
N SER D 193 29.93 11.93 11.46
CA SER D 193 28.84 10.98 11.77
C SER D 193 29.12 9.51 11.41
N PRO D 194 29.58 9.22 10.16
CA PRO D 194 29.93 7.84 9.82
C PRO D 194 31.13 7.30 10.60
N ALA D 195 32.09 8.17 10.90
CA ALA D 195 33.30 7.78 11.63
C ALA D 195 33.04 7.57 13.12
N VAL D 196 32.02 8.26 13.65
CA VAL D 196 31.60 8.06 15.04
C VAL D 196 30.85 6.74 15.18
N LEU D 197 29.93 6.49 14.25
CA LEU D 197 29.06 5.31 14.30
C LEU D 197 29.75 4.01 13.93
N GLY D 198 30.59 4.04 12.91
CA GLY D 198 31.12 2.81 12.33
C GLY D 198 32.63 2.58 12.34
N TRP D 199 33.39 3.55 12.84
CA TRP D 199 34.85 3.44 12.87
C TRP D 199 35.43 3.63 14.28
N PRO D 200 35.34 2.56 15.11
CA PRO D 200 35.67 2.65 16.54
C PRO D 200 37.16 2.85 16.86
N ARG D 201 38.04 2.36 15.99
CA ARG D 201 39.49 2.43 16.24
C ARG D 201 40.15 3.70 15.70
N VAL D 202 39.34 4.68 15.31
CA VAL D 202 39.83 5.97 14.81
C VAL D 202 39.93 6.98 15.98
N PRO D 203 41.14 7.50 16.24
CA PRO D 203 41.36 8.39 17.39
C PRO D 203 40.83 9.81 17.19
N SER D 204 40.15 10.32 18.21
CA SER D 204 39.65 11.71 18.22
C SER D 204 39.36 12.19 19.64
N ASP D 205 39.98 13.31 20.00
CA ASP D 205 39.70 13.99 21.28
C ASP D 205 38.39 14.78 21.16
N TRP D 206 38.19 15.38 19.99
CA TRP D 206 36.96 16.06 19.64
C TRP D 206 36.32 15.37 18.43
N VAL D 207 35.04 15.05 18.54
CA VAL D 207 34.29 14.51 17.40
C VAL D 207 33.29 15.55 16.88
N ARG D 208 32.95 15.45 15.60
CA ARG D 208 32.07 16.43 14.96
C ARG D 208 30.83 15.77 14.33
N PRO D 209 29.86 15.33 15.16
CA PRO D 209 28.67 14.71 14.59
C PRO D 209 27.69 15.74 13.99
N GLY D 210 27.24 15.47 12.77
CA GLY D 210 26.27 16.32 12.10
C GLY D 210 24.96 15.59 11.89
N LEU D 211 24.88 14.84 10.79
CA LEU D 211 23.67 14.08 10.43
C LEU D 211 23.16 13.20 11.58
N MET D 212 24.09 12.65 12.35
CA MET D 212 23.79 11.86 13.54
C MET D 212 22.68 12.44 14.40
N LEU D 213 22.86 13.70 14.79
CA LEU D 213 21.98 14.39 15.74
C LEU D 213 20.52 14.41 15.29
N TYR D 214 20.32 14.45 13.97
CA TYR D 214 19.00 14.57 13.38
C TYR D 214 18.33 13.21 13.15
N GLY D 215 19.01 12.15 13.56
CA GLY D 215 18.44 10.81 13.58
C GLY D 215 18.36 10.12 12.24
N SER D 216 19.39 10.30 11.42
CA SER D 216 19.46 9.67 10.11
C SER D 216 20.81 8.98 9.90
N SER D 217 20.75 7.80 9.29
CA SER D 217 21.95 6.99 9.03
C SER D 217 22.71 7.48 7.78
N PRO D 218 24.05 7.54 7.87
CA PRO D 218 24.85 7.88 6.70
C PRO D 218 25.25 6.68 5.83
N PHE D 219 24.77 5.50 6.19
CA PHE D 219 25.11 4.27 5.46
C PHE D 219 23.96 3.77 4.59
N ASP D 220 24.31 3.05 3.53
CA ASP D 220 23.32 2.35 2.71
C ASP D 220 22.88 1.05 3.40
N GLU D 221 23.85 0.37 4.01
CA GLU D 221 23.61 -0.88 4.74
C GLU D 221 23.13 -0.60 6.16
N PRO D 222 22.29 -1.48 6.72
CA PRO D 222 21.95 -1.40 8.15
C PRO D 222 23.17 -1.60 9.06
N GLN D 223 23.31 -0.73 10.05
CA GLN D 223 24.43 -0.75 10.99
C GLN D 223 23.89 -0.87 12.42
N ALA D 224 24.63 -1.60 13.26
CA ALA D 224 24.21 -1.87 14.64
C ALA D 224 24.12 -0.61 15.51
N THR D 225 25.14 0.25 15.41
CA THR D 225 25.21 1.47 16.20
C THR D 225 24.26 2.55 15.68
N ALA D 226 24.02 2.54 14.37
CA ALA D 226 23.12 3.50 13.73
C ALA D 226 21.64 3.19 13.99
N SER D 227 21.36 1.94 14.36
CA SER D 227 19.99 1.50 14.66
C SER D 227 19.44 2.14 15.94
N ARG D 228 20.35 2.67 16.76
CA ARG D 228 20.00 3.31 18.01
C ARG D 228 19.57 4.77 17.84
N LEU D 229 19.78 5.31 16.63
CA LEU D 229 19.42 6.69 16.30
C LEU D 229 17.91 6.89 16.21
N GLN D 230 17.46 8.05 16.69
CA GLN D 230 16.03 8.39 16.69
C GLN D 230 15.75 9.57 15.75
N PRO D 231 14.89 9.35 14.73
CA PRO D 231 14.50 10.38 13.77
C PRO D 231 13.88 11.61 14.44
N VAL D 232 14.47 12.78 14.18
CA VAL D 232 14.05 14.03 14.81
C VAL D 232 12.90 14.68 14.05
N MET D 233 13.10 14.95 12.76
CA MET D 233 12.10 15.65 11.96
C MET D 233 10.98 14.73 11.46
N THR D 234 9.75 15.21 11.58
CA THR D 234 8.60 14.59 10.94
C THR D 234 7.90 15.62 10.07
N LEU D 235 8.01 15.44 8.75
CA LEU D 235 7.39 16.34 7.79
C LEU D 235 6.05 15.77 7.33
N GLU D 236 4.96 16.42 7.73
CA GLU D 236 3.62 15.94 7.38
C GLU D 236 2.70 17.01 6.77
N SER D 237 1.64 16.55 6.12
CA SER D 237 0.60 17.40 5.56
C SER D 237 -0.69 16.61 5.43
N LYS D 238 -1.69 17.20 4.77
CA LYS D 238 -3.00 16.56 4.61
C LYS D 238 -3.43 16.47 3.15
N VAL D 239 -4.35 15.54 2.87
CA VAL D 239 -4.95 15.42 1.55
C VAL D 239 -5.99 16.51 1.38
N ILE D 240 -5.79 17.37 0.38
CA ILE D 240 -6.67 18.51 0.13
C ILE D 240 -7.64 18.27 -1.04
N CYS D 241 -7.42 17.18 -1.77
CA CYS D 241 -8.21 16.86 -2.95
C CYS D 241 -8.23 15.36 -3.24
N VAL D 242 -9.42 14.82 -3.47
CA VAL D 242 -9.59 13.41 -3.80
C VAL D 242 -10.28 13.24 -5.15
N ARG D 243 -9.72 12.39 -6.00
CA ARG D 243 -10.22 12.18 -7.35
C ARG D 243 -10.17 10.70 -7.73
N GLU D 244 -11.16 10.26 -8.50
CA GLU D 244 -11.17 8.90 -9.04
C GLU D 244 -10.98 8.93 -10.54
N LEU D 245 -10.07 8.09 -11.04
CA LEU D 245 -9.74 8.05 -12.45
C LEU D 245 -9.80 6.64 -13.03
N PRO D 246 -10.24 6.52 -14.30
CA PRO D 246 -10.16 5.24 -15.00
C PRO D 246 -8.73 4.95 -15.49
N ALA D 247 -8.54 3.78 -16.09
CA ALA D 247 -7.25 3.41 -16.65
C ALA D 247 -6.95 4.24 -17.91
N GLY D 248 -5.67 4.58 -18.08
CA GLY D 248 -5.21 5.31 -19.26
C GLY D 248 -5.27 6.82 -19.15
N GLU D 249 -5.24 7.33 -17.93
CA GLU D 249 -5.28 8.78 -17.68
C GLU D 249 -3.93 9.30 -17.18
N PRO D 250 -3.44 10.41 -17.77
CA PRO D 250 -2.17 11.01 -17.36
C PRO D 250 -2.30 11.87 -16.11
N VAL D 251 -1.30 11.80 -15.23
CA VAL D 251 -1.34 12.53 -13.96
C VAL D 251 -0.14 13.48 -13.83
N GLY D 252 -0.44 14.75 -13.55
CA GLY D 252 0.59 15.75 -13.27
C GLY D 252 1.25 16.33 -14.50
N TYR D 253 2.32 17.10 -14.28
CA TYR D 253 3.08 17.73 -15.35
C TYR D 253 3.76 16.70 -16.24
N GLY D 254 3.83 17.01 -17.54
CA GLY D 254 4.57 16.21 -18.51
C GLY D 254 4.04 14.80 -18.75
N ALA D 255 2.88 14.51 -18.17
CA ALA D 255 2.25 13.19 -18.26
C ALA D 255 3.21 12.04 -17.95
N ARG D 256 4.07 12.26 -16.96
CA ARG D 256 5.12 11.29 -16.61
C ARG D 256 4.59 10.12 -15.78
N PHE D 257 3.27 10.04 -15.63
CA PHE D 257 2.61 8.88 -15.04
C PHE D 257 1.20 8.70 -15.61
N ILE D 258 0.95 7.52 -16.16
CA ILE D 258 -0.37 7.18 -16.69
C ILE D 258 -0.95 6.01 -15.89
N THR D 259 -2.23 6.14 -15.53
CA THR D 259 -2.94 5.13 -14.73
C THR D 259 -3.01 3.77 -15.43
N PRO D 260 -2.33 2.75 -14.88
CA PRO D 260 -2.40 1.41 -15.48
C PRO D 260 -3.74 0.71 -15.20
N LYS D 261 -4.42 1.13 -14.14
CA LYS D 261 -5.69 0.57 -13.72
C LYS D 261 -6.58 1.69 -13.16
N PRO D 262 -7.90 1.43 -13.01
CA PRO D 262 -8.73 2.42 -12.31
C PRO D 262 -8.20 2.67 -10.90
N MET D 263 -7.98 3.94 -10.57
CA MET D 263 -7.35 4.33 -9.30
C MET D 263 -8.09 5.46 -8.58
N ARG D 264 -7.80 5.60 -7.29
CA ARG D 264 -8.25 6.74 -6.49
C ARG D 264 -7.02 7.57 -6.11
N ILE D 265 -7.11 8.87 -6.43
CA ILE D 265 -5.96 9.76 -6.36
C ILE D 265 -6.13 10.82 -5.27
N GLY D 266 -5.04 11.11 -4.55
CA GLY D 266 -5.04 12.14 -3.52
C GLY D 266 -3.98 13.20 -3.74
N VAL D 267 -4.37 14.46 -3.56
CA VAL D 267 -3.45 15.60 -3.71
C VAL D 267 -3.09 16.17 -2.34
N VAL D 268 -1.79 16.25 -2.06
CA VAL D 268 -1.27 16.64 -0.75
C VAL D 268 -0.62 18.02 -0.81
N ALA D 269 -0.89 18.84 0.21
CA ALA D 269 -0.31 20.18 0.32
C ALA D 269 1.16 20.15 0.72
N MET D 270 2.00 19.81 -0.27
CA MET D 270 3.45 19.69 -0.10
C MET D 270 4.10 19.65 -1.48
N GLY D 271 5.13 20.48 -1.69
CA GLY D 271 5.82 20.52 -2.98
C GLY D 271 7.33 20.58 -2.86
N TYR D 272 8.01 20.78 -3.99
CA TYR D 272 9.47 20.85 -4.00
C TYR D 272 10.05 22.16 -3.48
N ALA D 273 9.19 23.18 -3.38
CA ALA D 273 9.57 24.46 -2.77
C ALA D 273 9.63 24.34 -1.25
N ASP D 274 8.92 23.36 -0.70
CA ASP D 274 8.89 23.11 0.74
C ASP D 274 10.08 22.27 1.21
N GLY D 275 10.74 21.61 0.26
CA GLY D 275 11.92 20.80 0.55
C GLY D 275 11.85 19.38 0.06
N TYR D 276 10.65 18.93 -0.31
CA TYR D 276 10.44 17.56 -0.80
C TYR D 276 11.02 17.40 -2.20
N PRO D 277 11.89 16.41 -2.40
CA PRO D 277 12.64 16.28 -3.65
C PRO D 277 11.75 16.02 -4.86
N ARG D 278 11.95 16.81 -5.92
CA ARG D 278 11.25 16.61 -7.19
C ARG D 278 11.77 15.35 -7.88
N GLN D 279 13.03 15.01 -7.56
CA GLN D 279 13.70 13.83 -8.11
C GLN D 279 13.07 12.50 -7.70
N ALA D 280 12.28 12.52 -6.62
CA ALA D 280 11.58 11.33 -6.14
C ALA D 280 10.57 10.84 -7.19
N PRO D 281 10.75 9.60 -7.69
CA PRO D 281 9.90 9.08 -8.76
C PRO D 281 8.64 8.39 -8.25
N THR D 282 7.79 7.96 -9.18
CA THR D 282 6.59 7.19 -8.85
C THR D 282 7.00 5.92 -8.13
N GLY D 283 6.42 5.69 -6.95
CA GLY D 283 6.73 4.52 -6.14
C GLY D 283 7.40 4.84 -4.82
N THR D 284 7.79 6.11 -4.63
CA THR D 284 8.39 6.59 -3.38
C THR D 284 7.33 6.56 -2.26
N PRO D 285 7.69 5.98 -1.09
CA PRO D 285 6.68 5.69 -0.09
C PRO D 285 6.28 6.81 0.90
N VAL D 286 4.98 7.05 0.97
CA VAL D 286 4.25 7.47 2.17
C VAL D 286 3.50 6.16 2.40
N PHE D 287 2.63 5.95 3.40
CA PHE D 287 2.26 6.71 4.61
C PHE D 287 1.20 7.83 4.63
N VAL D 288 -0.03 7.35 4.69
CA VAL D 288 -1.24 8.15 4.90
C VAL D 288 -2.20 7.33 5.79
N ASP D 289 -2.58 7.91 6.94
CA ASP D 289 -3.48 7.25 7.90
C ASP D 289 -2.97 5.89 8.41
N GLY D 290 -1.67 5.79 8.64
CA GLY D 290 -1.06 4.58 9.19
C GLY D 290 -1.04 3.40 8.24
N VAL D 291 -1.01 3.67 6.94
CA VAL D 291 -0.86 2.63 5.91
C VAL D 291 0.11 3.15 4.84
N ARG D 292 1.04 2.28 4.43
CA ARG D 292 2.04 2.64 3.43
C ARG D 292 1.43 2.69 2.03
N SER D 293 1.68 3.78 1.32
CA SER D 293 1.22 3.98 -0.06
C SER D 293 2.39 4.34 -0.98
N GLN D 294 2.16 5.21 -1.95
CA GLN D 294 3.21 5.62 -2.90
C GLN D 294 2.94 6.96 -3.59
N LEU D 295 4.02 7.65 -3.94
CA LEU D 295 3.99 8.89 -4.71
C LEU D 295 3.62 8.61 -6.17
N LEU D 296 2.90 9.53 -6.80
CA LEU D 296 2.44 9.34 -8.17
C LEU D 296 2.73 10.54 -9.08
N GLY D 297 3.62 10.33 -10.04
CA GLY D 297 3.93 11.34 -11.05
C GLY D 297 4.84 12.45 -10.58
N ARG D 298 4.82 13.57 -11.30
CA ARG D 298 5.67 14.71 -10.98
C ARG D 298 5.21 15.43 -9.73
N VAL D 299 6.18 15.87 -8.94
CA VAL D 299 5.92 16.72 -7.78
C VAL D 299 5.86 18.17 -8.25
N SER D 300 4.76 18.85 -7.94
CA SER D 300 4.60 20.27 -8.27
C SER D 300 5.27 21.14 -7.21
N MET D 301 5.26 22.45 -7.44
CA MET D 301 5.94 23.39 -6.55
C MET D 301 5.39 23.41 -5.12
N ASP D 302 4.07 23.28 -4.98
CA ASP D 302 3.41 23.34 -3.68
C ASP D 302 2.54 22.10 -3.42
N MET D 303 2.36 21.28 -4.45
CA MET D 303 1.50 20.09 -4.35
C MET D 303 2.18 18.82 -4.84
N LEU D 304 1.87 17.71 -4.20
CA LEU D 304 2.27 16.40 -4.69
C LEU D 304 1.10 15.43 -4.67
N CYS D 305 1.24 14.33 -5.40
CA CYS D 305 0.15 13.41 -5.64
C CYS D 305 0.48 12.01 -5.14
N ILE D 306 -0.47 11.38 -4.46
CA ILE D 306 -0.29 10.03 -3.90
C ILE D 306 -1.46 9.07 -4.20
N ASP D 307 -1.20 7.78 -4.00
CA ASP D 307 -2.18 6.72 -4.26
C ASP D 307 -3.09 6.50 -3.04
N LEU D 308 -4.39 6.44 -3.31
CA LEU D 308 -5.39 6.17 -2.27
C LEU D 308 -6.32 5.01 -2.65
N THR D 309 -5.90 4.20 -3.62
CA THR D 309 -6.70 3.10 -4.14
C THR D 309 -6.79 1.95 -3.13
N ASP D 310 -5.66 1.57 -2.54
CA ASP D 310 -5.60 0.46 -1.60
C ASP D 310 -5.92 0.85 -0.16
N VAL D 311 -6.03 2.16 0.11
CA VAL D 311 -6.38 2.64 1.45
C VAL D 311 -7.84 3.11 1.47
N PRO D 312 -8.75 2.29 2.03
CA PRO D 312 -10.20 2.49 1.94
C PRO D 312 -10.72 3.75 2.64
N GLN D 313 -10.39 3.93 3.91
CA GLN D 313 -10.85 5.09 4.68
C GLN D 313 -9.81 6.19 4.82
N ALA D 314 -9.23 6.57 3.68
CA ALA D 314 -8.44 7.77 3.57
C ALA D 314 -9.13 8.69 2.57
N GLY D 315 -9.01 10.00 2.79
CA GLY D 315 -9.65 10.98 1.93
C GLY D 315 -9.28 12.39 2.34
N LEU D 316 -10.23 13.31 2.21
CA LEU D 316 -10.03 14.70 2.60
C LEU D 316 -9.69 14.82 4.09
N GLY D 317 -8.57 15.49 4.37
CA GLY D 317 -8.14 15.73 5.74
C GLY D 317 -7.28 14.65 6.37
N SER D 318 -6.96 13.61 5.59
CA SER D 318 -6.11 12.51 6.06
C SER D 318 -4.65 12.92 6.16
N THR D 319 -4.03 12.60 7.29
CA THR D 319 -2.64 12.98 7.56
C THR D 319 -1.66 12.10 6.77
N VAL D 320 -0.75 12.77 6.07
CA VAL D 320 0.25 12.10 5.23
C VAL D 320 1.65 12.42 5.76
N GLU D 321 2.41 11.37 6.10
CA GLU D 321 3.81 11.54 6.49
C GLU D 321 4.70 11.40 5.25
N LEU D 322 5.47 12.45 4.96
CA LEU D 322 6.43 12.44 3.86
C LEU D 322 7.71 11.76 4.33
N TRP D 323 8.22 12.18 5.48
CA TRP D 323 9.28 11.47 6.19
C TRP D 323 9.24 11.76 7.68
N GLY D 324 9.65 10.78 8.47
CA GLY D 324 9.67 10.90 9.92
C GLY D 324 10.12 9.63 10.59
N LYS D 325 9.26 9.05 11.42
CA LYS D 325 9.55 7.81 12.14
C LYS D 325 9.05 6.59 11.38
N ASN D 326 8.01 6.78 10.57
CA ASN D 326 7.42 5.70 9.78
C ASN D 326 8.08 5.53 8.41
N ILE D 327 8.30 6.66 7.74
CA ILE D 327 9.11 6.68 6.52
C ILE D 327 10.41 7.41 6.85
N LEU D 328 11.52 6.66 6.87
CA LEU D 328 12.82 7.24 7.14
C LEU D 328 13.21 8.18 6.01
N ALA D 329 13.87 9.28 6.36
CA ALA D 329 14.33 10.27 5.39
C ALA D 329 15.29 9.65 4.38
N SER D 330 16.08 8.68 4.85
CA SER D 330 17.01 7.93 4.01
C SER D 330 16.31 7.14 2.90
N GLU D 331 15.11 6.64 3.20
CA GLU D 331 14.30 5.93 2.21
C GLU D 331 13.86 6.86 1.06
N VAL D 332 13.42 8.07 1.42
CA VAL D 332 13.00 9.07 0.43
C VAL D 332 14.20 9.61 -0.35
N ALA D 333 15.32 9.79 0.34
CA ALA D 333 16.56 10.30 -0.26
C ALA D 333 17.16 9.31 -1.26
N THR D 334 17.23 8.03 -0.87
CA THR D 334 17.79 7.00 -1.75
C THR D 334 16.92 6.75 -2.98
N ALA D 335 15.61 6.96 -2.84
CA ALA D 335 14.67 6.88 -3.97
C ALA D 335 14.85 8.05 -4.92
N ALA D 336 15.12 9.23 -4.37
CA ALA D 336 15.35 10.44 -5.16
C ALA D 336 16.78 10.48 -5.72
N ASP D 337 17.56 9.45 -5.42
CA ASP D 337 18.96 9.32 -5.84
C ASP D 337 19.84 10.44 -5.25
N THR D 338 19.69 10.66 -3.95
CA THR D 338 20.46 11.67 -3.22
C THR D 338 20.65 11.26 -1.76
N ILE D 339 21.30 12.12 -0.97
CA ILE D 339 21.55 11.87 0.44
C ILE D 339 20.54 12.64 1.32
N PRO D 340 20.27 12.14 2.55
CA PRO D 340 19.34 12.83 3.45
C PRO D 340 19.82 14.23 3.86
N TYR D 341 21.12 14.46 3.74
CA TYR D 341 21.72 15.78 3.98
C TYR D 341 21.03 16.88 3.17
N GLN D 342 20.85 16.64 1.88
CA GLN D 342 20.32 17.63 0.94
C GLN D 342 18.84 17.96 1.19
N ILE D 343 18.02 16.93 1.35
CA ILE D 343 16.58 17.13 1.56
C ILE D 343 16.26 17.80 2.89
N PHE D 344 17.10 17.56 3.90
CA PHE D 344 16.98 18.25 5.19
C PHE D 344 17.24 19.75 5.03
N CYS D 345 18.29 20.09 4.29
CA CYS D 345 18.67 21.48 4.04
C CYS D 345 17.67 22.22 3.16
N ASN D 346 16.99 21.49 2.30
CA ASN D 346 16.01 22.07 1.37
C ASN D 346 14.72 22.54 2.04
N LEU D 347 14.48 22.08 3.27
CA LEU D 347 13.28 22.43 4.01
C LEU D 347 13.05 23.94 4.05
N LYS D 348 11.87 24.34 3.57
CA LYS D 348 11.50 25.76 3.47
C LYS D 348 10.04 25.98 3.77
N ARG D 349 9.66 27.25 3.97
CA ARG D 349 8.27 27.70 4.07
C ARG D 349 7.50 27.15 5.28
N VAL D 350 7.39 25.83 5.37
CA VAL D 350 6.64 25.15 6.44
C VAL D 350 7.09 25.58 7.85
N PRO D 351 6.12 25.82 8.75
CA PRO D 351 6.44 26.16 10.13
C PRO D 351 7.02 24.96 10.88
N ARG D 352 8.07 25.20 11.67
CA ARG D 352 8.65 24.15 12.50
C ARG D 352 8.09 24.21 13.92
N LEU D 353 7.58 23.07 14.38
CA LEU D 353 6.97 22.98 15.71
C LEU D 353 7.83 22.10 16.61
N TYR D 354 8.34 22.70 17.68
CA TYR D 354 9.31 22.05 18.56
C TYR D 354 8.65 21.43 19.78
N SER D 355 8.95 20.17 20.01
CA SER D 355 8.41 19.42 21.16
C SER D 355 9.44 18.45 21.74
N GLY D 356 9.00 17.63 22.69
CA GLY D 356 9.87 16.63 23.30
C GLY D 356 9.79 16.63 24.82
#